data_2IBB
# 
_entry.id   2IBB 
# 
_audit_conform.dict_name       mmcif_pdbx.dic 
_audit_conform.dict_version    5.377 
_audit_conform.dict_location   http://mmcif.pdb.org/dictionaries/ascii/mmcif_pdbx.dic 
# 
loop_
_database_2.database_id 
_database_2.database_code 
_database_2.pdbx_database_accession 
_database_2.pdbx_DOI 
PDB   2IBB         pdb_00002ibb 10.2210/pdb2ibb/pdb 
RCSB  RCSB039370   ?            ?                   
WWPDB D_1000039370 ?            ?                   
# 
_pdbx_database_status.entry_id                        2IBB 
_pdbx_database_status.deposit_site                    RCSB 
_pdbx_database_status.process_site                    RCSB 
_pdbx_database_status.recvd_initial_deposition_date   2006-09-11 
_pdbx_database_status.status_code                     REL 
_pdbx_database_status.status_code_sf                  REL 
_pdbx_database_status.status_code_mr                  ? 
_pdbx_database_status.SG_entry                        ? 
_pdbx_database_status.pdb_format_compatible           Y 
_pdbx_database_status.status_code_cs                  ? 
_pdbx_database_status.methods_development_category    ? 
_pdbx_database_status.status_code_nmr_data            ? 
# 
loop_
_audit_author.name 
_audit_author.pdbx_ordinal 
'McLellan, J.S.' 1 
'Leahy, D.J.'    2 
# 
_citation.id                        primary 
_citation.title                     'Structure of a heparin-dependent complex of Hedgehog and Ihog.' 
_citation.journal_abbrev            Proc.Natl.Acad.Sci.Usa 
_citation.journal_volume            103 
_citation.page_first                17208 
_citation.page_last                 17213 
_citation.year                      2006 
_citation.journal_id_ASTM           PNASA6 
_citation.country                   US 
_citation.journal_id_ISSN           0027-8424 
_citation.journal_id_CSD            0040 
_citation.book_publisher            ? 
_citation.pdbx_database_id_PubMed   17077139 
_citation.pdbx_database_id_DOI      10.1073/pnas.0606738103 
# 
loop_
_citation_author.citation_id 
_citation_author.name 
_citation_author.ordinal 
_citation_author.identifier_ORCID 
primary 'McLellan, J.S.'   1 ? 
primary 'Yao, S.'          2 ? 
primary 'Zheng, X.'        3 ? 
primary 'Geisbrecht, B.V.' 4 ? 
primary 'Ghirlando, R.'    5 ? 
primary 'Beachy, P.A.'     6 ? 
primary 'Leahy, D.J.'      7 ? 
# 
_cell.entry_id           2IBB 
_cell.length_a           39.380 
_cell.length_b           65.240 
_cell.length_c           84.210 
_cell.angle_alpha        90.00 
_cell.angle_beta         90.00 
_cell.angle_gamma        90.00 
_cell.Z_PDB              4 
_cell.pdbx_unique_axis   ? 
_cell.length_a_esd       ? 
_cell.length_b_esd       ? 
_cell.length_c_esd       ? 
_cell.angle_alpha_esd    ? 
_cell.angle_beta_esd     ? 
_cell.angle_gamma_esd    ? 
# 
_symmetry.entry_id                         2IBB 
_symmetry.space_group_name_H-M             'P 21 21 21' 
_symmetry.pdbx_full_space_group_name_H-M   ? 
_symmetry.cell_setting                     ? 
_symmetry.Int_Tables_number                19 
_symmetry.space_group_name_Hall            ? 
# 
loop_
_entity.id 
_entity.type 
_entity.src_method 
_entity.pdbx_description 
_entity.formula_weight 
_entity.pdbx_number_of_molecules 
_entity.pdbx_ec 
_entity.pdbx_mutation 
_entity.pdbx_fragment 
_entity.details 
1 polymer     man CG9211-PA     24161.174 1  ? ? 'Extracellular FNIII Domains' ? 
2 non-polymer syn 'SULFATE ION' 96.063    3  ? ? ?                             ? 
3 water       nat water         18.015    13 ? ? ?                             ? 
# 
_entity_name_com.entity_id   1 
_entity_name_com.name        GH03927p 
# 
_entity_poly.entity_id                      1 
_entity_poly.type                           'polypeptide(L)' 
_entity_poly.nstd_linkage                   no 
_entity_poly.nstd_monomer                   no 
_entity_poly.pdbx_seq_one_letter_code       
;STYPPTPPNVTRLSDESVMLRWMVPRNDGLPIVIFKVQYRMVGKRKNWQTTNDNIPYGKPKWNSELGKSFTASVTDLKPQ
HTYRFRILAVYSNNDNKESNTSAKFYLQPGAALDPMPVPELLEIEEYSETAVVLHWSLASDADEHLITGYYAYYRPSSSA
GEYFKATIEGAHARSFKIAPLETATMYEFKLQSFSAASASEFSALKQGRTQRP
;
_entity_poly.pdbx_seq_one_letter_code_can   
;STYPPTPPNVTRLSDESVMLRWMVPRNDGLPIVIFKVQYRMVGKRKNWQTTNDNIPYGKPKWNSELGKSFTASVTDLKPQ
HTYRFRILAVYSNNDNKESNTSAKFYLQPGAALDPMPVPELLEIEEYSETAVVLHWSLASDADEHLITGYYAYYRPSSSA
GEYFKATIEGAHARSFKIAPLETATMYEFKLQSFSAASASEFSALKQGRTQRP
;
_entity_poly.pdbx_strand_id                 A 
_entity_poly.pdbx_target_identifier         ? 
# 
loop_
_entity_poly_seq.entity_id 
_entity_poly_seq.num 
_entity_poly_seq.mon_id 
_entity_poly_seq.hetero 
1 1   SER n 
1 2   THR n 
1 3   TYR n 
1 4   PRO n 
1 5   PRO n 
1 6   THR n 
1 7   PRO n 
1 8   PRO n 
1 9   ASN n 
1 10  VAL n 
1 11  THR n 
1 12  ARG n 
1 13  LEU n 
1 14  SER n 
1 15  ASP n 
1 16  GLU n 
1 17  SER n 
1 18  VAL n 
1 19  MET n 
1 20  LEU n 
1 21  ARG n 
1 22  TRP n 
1 23  MET n 
1 24  VAL n 
1 25  PRO n 
1 26  ARG n 
1 27  ASN n 
1 28  ASP n 
1 29  GLY n 
1 30  LEU n 
1 31  PRO n 
1 32  ILE n 
1 33  VAL n 
1 34  ILE n 
1 35  PHE n 
1 36  LYS n 
1 37  VAL n 
1 38  GLN n 
1 39  TYR n 
1 40  ARG n 
1 41  MET n 
1 42  VAL n 
1 43  GLY n 
1 44  LYS n 
1 45  ARG n 
1 46  LYS n 
1 47  ASN n 
1 48  TRP n 
1 49  GLN n 
1 50  THR n 
1 51  THR n 
1 52  ASN n 
1 53  ASP n 
1 54  ASN n 
1 55  ILE n 
1 56  PRO n 
1 57  TYR n 
1 58  GLY n 
1 59  LYS n 
1 60  PRO n 
1 61  LYS n 
1 62  TRP n 
1 63  ASN n 
1 64  SER n 
1 65  GLU n 
1 66  LEU n 
1 67  GLY n 
1 68  LYS n 
1 69  SER n 
1 70  PHE n 
1 71  THR n 
1 72  ALA n 
1 73  SER n 
1 74  VAL n 
1 75  THR n 
1 76  ASP n 
1 77  LEU n 
1 78  LYS n 
1 79  PRO n 
1 80  GLN n 
1 81  HIS n 
1 82  THR n 
1 83  TYR n 
1 84  ARG n 
1 85  PHE n 
1 86  ARG n 
1 87  ILE n 
1 88  LEU n 
1 89  ALA n 
1 90  VAL n 
1 91  TYR n 
1 92  SER n 
1 93  ASN n 
1 94  ASN n 
1 95  ASP n 
1 96  ASN n 
1 97  LYS n 
1 98  GLU n 
1 99  SER n 
1 100 ASN n 
1 101 THR n 
1 102 SER n 
1 103 ALA n 
1 104 LYS n 
1 105 PHE n 
1 106 TYR n 
1 107 LEU n 
1 108 GLN n 
1 109 PRO n 
1 110 GLY n 
1 111 ALA n 
1 112 ALA n 
1 113 LEU n 
1 114 ASP n 
1 115 PRO n 
1 116 MET n 
1 117 PRO n 
1 118 VAL n 
1 119 PRO n 
1 120 GLU n 
1 121 LEU n 
1 122 LEU n 
1 123 GLU n 
1 124 ILE n 
1 125 GLU n 
1 126 GLU n 
1 127 TYR n 
1 128 SER n 
1 129 GLU n 
1 130 THR n 
1 131 ALA n 
1 132 VAL n 
1 133 VAL n 
1 134 LEU n 
1 135 HIS n 
1 136 TRP n 
1 137 SER n 
1 138 LEU n 
1 139 ALA n 
1 140 SER n 
1 141 ASP n 
1 142 ALA n 
1 143 ASP n 
1 144 GLU n 
1 145 HIS n 
1 146 LEU n 
1 147 ILE n 
1 148 THR n 
1 149 GLY n 
1 150 TYR n 
1 151 TYR n 
1 152 ALA n 
1 153 TYR n 
1 154 TYR n 
1 155 ARG n 
1 156 PRO n 
1 157 SER n 
1 158 SER n 
1 159 SER n 
1 160 ALA n 
1 161 GLY n 
1 162 GLU n 
1 163 TYR n 
1 164 PHE n 
1 165 LYS n 
1 166 ALA n 
1 167 THR n 
1 168 ILE n 
1 169 GLU n 
1 170 GLY n 
1 171 ALA n 
1 172 HIS n 
1 173 ALA n 
1 174 ARG n 
1 175 SER n 
1 176 PHE n 
1 177 LYS n 
1 178 ILE n 
1 179 ALA n 
1 180 PRO n 
1 181 LEU n 
1 182 GLU n 
1 183 THR n 
1 184 ALA n 
1 185 THR n 
1 186 MET n 
1 187 TYR n 
1 188 GLU n 
1 189 PHE n 
1 190 LYS n 
1 191 LEU n 
1 192 GLN n 
1 193 SER n 
1 194 PHE n 
1 195 SER n 
1 196 ALA n 
1 197 ALA n 
1 198 SER n 
1 199 ALA n 
1 200 SER n 
1 201 GLU n 
1 202 PHE n 
1 203 SER n 
1 204 ALA n 
1 205 LEU n 
1 206 LYS n 
1 207 GLN n 
1 208 GLY n 
1 209 ARG n 
1 210 THR n 
1 211 GLN n 
1 212 ARG n 
1 213 PRO n 
# 
_entity_src_gen.entity_id                          1 
_entity_src_gen.pdbx_src_id                        1 
_entity_src_gen.pdbx_alt_source_flag               sample 
_entity_src_gen.pdbx_seq_type                      ? 
_entity_src_gen.pdbx_beg_seq_num                   ? 
_entity_src_gen.pdbx_end_seq_num                   ? 
_entity_src_gen.gene_src_common_name               'fruit fly' 
_entity_src_gen.gene_src_genus                     Drosophila 
_entity_src_gen.pdbx_gene_src_gene                 'iHog, CG9211' 
_entity_src_gen.gene_src_species                   ? 
_entity_src_gen.gene_src_strain                    ? 
_entity_src_gen.gene_src_tissue                    ? 
_entity_src_gen.gene_src_tissue_fraction           ? 
_entity_src_gen.gene_src_details                   ? 
_entity_src_gen.pdbx_gene_src_fragment             ? 
_entity_src_gen.pdbx_gene_src_scientific_name      'Drosophila melanogaster' 
_entity_src_gen.pdbx_gene_src_ncbi_taxonomy_id     7227 
_entity_src_gen.pdbx_gene_src_variant              ? 
_entity_src_gen.pdbx_gene_src_cell_line            ? 
_entity_src_gen.pdbx_gene_src_atcc                 ? 
_entity_src_gen.pdbx_gene_src_organ                ? 
_entity_src_gen.pdbx_gene_src_organelle            ? 
_entity_src_gen.pdbx_gene_src_cell                 ? 
_entity_src_gen.pdbx_gene_src_cellular_location    ? 
_entity_src_gen.host_org_common_name               ? 
_entity_src_gen.pdbx_host_org_scientific_name      'Escherichia coli' 
_entity_src_gen.pdbx_host_org_ncbi_taxonomy_id     562 
_entity_src_gen.host_org_genus                     Escherichia 
_entity_src_gen.pdbx_host_org_gene                 ? 
_entity_src_gen.pdbx_host_org_organ                ? 
_entity_src_gen.host_org_species                   ? 
_entity_src_gen.pdbx_host_org_tissue               ? 
_entity_src_gen.pdbx_host_org_tissue_fraction      ? 
_entity_src_gen.pdbx_host_org_strain               'B834(DE3)' 
_entity_src_gen.pdbx_host_org_variant              ? 
_entity_src_gen.pdbx_host_org_cell_line            ? 
_entity_src_gen.pdbx_host_org_atcc                 ? 
_entity_src_gen.pdbx_host_org_culture_collection   ? 
_entity_src_gen.pdbx_host_org_cell                 ? 
_entity_src_gen.pdbx_host_org_organelle            ? 
_entity_src_gen.pdbx_host_org_cellular_location    ? 
_entity_src_gen.pdbx_host_org_vector_type          plasmid 
_entity_src_gen.pdbx_host_org_vector               ? 
_entity_src_gen.host_org_details                   ? 
_entity_src_gen.expression_system_id               ? 
_entity_src_gen.plasmid_name                       pT7HMT 
_entity_src_gen.plasmid_details                    ? 
_entity_src_gen.pdbx_description                   ? 
# 
_struct_ref.id                         1 
_struct_ref.db_name                    UNP 
_struct_ref.db_code                    Q9VM64_DROME 
_struct_ref.pdbx_db_accession          Q9VM64 
_struct_ref.entity_id                  1 
_struct_ref.pdbx_seq_one_letter_code   
;YPPTPPNVTRLSDESVMLRWMVPRNDGLPIVIFKVQYRMVGKRKNWQTTNDNIPYGKPKWNSELGKSFTASVTDLKPQHT
YRFRILAVYSNNDNKESNTSAKFYLQPGAALDPMPVPELLEIEEYSETAVVLHWSLASDADEHLITGYYAYYRPSSSAGE
YFKATIEGAHARSFKIAPLETATMYEFKLQSFSAASASEFSALKQGRTQRP
;
_struct_ref.pdbx_align_begin           466 
_struct_ref.pdbx_db_isoform            ? 
# 
_struct_ref_seq.align_id                      1 
_struct_ref_seq.ref_id                        1 
_struct_ref_seq.pdbx_PDB_id_code              2IBB 
_struct_ref_seq.pdbx_strand_id                A 
_struct_ref_seq.seq_align_beg                 3 
_struct_ref_seq.pdbx_seq_align_beg_ins_code   ? 
_struct_ref_seq.seq_align_end                 213 
_struct_ref_seq.pdbx_seq_align_end_ins_code   ? 
_struct_ref_seq.pdbx_db_accession             Q9VM64 
_struct_ref_seq.db_align_beg                  466 
_struct_ref_seq.pdbx_db_align_beg_ins_code    ? 
_struct_ref_seq.db_align_end                  676 
_struct_ref_seq.pdbx_db_align_end_ins_code    ? 
_struct_ref_seq.pdbx_auth_seq_align_beg       466 
_struct_ref_seq.pdbx_auth_seq_align_end       676 
# 
loop_
_struct_ref_seq_dif.align_id 
_struct_ref_seq_dif.pdbx_pdb_id_code 
_struct_ref_seq_dif.mon_id 
_struct_ref_seq_dif.pdbx_pdb_strand_id 
_struct_ref_seq_dif.seq_num 
_struct_ref_seq_dif.pdbx_pdb_ins_code 
_struct_ref_seq_dif.pdbx_seq_db_name 
_struct_ref_seq_dif.pdbx_seq_db_accession_code 
_struct_ref_seq_dif.db_mon_id 
_struct_ref_seq_dif.pdbx_seq_db_seq_num 
_struct_ref_seq_dif.details 
_struct_ref_seq_dif.pdbx_auth_seq_num 
_struct_ref_seq_dif.pdbx_ordinal 
1 2IBB SER A 1 ? UNP Q9VM64 ? ? 'cloning artifact' 464 1 
1 2IBB THR A 2 ? UNP Q9VM64 ? ? 'cloning artifact' 465 2 
# 
loop_
_chem_comp.id 
_chem_comp.type 
_chem_comp.mon_nstd_flag 
_chem_comp.name 
_chem_comp.pdbx_synonyms 
_chem_comp.formula 
_chem_comp.formula_weight 
ALA 'L-peptide linking' y ALANINE         ? 'C3 H7 N O2'     89.093  
ARG 'L-peptide linking' y ARGININE        ? 'C6 H15 N4 O2 1' 175.209 
ASN 'L-peptide linking' y ASPARAGINE      ? 'C4 H8 N2 O3'    132.118 
ASP 'L-peptide linking' y 'ASPARTIC ACID' ? 'C4 H7 N O4'     133.103 
GLN 'L-peptide linking' y GLUTAMINE       ? 'C5 H10 N2 O3'   146.144 
GLU 'L-peptide linking' y 'GLUTAMIC ACID' ? 'C5 H9 N O4'     147.129 
GLY 'peptide linking'   y GLYCINE         ? 'C2 H5 N O2'     75.067  
HIS 'L-peptide linking' y HISTIDINE       ? 'C6 H10 N3 O2 1' 156.162 
HOH non-polymer         . WATER           ? 'H2 O'           18.015  
ILE 'L-peptide linking' y ISOLEUCINE      ? 'C6 H13 N O2'    131.173 
LEU 'L-peptide linking' y LEUCINE         ? 'C6 H13 N O2'    131.173 
LYS 'L-peptide linking' y LYSINE          ? 'C6 H15 N2 O2 1' 147.195 
MET 'L-peptide linking' y METHIONINE      ? 'C5 H11 N O2 S'  149.211 
PHE 'L-peptide linking' y PHENYLALANINE   ? 'C9 H11 N O2'    165.189 
PRO 'L-peptide linking' y PROLINE         ? 'C5 H9 N O2'     115.130 
SER 'L-peptide linking' y SERINE          ? 'C3 H7 N O3'     105.093 
SO4 non-polymer         . 'SULFATE ION'   ? 'O4 S -2'        96.063  
THR 'L-peptide linking' y THREONINE       ? 'C4 H9 N O3'     119.119 
TRP 'L-peptide linking' y TRYPTOPHAN      ? 'C11 H12 N2 O2'  204.225 
TYR 'L-peptide linking' y TYROSINE        ? 'C9 H11 N O3'    181.189 
VAL 'L-peptide linking' y VALINE          ? 'C5 H11 N O2'    117.146 
# 
_exptl.crystals_number   1 
_exptl.entry_id          2IBB 
_exptl.method            'X-RAY DIFFRACTION' 
# 
_exptl_crystal.id                    1 
_exptl_crystal.density_meas          ? 
_exptl_crystal.density_Matthews      2.24 
_exptl_crystal.density_percent_sol   45.02 
_exptl_crystal.description           ? 
_exptl_crystal.F_000                 ? 
_exptl_crystal.preparation           ? 
# 
_exptl_crystal_grow.crystal_id      1 
_exptl_crystal_grow.method          'VAPOR DIFFUSION, HANGING DROP' 
_exptl_crystal_grow.pH              7.9 
_exptl_crystal_grow.temp            293 
_exptl_crystal_grow.pdbx_details    
'0.05M Tris-HCl pH 7.9, 23% PEG 3350, 0.2M ammonium sulfate, VAPOR DIFFUSION, HANGING DROP, temperature 293K' 
_exptl_crystal_grow.temp_details    ? 
_exptl_crystal_grow.pdbx_pH_range   . 
# 
loop_
_diffrn.id 
_diffrn.ambient_temp 
_diffrn.ambient_temp_details 
_diffrn.crystal_id 
1 ? ? 1 
2 ? ? 1 
# 
_diffrn_detector.diffrn_id              1 
_diffrn_detector.detector               CCD 
_diffrn_detector.type                   'ADSC QUANTUM 315' 
_diffrn_detector.pdbx_collection_date   2004-06-29 
_diffrn_detector.details                ? 
# 
_diffrn_radiation.diffrn_id                        1 
_diffrn_radiation.pdbx_diffrn_protocol             'SINGLE WAVELENGTH' 
_diffrn_radiation.monochromator                    ? 
_diffrn_radiation.wavelength_id                    1 
_diffrn_radiation.pdbx_monochromatic_or_laue_m_l   M 
_diffrn_radiation.pdbx_scattering_type             x-ray 
# 
_diffrn_radiation_wavelength.id           1 
_diffrn_radiation_wavelength.wavelength   0.900 
_diffrn_radiation_wavelength.wt           1.0 
# 
_diffrn_source.diffrn_id                   1 
_diffrn_source.source                      SYNCHROTRON 
_diffrn_source.type                        'APS BEAMLINE 14-BM-C' 
_diffrn_source.pdbx_wavelength_list        0.900 
_diffrn_source.pdbx_wavelength             ? 
_diffrn_source.pdbx_synchrotron_site       APS 
_diffrn_source.pdbx_synchrotron_beamline   14-BM-C 
# 
_reflns.entry_id                     2IBB 
_reflns.d_resolution_high            2.400 
_reflns.d_resolution_low             50.000 
_reflns.number_obs                   8851 
_reflns.pdbx_Rmerge_I_obs            0.126 
_reflns.pdbx_netI_over_sigmaI        7.500 
_reflns.pdbx_chi_squared             1.412 
_reflns.pdbx_redundancy              5.000 
_reflns.percent_possible_obs         98.100 
_reflns.observed_criterion_sigma_F   ? 
_reflns.observed_criterion_sigma_I   ? 
_reflns.number_all                   ? 
_reflns.pdbx_Rsym_value              ? 
_reflns.B_iso_Wilson_estimate        ? 
_reflns.R_free_details               ? 
_reflns.limit_h_max                  ? 
_reflns.limit_h_min                  ? 
_reflns.limit_k_max                  ? 
_reflns.limit_k_min                  ? 
_reflns.limit_l_max                  ? 
_reflns.limit_l_min                  ? 
_reflns.observed_criterion_F_max     ? 
_reflns.observed_criterion_F_min     ? 
_reflns.pdbx_scaling_rejects         ? 
_reflns.pdbx_diffrn_id               1 
_reflns.pdbx_ordinal                 1 
# 
_reflns_shell.d_res_high             2.40 
_reflns_shell.d_res_low              2.49 
_reflns_shell.number_measured_obs    ? 
_reflns_shell.number_measured_all    ? 
_reflns_shell.number_unique_obs      ? 
_reflns_shell.Rmerge_I_obs           0.801 
_reflns_shell.meanI_over_sigI_obs    ? 
_reflns_shell.pdbx_Rsym_value        ? 
_reflns_shell.pdbx_chi_squared       0.990 
_reflns_shell.pdbx_redundancy        5.20 
_reflns_shell.percent_possible_obs   ? 
_reflns_shell.number_unique_all      879 
_reflns_shell.percent_possible_all   99.30 
_reflns_shell.pdbx_diffrn_id         ? 
_reflns_shell.pdbx_ordinal           1 
# 
_refine.entry_id                                 2IBB 
_refine.ls_d_res_high                            2.400 
_refine.ls_d_res_low                             21.57 
_refine.pdbx_ls_sigma_F                          0.00 
_refine.ls_percent_reflns_obs                    93.000 
_refine.ls_number_reflns_obs                     8332 
_refine.ls_R_factor_R_work                       0.244 
_refine.ls_R_factor_R_free                       0.275 
_refine.ls_percent_reflns_R_free                 5.100 
_refine.ls_number_reflns_R_free                  457 
_refine.B_iso_mean                               38.263 
_refine.solvent_model_param_bsol                 23.396 
_refine.aniso_B[1][1]                            -3.049 
_refine.aniso_B[2][2]                            -2.847 
_refine.aniso_B[3][3]                            5.896 
_refine.aniso_B[1][2]                            0.000 
_refine.aniso_B[1][3]                            0.000 
_refine.aniso_B[2][3]                            0.000 
_refine.pdbx_ls_sigma_I                          ? 
_refine.ls_number_reflns_all                     8958 
_refine.ls_R_factor_all                          ? 
_refine.ls_R_factor_obs                          ? 
_refine.ls_redundancy_reflns_obs                 ? 
_refine.pdbx_data_cutoff_high_absF               ? 
_refine.pdbx_data_cutoff_low_absF                ? 
_refine.ls_number_parameters                     ? 
_refine.ls_number_restraints                     ? 
_refine.ls_R_factor_R_free_error                 ? 
_refine.ls_R_factor_R_free_error_details         ? 
_refine.pdbx_method_to_determine_struct          'MOLECULAR REPLACEMENT' 
_refine.pdbx_starting_model                      
;First FNIII domain Ihog   
and   
PDB Entry: 1FNF domain 7
;
_refine.pdbx_ls_cross_valid_method               THROUGHOUT 
_refine.pdbx_R_Free_selection_details            random 
_refine.pdbx_stereochem_target_val_spec_case     ? 
_refine.pdbx_stereochemistry_target_values       ? 
_refine.solvent_model_details                    ? 
_refine.solvent_model_param_ksol                 ? 
_refine.occupancy_max                            ? 
_refine.occupancy_min                            ? 
_refine.pdbx_isotropic_thermal_model             ? 
_refine.details                                  ? 
_refine.B_iso_min                                ? 
_refine.B_iso_max                                ? 
_refine.correlation_coeff_Fo_to_Fc               ? 
_refine.correlation_coeff_Fo_to_Fc_free          ? 
_refine.pdbx_solvent_vdw_probe_radii             ? 
_refine.pdbx_solvent_ion_probe_radii             ? 
_refine.pdbx_solvent_shrinkage_radii             ? 
_refine.overall_SU_R_Cruickshank_DPI             ? 
_refine.overall_SU_R_free                        ? 
_refine.overall_SU_ML                            ? 
_refine.overall_SU_B                             ? 
_refine.pdbx_overall_ESU_R_Free                  ? 
_refine.pdbx_data_cutoff_high_rms_absF           ? 
_refine.pdbx_overall_ESU_R                       ? 
_refine.ls_wR_factor_R_free                      ? 
_refine.ls_wR_factor_R_work                      ? 
_refine.overall_FOM_free_R_set                   ? 
_refine.overall_FOM_work_R_set                   ? 
_refine.pdbx_refine_id                           'X-RAY DIFFRACTION' 
_refine.pdbx_diffrn_id                           1 
_refine.pdbx_TLS_residual_ADP_flag               ? 
_refine.pdbx_overall_phase_error                 ? 
_refine.pdbx_overall_SU_R_free_Cruickshank_DPI   ? 
_refine.pdbx_overall_SU_R_Blow_DPI               ? 
_refine.pdbx_overall_SU_R_free_Blow_DPI          ? 
# 
_refine_hist.pdbx_refine_id                   'X-RAY DIFFRACTION' 
_refine_hist.cycle_id                         LAST 
_refine_hist.pdbx_number_atoms_protein        1670 
_refine_hist.pdbx_number_atoms_nucleic_acid   0 
_refine_hist.pdbx_number_atoms_ligand         15 
_refine_hist.number_atoms_solvent             13 
_refine_hist.number_atoms_total               1698 
_refine_hist.d_res_high                       2.400 
_refine_hist.d_res_low                        21.57 
# 
loop_
_refine_ls_restr.type 
_refine_ls_restr.number 
_refine_ls_restr.dev_ideal 
_refine_ls_restr.dev_ideal_target 
_refine_ls_restr.weight 
_refine_ls_restr.pdbx_refine_id 
_refine_ls_restr.pdbx_restraint_function 
c_bond_d    ? 0.008 ? ? 'X-RAY DIFFRACTION' ? 
c_angle_deg ? 1.665 ? ? 'X-RAY DIFFRACTION' ? 
# 
loop_
_pdbx_xplor_file.serial_no 
_pdbx_xplor_file.param_file 
_pdbx_xplor_file.topol_file 
_pdbx_xplor_file.pdbx_refine_id 
1 CNS_TOPPAR:protein_rep.param ? 'X-RAY DIFFRACTION' 
2 CNS_TOPPAR:ion.param         ? 'X-RAY DIFFRACTION' 
3 CNS_TOPPAR:water_rep.param   ? 'X-RAY DIFFRACTION' 
# 
_struct.entry_id                  2IBB 
_struct.title                     'Crystal Structure of the First and Second FNIII Domains of Ihog' 
_struct.pdbx_model_details        ? 
_struct.pdbx_CASP_flag            ? 
_struct.pdbx_model_type_details   ? 
# 
_struct_keywords.entry_id        2IBB 
_struct_keywords.text            'ihog, hedgehog, fibronectin type III, PROTEIN BINDING' 
_struct_keywords.pdbx_keywords   'PROTEIN BINDING' 
# 
loop_
_struct_asym.id 
_struct_asym.pdbx_blank_PDB_chainid_flag 
_struct_asym.pdbx_modified 
_struct_asym.entity_id 
_struct_asym.details 
A N N 1 ? 
B N N 2 ? 
C N N 2 ? 
D N N 2 ? 
E N N 3 ? 
# 
_struct_biol.id                    1 
_struct_biol.details               ? 
_struct_biol.pdbx_parent_biol_id   ? 
# 
loop_
_struct_mon_prot_cis.pdbx_id 
_struct_mon_prot_cis.label_comp_id 
_struct_mon_prot_cis.label_seq_id 
_struct_mon_prot_cis.label_asym_id 
_struct_mon_prot_cis.label_alt_id 
_struct_mon_prot_cis.pdbx_PDB_ins_code 
_struct_mon_prot_cis.auth_comp_id 
_struct_mon_prot_cis.auth_seq_id 
_struct_mon_prot_cis.auth_asym_id 
_struct_mon_prot_cis.pdbx_label_comp_id_2 
_struct_mon_prot_cis.pdbx_label_seq_id_2 
_struct_mon_prot_cis.pdbx_label_asym_id_2 
_struct_mon_prot_cis.pdbx_PDB_ins_code_2 
_struct_mon_prot_cis.pdbx_auth_comp_id_2 
_struct_mon_prot_cis.pdbx_auth_seq_id_2 
_struct_mon_prot_cis.pdbx_auth_asym_id_2 
_struct_mon_prot_cis.pdbx_PDB_model_num 
_struct_mon_prot_cis.pdbx_omega_angle 
1 LYS 59  A . ? LYS 522 A PRO 60  A ? PRO 523 A 1 -1.17 
2 ALA 179 A . ? ALA 642 A PRO 180 A ? PRO 643 A 1 1.59  
# 
loop_
_struct_sheet.id 
_struct_sheet.type 
_struct_sheet.number_strands 
_struct_sheet.details 
A ? 3 ? 
B ? 4 ? 
C ? 4 ? 
D ? 3 ? 
E ? 4 ? 
# 
loop_
_struct_sheet_order.sheet_id 
_struct_sheet_order.range_id_1 
_struct_sheet_order.range_id_2 
_struct_sheet_order.offset 
_struct_sheet_order.sense 
A 1 2 ? anti-parallel 
A 2 3 ? anti-parallel 
B 1 2 ? anti-parallel 
B 2 3 ? anti-parallel 
B 3 4 ? anti-parallel 
C 1 2 ? anti-parallel 
C 2 3 ? anti-parallel 
C 3 4 ? anti-parallel 
D 1 2 ? anti-parallel 
D 2 3 ? anti-parallel 
E 1 2 ? anti-parallel 
E 2 3 ? anti-parallel 
E 3 4 ? anti-parallel 
# 
loop_
_struct_sheet_range.sheet_id 
_struct_sheet_range.id 
_struct_sheet_range.beg_label_comp_id 
_struct_sheet_range.beg_label_asym_id 
_struct_sheet_range.beg_label_seq_id 
_struct_sheet_range.pdbx_beg_PDB_ins_code 
_struct_sheet_range.end_label_comp_id 
_struct_sheet_range.end_label_asym_id 
_struct_sheet_range.end_label_seq_id 
_struct_sheet_range.pdbx_end_PDB_ins_code 
_struct_sheet_range.beg_auth_comp_id 
_struct_sheet_range.beg_auth_asym_id 
_struct_sheet_range.beg_auth_seq_id 
_struct_sheet_range.end_auth_comp_id 
_struct_sheet_range.end_auth_asym_id 
_struct_sheet_range.end_auth_seq_id 
A 1 ASN A 9   ? ARG A 12  ? ASN A 472 ARG A 475 
A 2 VAL A 18  ? PRO A 25  ? VAL A 481 PRO A 488 
A 3 GLY A 67  ? VAL A 74  ? GLY A 530 VAL A 537 
B 1 GLN A 49  ? THR A 50  ? GLN A 512 THR A 513 
B 2 ILE A 32  ? MET A 41  ? ILE A 495 MET A 504 
B 3 HIS A 81  ? TYR A 91  ? HIS A 544 TYR A 554 
B 4 ASN A 96  ? GLU A 98  ? ASN A 559 GLU A 561 
C 1 ILE A 55  ? PRO A 56  ? ILE A 518 PRO A 519 
C 2 ILE A 32  ? MET A 41  ? ILE A 495 MET A 504 
C 3 HIS A 81  ? TYR A 91  ? HIS A 544 TYR A 554 
C 4 PHE A 105 ? LEU A 107 ? PHE A 568 LEU A 570 
D 1 GLU A 120 ? LEU A 121 ? GLU A 583 LEU A 584 
D 2 VAL A 132 ? SER A 137 ? VAL A 595 SER A 600 
D 3 SER A 175 ? ILE A 178 ? SER A 638 ILE A 641 
E 1 PHE A 164 ? GLU A 169 ? PHE A 627 GLU A 632 
E 2 GLY A 149 ? PRO A 156 ? GLY A 612 PRO A 619 
E 3 MET A 186 ? PHE A 194 ? MET A 649 PHE A 657 
E 4 LYS A 206 ? ARG A 209 ? LYS A 669 ARG A 672 
# 
loop_
_pdbx_struct_sheet_hbond.sheet_id 
_pdbx_struct_sheet_hbond.range_id_1 
_pdbx_struct_sheet_hbond.range_id_2 
_pdbx_struct_sheet_hbond.range_1_label_atom_id 
_pdbx_struct_sheet_hbond.range_1_label_comp_id 
_pdbx_struct_sheet_hbond.range_1_label_asym_id 
_pdbx_struct_sheet_hbond.range_1_label_seq_id 
_pdbx_struct_sheet_hbond.range_1_PDB_ins_code 
_pdbx_struct_sheet_hbond.range_1_auth_atom_id 
_pdbx_struct_sheet_hbond.range_1_auth_comp_id 
_pdbx_struct_sheet_hbond.range_1_auth_asym_id 
_pdbx_struct_sheet_hbond.range_1_auth_seq_id 
_pdbx_struct_sheet_hbond.range_2_label_atom_id 
_pdbx_struct_sheet_hbond.range_2_label_comp_id 
_pdbx_struct_sheet_hbond.range_2_label_asym_id 
_pdbx_struct_sheet_hbond.range_2_label_seq_id 
_pdbx_struct_sheet_hbond.range_2_PDB_ins_code 
_pdbx_struct_sheet_hbond.range_2_auth_atom_id 
_pdbx_struct_sheet_hbond.range_2_auth_comp_id 
_pdbx_struct_sheet_hbond.range_2_auth_asym_id 
_pdbx_struct_sheet_hbond.range_2_auth_seq_id 
A 1 2 N THR A 11  ? N THR A 474 O MET A 19  ? O MET A 482 
A 2 3 N LEU A 20  ? N LEU A 483 O ALA A 72  ? O ALA A 535 
B 1 2 O GLN A 49  ? O GLN A 512 N TYR A 39  ? N TYR A 502 
B 2 3 N VAL A 33  ? N VAL A 496 O VAL A 90  ? O VAL A 553 
B 3 4 N ALA A 89  ? N ALA A 552 O LYS A 97  ? O LYS A 560 
C 1 2 O ILE A 55  ? O ILE A 518 N PHE A 35  ? N PHE A 498 
C 2 3 N VAL A 33  ? N VAL A 496 O VAL A 90  ? O VAL A 553 
C 3 4 N TYR A 83  ? N TYR A 546 O PHE A 105 ? O PHE A 568 
D 1 2 N GLU A 120 ? N GLU A 583 O SER A 137 ? O SER A 600 
D 2 3 N VAL A 132 ? N VAL A 595 O ILE A 178 ? O ILE A 641 
E 1 2 O PHE A 164 ? O PHE A 627 N TYR A 154 ? N TYR A 617 
E 2 3 N ARG A 155 ? N ARG A 618 O GLU A 188 ? O GLU A 651 
E 3 4 N TYR A 187 ? N TYR A 650 O GLY A 208 ? O GLY A 671 
# 
loop_
_struct_site.id 
_struct_site.pdbx_evidence_code 
_struct_site.pdbx_auth_asym_id 
_struct_site.pdbx_auth_comp_id 
_struct_site.pdbx_auth_seq_id 
_struct_site.pdbx_auth_ins_code 
_struct_site.pdbx_num_residues 
_struct_site.details 
AC1 Software A SO4 14 ? 5 'BINDING SITE FOR RESIDUE SO4 A 14' 
AC2 Software A SO4 15 ? 3 'BINDING SITE FOR RESIDUE SO4 A 15' 
AC3 Software A SO4 16 ? 3 'BINDING SITE FOR RESIDUE SO4 A 16' 
# 
loop_
_struct_site_gen.id 
_struct_site_gen.site_id 
_struct_site_gen.pdbx_num_res 
_struct_site_gen.label_comp_id 
_struct_site_gen.label_asym_id 
_struct_site_gen.label_seq_id 
_struct_site_gen.pdbx_auth_ins_code 
_struct_site_gen.auth_comp_id 
_struct_site_gen.auth_asym_id 
_struct_site_gen.auth_seq_id 
_struct_site_gen.label_atom_id 
_struct_site_gen.label_alt_id 
_struct_site_gen.symmetry 
_struct_site_gen.details 
1  AC1 5 ARG A 40  ? ARG A 503 . ? 1_555 ? 
2  AC1 5 VAL A 42  ? VAL A 505 . ? 1_555 ? 
3  AC1 5 LYS A 46  ? LYS A 509 . ? 1_555 ? 
4  AC1 5 ARG A 84  ? ARG A 547 . ? 1_555 ? 
5  AC1 5 LYS A 104 ? LYS A 567 . ? 1_555 ? 
6  AC2 3 ASP A 28  ? ASP A 491 . ? 4_466 ? 
7  AC2 3 TRP A 62  ? TRP A 525 . ? 4_466 ? 
8  AC2 3 ARG A 84  ? ARG A 547 . ? 1_555 ? 
9  AC3 3 ARG A 40  ? ARG A 503 . ? 1_555 ? 
10 AC3 3 TRP A 48  ? TRP A 511 . ? 1_555 ? 
11 AC3 3 THR A 101 ? THR A 564 . ? 1_555 ? 
# 
_atom_sites.entry_id                    2IBB 
_atom_sites.fract_transf_matrix[1][1]   0.01639126 
_atom_sites.fract_transf_matrix[1][2]   0.00600778 
_atom_sites.fract_transf_matrix[1][3]   0.01844148 
_atom_sites.fract_transf_matrix[2][1]   -0.01161246 
_atom_sites.fract_transf_matrix[2][2]   0.00489024 
_atom_sites.fract_transf_matrix[2][3]   0.00872834 
_atom_sites.fract_transf_matrix[3][1]   -0.00115154 
_atom_sites.fract_transf_matrix[3][2]   -0.01089814 
_atom_sites.fract_transf_matrix[3][3]   0.00457386 
_atom_sites.fract_transf_vector[1]      0.663974 
_atom_sites.fract_transf_vector[2]      0.611969 
_atom_sites.fract_transf_vector[3]      0.363416 
# 
loop_
_atom_type.symbol 
C 
N 
O 
S 
# 
loop_
_atom_site.group_PDB 
_atom_site.id 
_atom_site.type_symbol 
_atom_site.label_atom_id 
_atom_site.label_alt_id 
_atom_site.label_comp_id 
_atom_site.label_asym_id 
_atom_site.label_entity_id 
_atom_site.label_seq_id 
_atom_site.pdbx_PDB_ins_code 
_atom_site.Cartn_x 
_atom_site.Cartn_y 
_atom_site.Cartn_z 
_atom_site.occupancy 
_atom_site.B_iso_or_equiv 
_atom_site.pdbx_formal_charge 
_atom_site.auth_seq_id 
_atom_site.auth_comp_id 
_atom_site.auth_asym_id 
_atom_site.auth_atom_id 
_atom_site.pdbx_PDB_model_num 
ATOM   1    N N   . SER A 1 1   ? -13.002 -14.582 18.685  1.00 54.28 ? 464 SER A N   1 
ATOM   2    C CA  . SER A 1 1   ? -12.726 -15.283 17.396  1.00 54.23 ? 464 SER A CA  1 
ATOM   3    C C   . SER A 1 1   ? -11.790 -14.441 16.538  1.00 53.44 ? 464 SER A C   1 
ATOM   4    O O   . SER A 1 1   ? -11.261 -13.427 17.001  1.00 54.35 ? 464 SER A O   1 
ATOM   5    C CB  . SER A 1 1   ? -14.036 -15.534 16.640  1.00 54.13 ? 464 SER A CB  1 
ATOM   6    O OG  . SER A 1 1   ? -14.777 -14.336 16.500  1.00 55.03 ? 464 SER A OG  1 
ATOM   7    N N   . THR A 1 2   ? -11.581 -14.865 15.294  1.00 51.10 ? 465 THR A N   1 
ATOM   8    C CA  . THR A 1 2   ? -10.711 -14.124 14.391  1.00 49.31 ? 465 THR A CA  1 
ATOM   9    C C   . THR A 1 2   ? -11.334 -13.939 13.011  1.00 48.32 ? 465 THR A C   1 
ATOM   10   O O   . THR A 1 2   ? -11.775 -14.893 12.360  1.00 48.31 ? 465 THR A O   1 
ATOM   11   C CB  . THR A 1 2   ? -9.322  -14.807 14.243  1.00 49.61 ? 465 THR A CB  1 
ATOM   12   O OG1 . THR A 1 2   ? -9.483  -16.143 13.752  1.00 48.73 ? 465 THR A OG1 1 
ATOM   13   C CG2 . THR A 1 2   ? -8.600  -14.842 15.589  1.00 48.96 ? 465 THR A CG2 1 
ATOM   14   N N   . TYR A 1 3   ? -11.378 -12.688 12.582  1.00 46.08 ? 466 TYR A N   1 
ATOM   15   C CA  . TYR A 1 3   ? -11.935 -12.332 11.288  1.00 44.94 ? 466 TYR A CA  1 
ATOM   16   C C   . TYR A 1 3   ? -10.746 -12.204 10.315  1.00 41.37 ? 466 TYR A C   1 
ATOM   17   O O   . TYR A 1 3   ? -9.814  -11.430 10.539  1.00 40.31 ? 466 TYR A O   1 
ATOM   18   C CB  . TYR A 1 3   ? -12.703 -11.017 11.437  1.00 47.41 ? 466 TYR A CB  1 
ATOM   19   C CG  . TYR A 1 3   ? -13.733 -10.736 10.369  1.00 50.04 ? 466 TYR A CG  1 
ATOM   20   C CD1 . TYR A 1 3   ? -15.027 -10.344 10.716  1.00 49.98 ? 466 TYR A CD1 1 
ATOM   21   C CD2 . TYR A 1 3   ? -13.398 -10.794 9.017   1.00 52.53 ? 466 TYR A CD2 1 
ATOM   22   C CE1 . TYR A 1 3   ? -15.964 -10.006 9.742   1.00 53.58 ? 466 TYR A CE1 1 
ATOM   23   C CE2 . TYR A 1 3   ? -14.326 -10.457 8.029   1.00 54.99 ? 466 TYR A CE2 1 
ATOM   24   C CZ  . TYR A 1 3   ? -15.609 -10.060 8.396   1.00 55.22 ? 466 TYR A CZ  1 
ATOM   25   O OH  . TYR A 1 3   ? -16.526 -9.699  7.424   1.00 55.36 ? 466 TYR A OH  1 
ATOM   26   N N   . PRO A 1 4   ? -10.759 -12.982 9.226   1.00 38.21 ? 467 PRO A N   1 
ATOM   27   C CA  . PRO A 1 4   ? -9.652  -12.916 8.272   1.00 35.08 ? 467 PRO A CA  1 
ATOM   28   C C   . PRO A 1 4   ? -9.662  -11.666 7.409   1.00 30.28 ? 467 PRO A C   1 
ATOM   29   O O   . PRO A 1 4   ? -10.710 -11.070 7.166   1.00 32.02 ? 467 PRO A O   1 
ATOM   30   C CB  . PRO A 1 4   ? -9.862  -14.175 7.434   1.00 35.50 ? 467 PRO A CB  1 
ATOM   31   C CG  . PRO A 1 4   ? -11.348 -14.201 7.313   1.00 35.05 ? 467 PRO A CG  1 
ATOM   32   C CD  . PRO A 1 4   ? -11.811 -13.894 8.738   1.00 36.75 ? 467 PRO A CD  1 
ATOM   33   N N   . PRO A 1 5   ? -8.486  -11.249 6.940   1.00 26.73 ? 468 PRO A N   1 
ATOM   34   C CA  . PRO A 1 5   ? -8.449  -10.057 6.089   1.00 22.90 ? 468 PRO A CA  1 
ATOM   35   C C   . PRO A 1 5   ? -9.013  -10.455 4.717   1.00 20.61 ? 468 PRO A C   1 
ATOM   36   O O   . PRO A 1 5   ? -9.121  -11.651 4.402   1.00 15.53 ? 468 PRO A O   1 
ATOM   37   C CB  . PRO A 1 5   ? -6.958  -9.720  6.039   1.00 23.47 ? 468 PRO A CB  1 
ATOM   38   C CG  . PRO A 1 5   ? -6.297  -11.051 6.148   1.00 22.27 ? 468 PRO A CG  1 
ATOM   39   C CD  . PRO A 1 5   ? -7.129  -11.779 7.187   1.00 24.74 ? 468 PRO A CD  1 
ATOM   40   N N   . THR A 1 6   ? -9.391  -9.464  3.914   1.00 19.77 ? 469 THR A N   1 
ATOM   41   C CA  . THR A 1 6   ? -9.920  -9.729  2.579   1.00 19.81 ? 469 THR A CA  1 
ATOM   42   C C   . THR A 1 6   ? -8.772  -10.120 1.664   1.00 19.98 ? 469 THR A C   1 
ATOM   43   O O   . THR A 1 6   ? -7.613  -9.953  2.021   1.00 19.25 ? 469 THR A O   1 
ATOM   44   C CB  . THR A 1 6   ? -10.574 -8.480  1.968   1.00 21.36 ? 469 THR A CB  1 
ATOM   45   O OG1 . THR A 1 6   ? -9.641  -7.392  2.011   1.00 22.37 ? 469 THR A OG1 1 
ATOM   46   C CG2 . THR A 1 6   ? -11.840 -8.105  2.721   1.00 20.94 ? 469 THR A CG2 1 
ATOM   47   N N   . PRO A 1 7   ? -9.078  -10.679 0.481   1.00 21.32 ? 470 PRO A N   1 
ATOM   48   C CA  . PRO A 1 7   ? -8.001  -11.056 -0.440  1.00 21.74 ? 470 PRO A CA  1 
ATOM   49   C C   . PRO A 1 7   ? -7.414  -9.755  -0.993  1.00 20.85 ? 470 PRO A C   1 
ATOM   50   O O   . PRO A 1 7   ? -8.132  -8.770  -1.159  1.00 19.97 ? 470 PRO A O   1 
ATOM   51   C CB  . PRO A 1 7   ? -8.737  -11.839 -1.538  1.00 21.89 ? 470 PRO A CB  1 
ATOM   52   C CG  . PRO A 1 7   ? -9.952  -12.372 -0.831  1.00 22.63 ? 470 PRO A CG  1 
ATOM   53   C CD  . PRO A 1 7   ? -10.373 -11.206 0.011   1.00 22.00 ? 470 PRO A CD  1 
ATOM   54   N N   . PRO A 1 8   ? -6.105  -9.728  -1.275  1.00 20.93 ? 471 PRO A N   1 
ATOM   55   C CA  . PRO A 1 8   ? -5.523  -8.493  -1.815  1.00 21.82 ? 471 PRO A CA  1 
ATOM   56   C C   . PRO A 1 8   ? -5.869  -8.276  -3.297  1.00 22.18 ? 471 PRO A C   1 
ATOM   57   O O   . PRO A 1 8   ? -6.075  -9.240  -4.047  1.00 22.60 ? 471 PRO A O   1 
ATOM   58   C CB  . PRO A 1 8   ? -4.028  -8.707  -1.620  1.00 18.19 ? 471 PRO A CB  1 
ATOM   59   C CG  . PRO A 1 8   ? -3.895  -10.183 -1.893  1.00 20.80 ? 471 PRO A CG  1 
ATOM   60   C CD  . PRO A 1 8   ? -5.075  -10.771 -1.116  1.00 19.97 ? 471 PRO A CD  1 
ATOM   61   N N   . ASN A 1 9   ? -5.965  -7.010  -3.695  1.00 23.60 ? 472 ASN A N   1 
ATOM   62   C CA  . ASN A 1 9   ? -6.208  -6.638  -5.088  1.00 25.10 ? 472 ASN A CA  1 
ATOM   63   C C   . ASN A 1 9   ? -4.799  -6.358  -5.584  1.00 24.17 ? 472 ASN A C   1 
ATOM   64   O O   . ASN A 1 9   ? -3.956  -5.879  -4.810  1.00 23.14 ? 472 ASN A O   1 
ATOM   65   C CB  . ASN A 1 9   ? -7.054  -5.364  -5.196  1.00 29.17 ? 472 ASN A CB  1 
ATOM   66   C CG  . ASN A 1 9   ? -8.474  -5.573  -4.722  1.00 35.64 ? 472 ASN A CG  1 
ATOM   67   O OD1 . ASN A 1 9   ? -9.205  -6.408  -5.273  1.00 38.78 ? 472 ASN A OD1 1 
ATOM   68   N ND2 . ASN A 1 9   ? -8.878  -4.825  -3.689  1.00 35.12 ? 472 ASN A ND2 1 
ATOM   69   N N   . VAL A 1 10  ? -4.540  -6.656  -6.854  1.00 22.59 ? 473 VAL A N   1 
ATOM   70   C CA  . VAL A 1 10  ? -3.211  -6.457  -7.429  1.00 21.39 ? 473 VAL A CA  1 
ATOM   71   C C   . VAL A 1 10  ? -3.158  -5.490  -8.617  1.00 22.47 ? 473 VAL A C   1 
ATOM   72   O O   . VAL A 1 10  ? -4.016  -5.519  -9.514  1.00 23.61 ? 473 VAL A O   1 
ATOM   73   C CB  . VAL A 1 10  ? -2.613  -7.810  -7.895  1.00 20.86 ? 473 VAL A CB  1 
ATOM   74   C CG1 . VAL A 1 10  ? -1.115  -7.657  -8.175  1.00 17.77 ? 473 VAL A CG1 1 
ATOM   75   C CG2 . VAL A 1 10  ? -2.892  -8.897  -6.839  1.00 19.09 ? 473 VAL A CG2 1 
ATOM   76   N N   . THR A 1 11  ? -2.133  -4.639  -8.611  1.00 22.95 ? 474 THR A N   1 
ATOM   77   C CA  . THR A 1 11  ? -1.893  -3.677  -9.682  1.00 23.08 ? 474 THR A CA  1 
ATOM   78   C C   . THR A 1 11  ? -0.391  -3.652  -9.962  1.00 23.51 ? 474 THR A C   1 
ATOM   79   O O   . THR A 1 11  ? 0.417   -3.667  -9.038  1.00 26.18 ? 474 THR A O   1 
ATOM   80   C CB  . THR A 1 11  ? -2.359  -2.267  -9.288  1.00 22.77 ? 474 THR A CB  1 
ATOM   81   O OG1 . THR A 1 11  ? -1.548  -1.782  -8.212  1.00 23.38 ? 474 THR A OG1 1 
ATOM   82   C CG2 . THR A 1 11  ? -3.829  -2.293  -8.857  1.00 19.85 ? 474 THR A CG2 1 
ATOM   83   N N   . ARG A 1 12  ? -0.019  -3.623  -11.236 1.00 24.20 ? 475 ARG A N   1 
ATOM   84   C CA  . ARG A 1 12  ? 1.392   -3.625  -11.629 1.00 24.45 ? 475 ARG A CA  1 
ATOM   85   C C   . ARG A 1 12  ? 2.121   -2.311  -11.371 1.00 25.89 ? 475 ARG A C   1 
ATOM   86   O O   . ARG A 1 12  ? 1.650   -1.242  -11.758 1.00 26.11 ? 475 ARG A O   1 
ATOM   87   C CB  . ARG A 1 12  ? 1.506   -3.985  -13.115 1.00 26.90 ? 475 ARG A CB  1 
ATOM   88   C CG  . ARG A 1 12  ? 2.913   -3.963  -13.681 1.00 29.83 ? 475 ARG A CG  1 
ATOM   89   C CD  . ARG A 1 12  ? 2.892   -4.240  -15.187 1.00 33.33 ? 475 ARG A CD  1 
ATOM   90   N NE  . ARG A 1 12  ? 4.232   -4.203  -15.772 1.00 38.43 ? 475 ARG A NE  1 
ATOM   91   C CZ  . ARG A 1 12  ? 4.937   -3.090  -15.971 1.00 40.64 ? 475 ARG A CZ  1 
ATOM   92   N NH1 . ARG A 1 12  ? 4.428   -1.910  -15.642 1.00 40.78 ? 475 ARG A NH1 1 
ATOM   93   N NH2 . ARG A 1 12  ? 6.162   -3.158  -16.477 1.00 40.91 ? 475 ARG A NH2 1 
ATOM   94   N N   . LEU A 1 13  ? 3.273   -2.404  -10.715 1.00 27.72 ? 476 LEU A N   1 
ATOM   95   C CA  . LEU A 1 13  ? 4.109   -1.249  -10.408 1.00 27.83 ? 476 LEU A CA  1 
ATOM   96   C C   . LEU A 1 13  ? 5.290   -1.180  -11.380 1.00 30.09 ? 476 LEU A C   1 
ATOM   97   O O   . LEU A 1 13  ? 5.761   -0.095  -11.721 1.00 31.92 ? 476 LEU A O   1 
ATOM   98   C CB  . LEU A 1 13  ? 4.649   -1.337  -8.980  1.00 25.75 ? 476 LEU A CB  1 
ATOM   99   C CG  . LEU A 1 13  ? 3.738   -1.053  -7.788  1.00 23.90 ? 476 LEU A CG  1 
ATOM   100  C CD1 . LEU A 1 13  ? 4.552   -1.189  -6.513  1.00 21.20 ? 476 LEU A CD1 1 
ATOM   101  C CD2 . LEU A 1 13  ? 3.151   0.348   -7.889  1.00 23.96 ? 476 LEU A CD2 1 
ATOM   102  N N   . SER A 1 14  ? 5.789   -2.342  -11.791 1.00 31.93 ? 477 SER A N   1 
ATOM   103  C CA  . SER A 1 14  ? 6.896   -2.431  -12.735 1.00 33.68 ? 477 SER A CA  1 
ATOM   104  C C   . SER A 1 14  ? 6.946   -3.843  -13.325 1.00 36.72 ? 477 SER A C   1 
ATOM   105  O O   . SER A 1 14  ? 6.004   -4.633  -13.162 1.00 35.67 ? 477 SER A O   1 
ATOM   106  C CB  . SER A 1 14  ? 8.233   -2.106  -12.055 1.00 33.52 ? 477 SER A CB  1 
ATOM   107  O OG  . SER A 1 14  ? 8.659   -3.135  -11.168 1.00 34.31 ? 477 SER A OG  1 
ATOM   108  N N   . ASP A 1 15  ? 8.041   -4.148  -14.018 1.00 38.54 ? 478 ASP A N   1 
ATOM   109  C CA  . ASP A 1 15  ? 8.240   -5.457  -14.633 1.00 39.00 ? 478 ASP A CA  1 
ATOM   110  C C   . ASP A 1 15  ? 8.490   -6.517  -13.561 1.00 37.46 ? 478 ASP A C   1 
ATOM   111  O O   . ASP A 1 15  ? 8.241   -7.700  -13.786 1.00 38.02 ? 478 ASP A O   1 
ATOM   112  C CB  . ASP A 1 15  ? 9.448   -5.426  -15.587 1.00 42.75 ? 478 ASP A CB  1 
ATOM   113  C CG  . ASP A 1 15  ? 9.195   -4.601  -16.851 1.00 49.23 ? 478 ASP A CG  1 
ATOM   114  O OD1 . ASP A 1 15  ? 8.790   -3.413  -16.748 1.00 53.10 ? 478 ASP A OD1 1 
ATOM   115  O OD2 . ASP A 1 15  ? 9.422   -5.144  -17.959 1.00 51.47 ? 478 ASP A OD2 1 
ATOM   116  N N   . GLU A 1 16  ? 8.981   -6.098  -12.396 1.00 35.53 ? 479 GLU A N   1 
ATOM   117  C CA  . GLU A 1 16  ? 9.290   -7.049  -11.321 1.00 36.37 ? 479 GLU A CA  1 
ATOM   118  C C   . GLU A 1 16  ? 8.499   -6.880  -10.025 1.00 33.87 ? 479 GLU A C   1 
ATOM   119  O O   . GLU A 1 16  ? 8.781   -7.562  -9.029  1.00 33.50 ? 479 GLU A O   1 
ATOM   120  C CB  . GLU A 1 16  ? 10.774  -6.987  -10.950 1.00 41.50 ? 479 GLU A CB  1 
ATOM   121  C CG  . GLU A 1 16  ? 11.724  -7.616  -11.961 1.00 47.88 ? 479 GLU A CG  1 
ATOM   122  C CD  . GLU A 1 16  ? 11.894  -6.776  -13.204 1.00 52.01 ? 479 GLU A CD  1 
ATOM   123  O OE1 . GLU A 1 16  ? 11.300  -5.678  -13.275 1.00 56.60 ? 479 GLU A OE1 1 
ATOM   124  O OE2 . GLU A 1 16  ? 12.628  -7.218  -14.111 1.00 53.98 ? 479 GLU A OE2 1 
ATOM   125  N N   . SER A 1 17  ? 7.519   -5.987  -10.006 1.00 30.24 ? 480 SER A N   1 
ATOM   126  C CA  . SER A 1 17  ? 6.779   -5.797  -8.771  1.00 28.08 ? 480 SER A CA  1 
ATOM   127  C C   . SER A 1 17  ? 5.316   -5.377  -8.919  1.00 26.71 ? 480 SER A C   1 
ATOM   128  O O   . SER A 1 17  ? 4.887   -4.835  -9.954  1.00 23.88 ? 480 SER A O   1 
ATOM   129  C CB  . SER A 1 17  ? 7.522   -4.794  -7.895  1.00 29.04 ? 480 SER A CB  1 
ATOM   130  O OG  . SER A 1 17  ? 7.598   -3.535  -8.534  1.00 32.24 ? 480 SER A OG  1 
ATOM   131  N N   . VAL A 1 18  ? 4.551   -5.645  -7.866  1.00 23.63 ? 481 VAL A N   1 
ATOM   132  C CA  . VAL A 1 18  ? 3.137   -5.312  -7.844  1.00 21.28 ? 481 VAL A CA  1 
ATOM   133  C C   . VAL A 1 18  ? 2.805   -4.678  -6.511  1.00 21.86 ? 481 VAL A C   1 
ATOM   134  O O   . VAL A 1 18  ? 3.603   -4.725  -5.570  1.00 21.08 ? 481 VAL A O   1 
ATOM   135  C CB  . VAL A 1 18  ? 2.266   -6.569  -8.002  1.00 19.71 ? 481 VAL A CB  1 
ATOM   136  C CG1 . VAL A 1 18  ? 2.555   -7.255  -9.335  1.00 16.45 ? 481 VAL A CG1 1 
ATOM   137  C CG2 . VAL A 1 18  ? 2.535   -7.522  -6.848  1.00 17.21 ? 481 VAL A CG2 1 
ATOM   138  N N   . MET A 1 19  ? 1.627   -4.074  -6.436  1.00 22.33 ? 482 MET A N   1 
ATOM   139  C CA  . MET A 1 19  ? 1.176   -3.462  -5.199  1.00 22.29 ? 482 MET A CA  1 
ATOM   140  C C   . MET A 1 19  ? -0.089  -4.204  -4.801  1.00 22.11 ? 482 MET A C   1 
ATOM   141  O O   . MET A 1 19  ? -0.959  -4.456  -5.644  1.00 20.50 ? 482 MET A O   1 
ATOM   142  C CB  . MET A 1 19  ? 0.854   -1.978  -5.390  1.00 22.61 ? 482 MET A CB  1 
ATOM   143  C CG  . MET A 1 19  ? 0.577   -1.221  -4.084  1.00 22.98 ? 482 MET A CG  1 
ATOM   144  S SD  . MET A 1 19  ? 2.092   -0.846  -3.150  1.00 28.58 ? 482 MET A SD  1 
ATOM   145  C CE  . MET A 1 19  ? 2.509   0.779   -3.853  1.00 26.55 ? 482 MET A CE  1 
ATOM   146  N N   . LEU A 1 20  ? -0.176  -4.576  -3.526  1.00 21.49 ? 483 LEU A N   1 
ATOM   147  C CA  . LEU A 1 20  ? -1.356  -5.273  -3.024  1.00 22.57 ? 483 LEU A CA  1 
ATOM   148  C C   . LEU A 1 20  ? -2.103  -4.340  -2.087  1.00 24.50 ? 483 LEU A C   1 
ATOM   149  O O   . LEU A 1 20  ? -1.496  -3.485  -1.427  1.00 25.99 ? 483 LEU A O   1 
ATOM   150  C CB  . LEU A 1 20  ? -0.978  -6.540  -2.259  1.00 18.62 ? 483 LEU A CB  1 
ATOM   151  C CG  . LEU A 1 20  ? -0.077  -7.560  -2.949  1.00 18.05 ? 483 LEU A CG  1 
ATOM   152  C CD1 . LEU A 1 20  ? 0.116   -8.740  -2.002  1.00 19.37 ? 483 LEU A CD1 1 
ATOM   153  C CD2 . LEU A 1 20  ? -0.679  -8.007  -4.276  1.00 16.67 ? 483 LEU A CD2 1 
ATOM   154  N N   . ARG A 1 21  ? -3.423  -4.501  -2.059  1.00 26.32 ? 484 ARG A N   1 
ATOM   155  C CA  . ARG A 1 21  ? -4.303  -3.715  -1.203  1.00 24.21 ? 484 ARG A CA  1 
ATOM   156  C C   . ARG A 1 21  ? -5.296  -4.676  -0.585  1.00 22.20 ? 484 ARG A C   1 
ATOM   157  O O   . ARG A 1 21  ? -5.894  -5.504  -1.280  1.00 18.61 ? 484 ARG A O   1 
ATOM   158  C CB  . ARG A 1 21  ? -5.110  -2.690  -2.001  1.00 26.80 ? 484 ARG A CB  1 
ATOM   159  C CG  . ARG A 1 21  ? -4.319  -1.767  -2.882  1.00 31.41 ? 484 ARG A CG  1 
ATOM   160  C CD  . ARG A 1 21  ? -5.138  -0.527  -3.194  1.00 30.97 ? 484 ARG A CD  1 
ATOM   161  N NE  . ARG A 1 21  ? -6.465  -0.817  -3.731  1.00 34.36 ? 484 ARG A NE  1 
ATOM   162  C CZ  . ARG A 1 21  ? -6.698  -1.316  -4.945  1.00 37.91 ? 484 ARG A CZ  1 
ATOM   163  N NH1 . ARG A 1 21  ? -5.689  -1.593  -5.759  1.00 36.77 ? 484 ARG A NH1 1 
ATOM   164  N NH2 . ARG A 1 21  ? -7.946  -1.522  -5.359  1.00 38.58 ? 484 ARG A NH2 1 
ATOM   165  N N   . TRP A 1 22  ? -5.492  -4.558  0.717   1.00 20.54 ? 485 TRP A N   1 
ATOM   166  C CA  . TRP A 1 22  ? -6.454  -5.411  1.372   1.00 20.55 ? 485 TRP A CA  1 
ATOM   167  C C   . TRP A 1 22  ? -7.104  -4.670  2.520   1.00 21.75 ? 485 TRP A C   1 
ATOM   168  O O   . TRP A 1 22  ? -6.728  -3.533  2.840   1.00 20.86 ? 485 TRP A O   1 
ATOM   169  C CB  . TRP A 1 22  ? -5.786  -6.709  1.839   1.00 17.06 ? 485 TRP A CB  1 
ATOM   170  C CG  . TRP A 1 22  ? -4.796  -6.556  2.942   1.00 16.89 ? 485 TRP A CG  1 
ATOM   171  C CD1 . TRP A 1 22  ? -5.043  -6.660  4.285   1.00 16.90 ? 485 TRP A CD1 1 
ATOM   172  C CD2 . TRP A 1 22  ? -3.387  -6.311  2.807   1.00 14.97 ? 485 TRP A CD2 1 
ATOM   173  N NE1 . TRP A 1 22  ? -3.869  -6.501  4.988   1.00 18.96 ? 485 TRP A NE1 1 
ATOM   174  C CE2 . TRP A 1 22  ? -2.842  -6.283  4.108   1.00 13.66 ? 485 TRP A CE2 1 
ATOM   175  C CE3 . TRP A 1 22  ? -2.536  -6.114  1.711   1.00 13.77 ? 485 TRP A CE3 1 
ATOM   176  C CZ2 . TRP A 1 22  ? -1.486  -6.069  4.349   1.00 16.08 ? 485 TRP A CZ2 1 
ATOM   177  C CZ3 . TRP A 1 22  ? -1.186  -5.899  1.947   1.00 18.93 ? 485 TRP A CZ3 1 
ATOM   178  C CH2 . TRP A 1 22  ? -0.670  -5.879  3.265   1.00 15.77 ? 485 TRP A CH2 1 
ATOM   179  N N   . MET A 1 23  ? -8.097  -5.308  3.124   1.00 23.55 ? 486 MET A N   1 
ATOM   180  C CA  . MET A 1 23  ? -8.805  -4.710  4.237   1.00 24.09 ? 486 MET A CA  1 
ATOM   181  C C   . MET A 1 23  ? -9.086  -5.669  5.360   1.00 22.08 ? 486 MET A C   1 
ATOM   182  O O   . MET A 1 23  ? -9.147  -6.880  5.171   1.00 21.34 ? 486 MET A O   1 
ATOM   183  C CB  . MET A 1 23  ? -10.148 -4.167  3.779   1.00 31.05 ? 486 MET A CB  1 
ATOM   184  C CG  . MET A 1 23  ? -10.116 -2.814  3.135   1.00 41.55 ? 486 MET A CG  1 
ATOM   185  S SD  . MET A 1 23  ? -11.808 -2.220  3.136   1.00 54.67 ? 486 MET A SD  1 
ATOM   186  C CE  . MET A 1 23  ? -12.036 -1.884  4.910   1.00 50.22 ? 486 MET A CE  1 
ATOM   187  N N   . VAL A 1 24  ? -9.264  -5.105  6.542   1.00 22.05 ? 487 VAL A N   1 
ATOM   188  C CA  . VAL A 1 24  ? -9.655  -5.881  7.688   1.00 23.06 ? 487 VAL A CA  1 
ATOM   189  C C   . VAL A 1 24  ? -11.014 -5.289  8.036   1.00 23.73 ? 487 VAL A C   1 
ATOM   190  O O   . VAL A 1 24  ? -11.117 -4.146  8.479   1.00 26.12 ? 487 VAL A O   1 
ATOM   191  C CB  . VAL A 1 24  ? -8.679  -5.735  8.866   1.00 23.42 ? 487 VAL A CB  1 
ATOM   192  C CG1 . VAL A 1 24  ? -9.268  -6.410  10.101  1.00 23.74 ? 487 VAL A CG1 1 
ATOM   193  C CG2 . VAL A 1 24  ? -7.353  -6.403  8.521   1.00 20.91 ? 487 VAL A CG2 1 
ATOM   194  N N   . PRO A 1 25  ? -12.086 -6.058  7.805   1.00 24.25 ? 488 PRO A N   1 
ATOM   195  C CA  . PRO A 1 25  ? -13.458 -5.611  8.089   1.00 25.16 ? 488 PRO A CA  1 
ATOM   196  C C   . PRO A 1 25  ? -13.664 -5.297  9.568   1.00 27.31 ? 488 PRO A C   1 
ATOM   197  O O   . PRO A 1 25  ? -13.082 -5.967  10.428  1.00 26.77 ? 488 PRO A O   1 
ATOM   198  C CB  . PRO A 1 25  ? -14.312 -6.806  7.662   1.00 24.03 ? 488 PRO A CB  1 
ATOM   199  C CG  . PRO A 1 25  ? -13.396 -7.619  6.756   1.00 24.09 ? 488 PRO A CG  1 
ATOM   200  C CD  . PRO A 1 25  ? -12.060 -7.472  7.394   1.00 21.64 ? 488 PRO A CD  1 
ATOM   201  N N   . ARG A 1 26  ? -14.482 -4.289  9.875   1.00 29.73 ? 489 ARG A N   1 
ATOM   202  C CA  . ARG A 1 26  ? -14.753 -3.970  11.281  1.00 31.88 ? 489 ARG A CA  1 
ATOM   203  C C   . ARG A 1 26  ? -15.293 -5.222  11.966  1.00 31.60 ? 489 ARG A C   1 
ATOM   204  O O   . ARG A 1 26  ? -16.135 -5.929  11.412  1.00 31.64 ? 489 ARG A O   1 
ATOM   205  C CB  . ARG A 1 26  ? -15.788 -2.847  11.429  1.00 33.37 ? 489 ARG A CB  1 
ATOM   206  C CG  . ARG A 1 26  ? -15.241 -1.473  11.119  1.00 37.67 ? 489 ARG A CG  1 
ATOM   207  C CD  . ARG A 1 26  ? -15.993 -0.373  11.853  1.00 37.98 ? 489 ARG A CD  1 
ATOM   208  N NE  . ARG A 1 26  ? -15.540 0.951   11.414  1.00 39.26 ? 489 ARG A NE  1 
ATOM   209  C CZ  . ARG A 1 26  ? -15.608 2.051   12.157  1.00 38.67 ? 489 ARG A CZ  1 
ATOM   210  N NH1 . ARG A 1 26  ? -16.109 1.994   13.385  1.00 38.64 ? 489 ARG A NH1 1 
ATOM   211  N NH2 . ARG A 1 26  ? -15.176 3.208   11.675  1.00 37.62 ? 489 ARG A NH2 1 
ATOM   212  N N   . ASN A 1 27  ? -14.804 -5.504  13.165  1.00 29.79 ? 490 ASN A N   1 
ATOM   213  C CA  . ASN A 1 27  ? -15.263 -6.679  13.878  1.00 28.34 ? 490 ASN A CA  1 
ATOM   214  C C   . ASN A 1 27  ? -14.818 -6.578  15.323  1.00 29.76 ? 490 ASN A C   1 
ATOM   215  O O   . ASN A 1 27  ? -13.910 -5.812  15.642  1.00 29.68 ? 490 ASN A O   1 
ATOM   216  C CB  . ASN A 1 27  ? -14.712 -7.949  13.216  1.00 23.43 ? 490 ASN A CB  1 
ATOM   217  C CG  . ASN A 1 27  ? -13.211 -8.091  13.376  1.00 23.46 ? 490 ASN A CG  1 
ATOM   218  O OD1 . ASN A 1 27  ? -12.730 -8.567  14.406  1.00 24.63 ? 490 ASN A OD1 1 
ATOM   219  N ND2 . ASN A 1 27  ? -12.461 -7.668  12.361  1.00 18.27 ? 490 ASN A ND2 1 
ATOM   220  N N   . ASP A 1 28  ? -15.457 -7.352  16.193  1.00 31.04 ? 491 ASP A N   1 
ATOM   221  C CA  . ASP A 1 28  ? -15.139 -7.317  17.607  1.00 33.74 ? 491 ASP A CA  1 
ATOM   222  C C   . ASP A 1 28  ? -14.350 -8.526  18.102  1.00 32.53 ? 491 ASP A C   1 
ATOM   223  O O   . ASP A 1 28  ? -14.426 -8.901  19.264  1.00 34.20 ? 491 ASP A O   1 
ATOM   224  C CB  . ASP A 1 28  ? -16.434 -7.132  18.404  1.00 36.91 ? 491 ASP A CB  1 
ATOM   225  C CG  . ASP A 1 28  ? -17.196 -5.866  17.980  1.00 43.34 ? 491 ASP A CG  1 
ATOM   226  O OD1 . ASP A 1 28  ? -16.584 -4.770  17.973  1.00 44.43 ? 491 ASP A OD1 1 
ATOM   227  O OD2 . ASP A 1 28  ? -18.400 -5.961  17.644  1.00 44.71 ? 491 ASP A OD2 1 
ATOM   228  N N   . GLY A 1 29  ? -13.574 -9.125  17.214  1.00 31.15 ? 492 GLY A N   1 
ATOM   229  C CA  . GLY A 1 29  ? -12.768 -10.261 17.607  1.00 31.03 ? 492 GLY A CA  1 
ATOM   230  C C   . GLY A 1 29  ? -11.350 -9.839  17.964  1.00 31.14 ? 492 GLY A C   1 
ATOM   231  O O   . GLY A 1 29  ? -11.052 -8.649  18.094  1.00 29.87 ? 492 GLY A O   1 
ATOM   232  N N   . LEU A 1 30  ? -10.472 -10.824 18.123  1.00 31.39 ? 493 LEU A N   1 
ATOM   233  C CA  . LEU A 1 30  ? -9.076  -10.571 18.461  1.00 30.55 ? 493 LEU A CA  1 
ATOM   234  C C   . LEU A 1 30  ? -8.394  -9.598  17.511  1.00 29.64 ? 493 LEU A C   1 
ATOM   235  O O   . LEU A 1 30  ? -8.679  -9.574  16.319  1.00 28.58 ? 493 LEU A O   1 
ATOM   236  C CB  . LEU A 1 30  ? -8.285  -11.879 18.451  1.00 29.45 ? 493 LEU A CB  1 
ATOM   237  C CG  . LEU A 1 30  ? -8.661  -12.923 19.492  1.00 30.47 ? 493 LEU A CG  1 
ATOM   238  C CD1 . LEU A 1 30  ? -7.782  -14.155 19.327  1.00 28.87 ? 493 LEU A CD1 1 
ATOM   239  C CD2 . LEU A 1 30  ? -8.493  -12.324 20.881  1.00 33.28 ? 493 LEU A CD2 1 
ATOM   240  N N   . PRO A 1 31  ? -7.471  -8.784  18.036  1.00 30.28 ? 494 PRO A N   1 
ATOM   241  C CA  . PRO A 1 31  ? -6.758  -7.826  17.191  1.00 30.26 ? 494 PRO A CA  1 
ATOM   242  C C   . PRO A 1 31  ? -5.615  -8.533  16.449  1.00 29.58 ? 494 PRO A C   1 
ATOM   243  O O   . PRO A 1 31  ? -5.039  -9.510  16.946  1.00 30.07 ? 494 PRO A O   1 
ATOM   244  C CB  . PRO A 1 31  ? -6.254  -6.805  18.201  1.00 30.23 ? 494 PRO A CB  1 
ATOM   245  C CG  . PRO A 1 31  ? -5.933  -7.653  19.375  1.00 29.03 ? 494 PRO A CG  1 
ATOM   246  C CD  . PRO A 1 31  ? -7.154  -8.556  19.460  1.00 29.98 ? 494 PRO A CD  1 
ATOM   247  N N   . ILE A 1 32  ? -5.309  -8.062  15.248  1.00 27.89 ? 495 ILE A N   1 
ATOM   248  C CA  . ILE A 1 32  ? -4.233  -8.652  14.473  1.00 26.42 ? 495 ILE A CA  1 
ATOM   249  C C   . ILE A 1 32  ? -2.952  -7.938  14.873  1.00 27.19 ? 495 ILE A C   1 
ATOM   250  O O   . ILE A 1 32  ? -2.924  -6.710  14.981  1.00 26.94 ? 495 ILE A O   1 
ATOM   251  C CB  . ILE A 1 32  ? -4.481  -8.483  12.966  1.00 26.35 ? 495 ILE A CB  1 
ATOM   252  C CG1 . ILE A 1 32  ? -5.652  -9.379  12.549  1.00 24.66 ? 495 ILE A CG1 1 
ATOM   253  C CG2 . ILE A 1 32  ? -3.210  -8.805  12.174  1.00 23.32 ? 495 ILE A CG2 1 
ATOM   254  C CD1 . ILE A 1 32  ? -6.417  -8.867  11.335  1.00 21.75 ? 495 ILE A CD1 1 
ATOM   255  N N   . VAL A 1 33  ? -1.897  -8.707  15.115  1.00 26.55 ? 496 VAL A N   1 
ATOM   256  C CA  . VAL A 1 33  ? -0.620  -8.121  15.506  1.00 25.73 ? 496 VAL A CA  1 
ATOM   257  C C   . VAL A 1 33  ? 0.161   -7.722  14.248  1.00 23.75 ? 496 VAL A C   1 
ATOM   258  O O   . VAL A 1 33  ? 0.574   -6.571  14.115  1.00 23.93 ? 496 VAL A O   1 
ATOM   259  C CB  . VAL A 1 33  ? 0.202   -9.107  16.387  1.00 24.65 ? 496 VAL A CB  1 
ATOM   260  C CG1 . VAL A 1 33  ? 1.461   -8.442  16.869  1.00 23.92 ? 496 VAL A CG1 1 
ATOM   261  C CG2 . VAL A 1 33  ? -0.629  -9.558  17.579  1.00 22.97 ? 496 VAL A CG2 1 
ATOM   262  N N   . ILE A 1 34  ? 0.348   -8.657  13.322  1.00 23.04 ? 497 ILE A N   1 
ATOM   263  C CA  . ILE A 1 34  ? 1.058   -8.350  12.080  1.00 22.84 ? 497 ILE A CA  1 
ATOM   264  C C   . ILE A 1 34  ? 0.477   -9.109  10.898  1.00 21.17 ? 497 ILE A C   1 
ATOM   265  O O   . ILE A 1 34  ? -0.327  -10.021 11.066  1.00 19.75 ? 497 ILE A O   1 
ATOM   266  C CB  . ILE A 1 34  ? 2.568   -8.704  12.165  1.00 25.18 ? 497 ILE A CB  1 
ATOM   267  C CG1 . ILE A 1 34  ? 2.738   -10.212 12.379  1.00 27.25 ? 497 ILE A CG1 1 
ATOM   268  C CG2 . ILE A 1 34  ? 3.223   -7.912  13.287  1.00 26.50 ? 497 ILE A CG2 1 
ATOM   269  C CD1 . ILE A 1 34  ? 4.178   -10.664 12.573  1.00 28.90 ? 497 ILE A CD1 1 
ATOM   270  N N   . PHE A 1 35  ? 0.917   -8.716  9.707   1.00 21.48 ? 498 PHE A N   1 
ATOM   271  C CA  . PHE A 1 35  ? 0.510   -9.321  8.445   1.00 21.03 ? 498 PHE A CA  1 
ATOM   272  C C   . PHE A 1 35  ? 1.737   -9.877  7.745   1.00 23.07 ? 498 PHE A C   1 
ATOM   273  O O   . PHE A 1 35  ? 2.843   -9.370  7.922   1.00 24.04 ? 498 PHE A O   1 
ATOM   274  C CB  . PHE A 1 35  ? -0.100  -8.272  7.518   1.00 19.47 ? 498 PHE A CB  1 
ATOM   275  C CG  . PHE A 1 35  ? -1.439  -7.782  7.955   1.00 18.94 ? 498 PHE A CG  1 
ATOM   276  C CD1 . PHE A 1 35  ? -2.551  -8.623  7.907   1.00 17.33 ? 498 PHE A CD1 1 
ATOM   277  C CD2 . PHE A 1 35  ? -1.592  -6.481  8.426   1.00 15.40 ? 498 PHE A CD2 1 
ATOM   278  C CE1 . PHE A 1 35  ? -3.813  -8.165  8.330   1.00 17.66 ? 498 PHE A CE1 1 
ATOM   279  C CE2 . PHE A 1 35  ? -2.832  -6.019  8.846   1.00 17.18 ? 498 PHE A CE2 1 
ATOM   280  C CZ  . PHE A 1 35  ? -3.954  -6.864  8.799   1.00 15.55 ? 498 PHE A CZ  1 
ATOM   281  N N   . LYS A 1 36  ? 1.538   -10.919 6.947   1.00 23.88 ? 499 LYS A N   1 
ATOM   282  C CA  . LYS A 1 36  ? 2.619   -11.507 6.169   1.00 24.54 ? 499 LYS A CA  1 
ATOM   283  C C   . LYS A 1 36  ? 2.129   -11.643 4.749   1.00 23.63 ? 499 LYS A C   1 
ATOM   284  O O   . LYS A 1 36  ? 1.072   -12.223 4.506   1.00 23.52 ? 499 LYS A O   1 
ATOM   285  C CB  . LYS A 1 36  ? 3.007   -12.886 6.710   1.00 27.42 ? 499 LYS A CB  1 
ATOM   286  C CG  . LYS A 1 36  ? 3.945   -12.819 7.894   1.00 29.36 ? 499 LYS A CG  1 
ATOM   287  C CD  . LYS A 1 36  ? 3.971   -14.112 8.664   1.00 29.37 ? 499 LYS A CD  1 
ATOM   288  C CE  . LYS A 1 36  ? 4.849   -13.967 9.883   1.00 32.34 ? 499 LYS A CE  1 
ATOM   289  N NZ  . LYS A 1 36  ? 4.839   -15.195 10.719  1.00 36.99 ? 499 LYS A NZ  1 
ATOM   290  N N   . VAL A 1 37  ? 2.873   -11.083 3.804   1.00 23.59 ? 500 VAL A N   1 
ATOM   291  C CA  . VAL A 1 37  ? 2.469   -11.195 2.412   1.00 23.91 ? 500 VAL A CA  1 
ATOM   292  C C   . VAL A 1 37  ? 3.086   -12.453 1.820   1.00 26.23 ? 500 VAL A C   1 
ATOM   293  O O   . VAL A 1 37  ? 4.297   -12.671 1.927   1.00 27.73 ? 500 VAL A O   1 
ATOM   294  C CB  . VAL A 1 37  ? 2.912   -9.987  1.584   1.00 21.98 ? 500 VAL A CB  1 
ATOM   295  C CG1 . VAL A 1 37  ? 2.465   -10.154 0.145   1.00 21.87 ? 500 VAL A CG1 1 
ATOM   296  C CG2 . VAL A 1 37  ? 2.322   -8.715  2.174   1.00 21.75 ? 500 VAL A CG2 1 
ATOM   297  N N   . GLN A 1 38  ? 2.242   -13.292 1.225   1.00 26.41 ? 501 GLN A N   1 
ATOM   298  C CA  . GLN A 1 38  ? 2.696   -14.522 0.604   1.00 25.87 ? 501 GLN A CA  1 
ATOM   299  C C   . GLN A 1 38  ? 2.273   -14.508 -0.859  1.00 25.32 ? 501 GLN A C   1 
ATOM   300  O O   . GLN A 1 38  ? 1.423   -13.718 -1.260  1.00 24.26 ? 501 GLN A O   1 
ATOM   301  C CB  . GLN A 1 38  ? 2.080   -15.726 1.317   1.00 28.84 ? 501 GLN A CB  1 
ATOM   302  C CG  . GLN A 1 38  ? 2.224   -15.684 2.834   1.00 33.52 ? 501 GLN A CG  1 
ATOM   303  C CD  . GLN A 1 38  ? 1.596   -16.891 3.530   1.00 34.91 ? 501 GLN A CD  1 
ATOM   304  O OE1 . GLN A 1 38  ? 0.481   -17.309 3.203   1.00 36.21 ? 501 GLN A OE1 1 
ATOM   305  N NE2 . GLN A 1 38  ? 2.301   -17.436 4.507   1.00 35.01 ? 501 GLN A NE2 1 
ATOM   306  N N   . TYR A 1 39  ? 2.867   -15.376 -1.663  1.00 24.53 ? 502 TYR A N   1 
ATOM   307  C CA  . TYR A 1 39  ? 2.499   -15.436 -3.066  1.00 26.89 ? 502 TYR A CA  1 
ATOM   308  C C   . TYR A 1 39  ? 3.057   -16.699 -3.664  1.00 26.60 ? 502 TYR A C   1 
ATOM   309  O O   . TYR A 1 39  ? 3.893   -17.356 -3.060  1.00 28.00 ? 502 TYR A O   1 
ATOM   310  C CB  . TYR A 1 39  ? 3.057   -14.219 -3.816  1.00 29.52 ? 502 TYR A CB  1 
ATOM   311  C CG  . TYR A 1 39  ? 4.561   -14.175 -3.838  1.00 28.01 ? 502 TYR A CG  1 
ATOM   312  C CD1 . TYR A 1 39  ? 5.282   -14.736 -4.890  1.00 28.87 ? 502 TYR A CD1 1 
ATOM   313  C CD2 . TYR A 1 39  ? 5.266   -13.657 -2.757  1.00 30.81 ? 502 TYR A CD2 1 
ATOM   314  C CE1 . TYR A 1 39  ? 6.679   -14.787 -4.858  1.00 31.38 ? 502 TYR A CE1 1 
ATOM   315  C CE2 . TYR A 1 39  ? 6.656   -13.703 -2.709  1.00 31.77 ? 502 TYR A CE2 1 
ATOM   316  C CZ  . TYR A 1 39  ? 7.355   -14.267 -3.758  1.00 32.67 ? 502 TYR A CZ  1 
ATOM   317  O OH  . TYR A 1 39  ? 8.729   -14.309 -3.694  1.00 37.03 ? 502 TYR A OH  1 
ATOM   318  N N   . ARG A 1 40  ? 2.573   -17.049 -4.842  1.00 28.04 ? 503 ARG A N   1 
ATOM   319  C CA  . ARG A 1 40  ? 3.068   -18.223 -5.544  1.00 30.72 ? 503 ARG A CA  1 
ATOM   320  C C   . ARG A 1 40  ? 2.659   -18.063 -6.994  1.00 32.21 ? 503 ARG A C   1 
ATOM   321  O O   . ARG A 1 40  ? 1.544   -17.631 -7.285  1.00 31.63 ? 503 ARG A O   1 
ATOM   322  C CB  . ARG A 1 40  ? 2.477   -19.517 -4.955  1.00 29.38 ? 503 ARG A CB  1 
ATOM   323  C CG  . ARG A 1 40  ? 0.994   -19.742 -5.208  1.00 28.42 ? 503 ARG A CG  1 
ATOM   324  C CD  . ARG A 1 40  ? 0.589   -21.167 -4.837  1.00 27.56 ? 503 ARG A CD  1 
ATOM   325  N NE  . ARG A 1 40  ? -0.851  -21.398 -4.946  1.00 27.86 ? 503 ARG A NE  1 
ATOM   326  C CZ  . ARG A 1 40  ? -1.529  -21.530 -6.091  1.00 28.29 ? 503 ARG A CZ  1 
ATOM   327  N NH1 . ARG A 1 40  ? -0.917  -21.462 -7.268  1.00 23.76 ? 503 ARG A NH1 1 
ATOM   328  N NH2 . ARG A 1 40  ? -2.839  -21.736 -6.055  1.00 27.92 ? 503 ARG A NH2 1 
ATOM   329  N N   . MET A 1 41  ? 3.557   -18.389 -7.912  1.00 36.60 ? 504 MET A N   1 
ATOM   330  C CA  . MET A 1 41  ? 3.215   -18.248 -9.320  1.00 41.05 ? 504 MET A CA  1 
ATOM   331  C C   . MET A 1 41  ? 2.383   -19.439 -9.752  1.00 41.15 ? 504 MET A C   1 
ATOM   332  O O   . MET A 1 41  ? 2.574   -20.550 -9.258  1.00 41.94 ? 504 MET A O   1 
ATOM   333  C CB  . MET A 1 41  ? 4.473   -18.110 -10.192 1.00 43.86 ? 504 MET A CB  1 
ATOM   334  C CG  . MET A 1 41  ? 5.254   -19.377 -10.475 1.00 48.63 ? 504 MET A CG  1 
ATOM   335  S SD  . MET A 1 41  ? 6.553   -19.021 -11.723 1.00 54.24 ? 504 MET A SD  1 
ATOM   336  C CE  . MET A 1 41  ? 5.593   -19.022 -13.236 1.00 52.91 ? 504 MET A CE  1 
ATOM   337  N N   . VAL A 1 42  ? 1.432   -19.186 -10.643 1.00 40.62 ? 505 VAL A N   1 
ATOM   338  C CA  . VAL A 1 42  ? 0.556   -20.230 -11.148 1.00 42.48 ? 505 VAL A CA  1 
ATOM   339  C C   . VAL A 1 42  ? 1.359   -21.158 -12.055 1.00 43.34 ? 505 VAL A C   1 
ATOM   340  O O   . VAL A 1 42  ? 2.310   -20.730 -12.713 1.00 40.95 ? 505 VAL A O   1 
ATOM   341  C CB  . VAL A 1 42  ? -0.614  -19.616 -11.948 1.00 42.92 ? 505 VAL A CB  1 
ATOM   342  C CG1 . VAL A 1 42  ? -1.532  -20.712 -12.478 1.00 41.57 ? 505 VAL A CG1 1 
ATOM   343  C CG2 . VAL A 1 42  ? -1.376  -18.650 -11.069 1.00 41.34 ? 505 VAL A CG2 1 
ATOM   344  N N   . GLY A 1 43  ? 0.976   -22.429 -12.077 1.00 45.88 ? 506 GLY A N   1 
ATOM   345  C CA  . GLY A 1 43  ? 1.676   -23.397 -12.905 1.00 49.32 ? 506 GLY A CA  1 
ATOM   346  C C   . GLY A 1 43  ? 2.931   -23.920 -12.232 1.00 51.44 ? 506 GLY A C   1 
ATOM   347  O O   . GLY A 1 43  ? 3.795   -24.522 -12.875 1.00 51.09 ? 506 GLY A O   1 
ATOM   348  N N   . LYS A 1 44  ? 3.034   -23.681 -10.927 1.00 53.21 ? 507 LYS A N   1 
ATOM   349  C CA  . LYS A 1 44  ? 4.183   -24.134 -10.149 1.00 55.06 ? 507 LYS A CA  1 
ATOM   350  C C   . LYS A 1 44  ? 3.621   -24.785 -8.890  1.00 55.35 ? 507 LYS A C   1 
ATOM   351  O O   . LYS A 1 44  ? 2.568   -24.361 -8.401  1.00 56.16 ? 507 LYS A O   1 
ATOM   352  C CB  . LYS A 1 44  ? 5.076   -22.940 -9.786  1.00 55.31 ? 507 LYS A CB  1 
ATOM   353  C CG  . LYS A 1 44  ? 6.445   -23.315 -9.258  1.00 56.30 ? 507 LYS A CG  1 
ATOM   354  C CD  . LYS A 1 44  ? 7.352   -22.096 -9.221  1.00 57.03 ? 507 LYS A CD  1 
ATOM   355  C CE  . LYS A 1 44  ? 8.772   -22.464 -8.801  1.00 57.60 ? 507 LYS A CE  1 
ATOM   356  N NZ  . LYS A 1 44  ? 9.677   -21.276 -8.768  1.00 56.06 ? 507 LYS A NZ  1 
ATOM   357  N N   . ARG A 1 45  ? 4.301   -25.815 -8.380  1.00 54.40 ? 508 ARG A N   1 
ATOM   358  C CA  . ARG A 1 45  ? 3.844   -26.511 -7.173  1.00 52.70 ? 508 ARG A CA  1 
ATOM   359  C C   . ARG A 1 45  ? 3.187   -25.504 -6.241  1.00 51.53 ? 508 ARG A C   1 
ATOM   360  O O   . ARG A 1 45  ? 3.762   -24.450 -5.950  1.00 51.99 ? 508 ARG A O   1 
ATOM   361  C CB  . ARG A 1 45  ? 5.016   -27.192 -6.455  1.00 52.36 ? 508 ARG A CB  1 
ATOM   362  C CG  . ARG A 1 45  ? 5.805   -28.152 -7.319  1.00 53.31 ? 508 ARG A CG  1 
ATOM   363  C CD  . ARG A 1 45  ? 4.907   -29.128 -8.067  1.00 54.06 ? 508 ARG A CD  1 
ATOM   364  N NE  . ARG A 1 45  ? 5.680   -29.946 -8.998  1.00 57.18 ? 508 ARG A NE  1 
ATOM   365  C CZ  . ARG A 1 45  ? 5.157   -30.656 -9.995  1.00 57.16 ? 508 ARG A CZ  1 
ATOM   366  N NH1 . ARG A 1 45  ? 3.847   -30.655 -10.197 1.00 57.90 ? 508 ARG A NH1 1 
ATOM   367  N NH2 . ARG A 1 45  ? 5.947   -31.368 -10.792 1.00 56.66 ? 508 ARG A NH2 1 
ATOM   368  N N   . LYS A 1 46  ? 1.986   -25.828 -5.771  1.00 50.67 ? 509 LYS A N   1 
ATOM   369  C CA  . LYS A 1 46  ? 1.243   -24.917 -4.901  1.00 49.13 ? 509 LYS A CA  1 
ATOM   370  C C   . LYS A 1 46  ? 1.895   -24.632 -3.548  1.00 47.36 ? 509 LYS A C   1 
ATOM   371  O O   . LYS A 1 46  ? 1.290   -24.822 -2.489  1.00 47.74 ? 509 LYS A O   1 
ATOM   372  C CB  . LYS A 1 46  ? -0.194  -25.425 -4.743  1.00 47.64 ? 509 LYS A CB  1 
ATOM   373  C CG  . LYS A 1 46  ? -0.901  -25.462 -6.097  1.00 48.71 ? 509 LYS A CG  1 
ATOM   374  C CD  . LYS A 1 46  ? -2.415  -25.600 -6.020  1.00 48.60 ? 509 LYS A CD  1 
ATOM   375  C CE  . LYS A 1 46  ? -2.990  -25.603 -7.430  1.00 47.98 ? 509 LYS A CE  1 
ATOM   376  N NZ  . LYS A 1 46  ? -4.465  -25.790 -7.457  1.00 49.66 ? 509 LYS A NZ  1 
ATOM   377  N N   . ASN A 1 47  ? 3.138   -24.151 -3.621  1.00 44.93 ? 510 ASN A N   1 
ATOM   378  C CA  . ASN A 1 47  ? 3.949   -23.805 -2.459  1.00 42.24 ? 510 ASN A CA  1 
ATOM   379  C C   . ASN A 1 47  ? 4.113   -22.293 -2.379  1.00 40.49 ? 510 ASN A C   1 
ATOM   380  O O   . ASN A 1 47  ? 4.711   -21.662 -3.255  1.00 39.70 ? 510 ASN A O   1 
ATOM   381  C CB  . ASN A 1 47  ? 5.322   -24.474 -2.568  1.00 42.64 ? 510 ASN A CB  1 
ATOM   382  C CG  . ASN A 1 47  ? 5.260   -25.980 -2.336  1.00 43.57 ? 510 ASN A CG  1 
ATOM   383  O OD1 . ASN A 1 47  ? 6.065   -26.731 -2.884  1.00 43.74 ? 510 ASN A OD1 1 
ATOM   384  N ND2 . ASN A 1 47  ? 4.310   -26.423 -1.508  1.00 42.78 ? 510 ASN A ND2 1 
ATOM   385  N N   . TRP A 1 48  ? 3.574   -21.714 -1.316  1.00 39.71 ? 511 TRP A N   1 
ATOM   386  C CA  . TRP A 1 48  ? 3.637   -20.278 -1.121  1.00 37.98 ? 511 TRP A CA  1 
ATOM   387  C C   . TRP A 1 48  ? 4.947   -19.798 -0.553  1.00 38.02 ? 511 TRP A C   1 
ATOM   388  O O   . TRP A 1 48  ? 5.537   -20.440 0.309   1.00 38.08 ? 511 TRP A O   1 
ATOM   389  C CB  . TRP A 1 48  ? 2.515   -19.835 -0.202  1.00 36.36 ? 511 TRP A CB  1 
ATOM   390  C CG  . TRP A 1 48  ? 1.174   -20.153 -0.731  1.00 34.89 ? 511 TRP A CG  1 
ATOM   391  C CD1 . TRP A 1 48  ? 0.542   -21.361 -0.702  1.00 35.03 ? 511 TRP A CD1 1 
ATOM   392  C CD2 . TRP A 1 48  ? 0.268   -19.235 -1.344  1.00 32.89 ? 511 TRP A CD2 1 
ATOM   393  N NE1 . TRP A 1 48  ? -0.714  -21.250 -1.256  1.00 34.45 ? 511 TRP A NE1 1 
ATOM   394  C CE2 . TRP A 1 48  ? -0.907  -19.956 -1.660  1.00 32.78 ? 511 TRP A CE2 1 
ATOM   395  C CE3 . TRP A 1 48  ? 0.335   -17.876 -1.659  1.00 29.92 ? 511 TRP A CE3 1 
ATOM   396  C CZ2 . TRP A 1 48  ? -2.008  -19.360 -2.267  1.00 32.51 ? 511 TRP A CZ2 1 
ATOM   397  C CZ3 . TRP A 1 48  ? -0.755  -17.280 -2.264  1.00 30.05 ? 511 TRP A CZ3 1 
ATOM   398  C CH2 . TRP A 1 48  ? -1.914  -18.022 -2.564  1.00 33.28 ? 511 TRP A CH2 1 
ATOM   399  N N   . GLN A 1 49  ? 5.403   -18.658 -1.051  1.00 39.78 ? 512 GLN A N   1 
ATOM   400  C CA  . GLN A 1 49  ? 6.639   -18.062 -0.572  1.00 41.55 ? 512 GLN A CA  1 
ATOM   401  C C   . GLN A 1 49  ? 6.231   -16.872 0.280   1.00 42.34 ? 512 GLN A C   1 
ATOM   402  O O   . GLN A 1 49  ? 5.214   -16.230 0.016   1.00 42.58 ? 512 GLN A O   1 
ATOM   403  C CB  . GLN A 1 49  ? 7.508   -17.592 -1.742  1.00 42.31 ? 512 GLN A CB  1 
ATOM   404  C CG  . GLN A 1 49  ? 7.899   -18.699 -2.708  1.00 46.61 ? 512 GLN A CG  1 
ATOM   405  C CD  . GLN A 1 49  ? 8.365   -19.973 -1.998  1.00 48.34 ? 512 GLN A CD  1 
ATOM   406  O OE1 . GLN A 1 49  ? 9.245   -19.933 -1.134  1.00 50.73 ? 512 GLN A OE1 1 
ATOM   407  N NE2 . GLN A 1 49  ? 7.779   -21.109 -2.370  1.00 47.30 ? 512 GLN A NE2 1 
ATOM   408  N N   . THR A 1 50  ? 7.001   -16.588 1.317   1.00 43.10 ? 513 THR A N   1 
ATOM   409  C CA  . THR A 1 50  ? 6.683   -15.453 2.160   1.00 43.49 ? 513 THR A CA  1 
ATOM   410  C C   . THR A 1 50  ? 7.721   -14.367 1.941   1.00 44.80 ? 513 THR A C   1 
ATOM   411  O O   . THR A 1 50  ? 8.920   -14.642 1.878   1.00 43.80 ? 513 THR A O   1 
ATOM   412  C CB  . THR A 1 50  ? 6.679   -15.820 3.659   1.00 42.86 ? 513 THR A CB  1 
ATOM   413  O OG1 . THR A 1 50  ? 5.611   -16.733 3.936   1.00 41.62 ? 513 THR A OG1 1 
ATOM   414  C CG2 . THR A 1 50  ? 6.490   -14.567 4.505   1.00 44.47 ? 513 THR A CG2 1 
ATOM   415  N N   . THR A 1 51  ? 7.254   -13.133 1.808   1.00 47.06 ? 514 THR A N   1 
ATOM   416  C CA  . THR A 1 51  ? 8.152   -12.009 1.641   1.00 49.40 ? 514 THR A CA  1 
ATOM   417  C C   . THR A 1 51  ? 8.807   -11.751 3.010   1.00 52.51 ? 514 THR A C   1 
ATOM   418  O O   . THR A 1 51  ? 8.378   -12.299 4.037   1.00 51.21 ? 514 THR A O   1 
ATOM   419  C CB  . THR A 1 51  ? 7.382   -10.769 1.180   1.00 48.93 ? 514 THR A CB  1 
ATOM   420  O OG1 . THR A 1 51  ? 6.347   -10.478 2.121   1.00 48.65 ? 514 THR A OG1 1 
ATOM   421  C CG2 . THR A 1 51  ? 6.744   -11.019 -0.182  1.00 48.51 ? 514 THR A CG2 1 
ATOM   422  N N   . ASN A 1 52  ? 9.852   -10.933 3.023   1.00 55.00 ? 515 ASN A N   1 
ATOM   423  C CA  . ASN A 1 52  ? 10.565  -10.630 4.261   1.00 56.64 ? 515 ASN A CA  1 
ATOM   424  C C   . ASN A 1 52  ? 10.133  -9.270  4.805   1.00 56.49 ? 515 ASN A C   1 
ATOM   425  O O   . ASN A 1 52  ? 10.944  -8.351  4.918   1.00 57.06 ? 515 ASN A O   1 
ATOM   426  C CB  . ASN A 1 52  ? 12.078  -10.641 3.997   1.00 58.49 ? 515 ASN A CB  1 
ATOM   427  C CG  . ASN A 1 52  ? 12.901  -10.704 5.275   1.00 60.44 ? 515 ASN A CG  1 
ATOM   428  O OD1 . ASN A 1 52  ? 12.973  -9.738  6.037   1.00 61.61 ? 515 ASN A OD1 1 
ATOM   429  N ND2 . ASN A 1 52  ? 13.521  -11.856 5.518   1.00 61.98 ? 515 ASN A ND2 1 
ATOM   430  N N   . ASP A 1 53  ? 8.856   -9.138  5.145   1.00 55.99 ? 516 ASP A N   1 
ATOM   431  C CA  . ASP A 1 53  ? 8.354   -7.870  5.662   1.00 55.03 ? 516 ASP A CA  1 
ATOM   432  C C   . ASP A 1 53  ? 7.124   -8.024  6.541   1.00 52.95 ? 516 ASP A C   1 
ATOM   433  O O   . ASP A 1 53  ? 5.994   -7.969  6.053   1.00 54.06 ? 516 ASP A O   1 
ATOM   434  C CB  . ASP A 1 53  ? 8.028   -6.919  4.498   1.00 57.07 ? 516 ASP A CB  1 
ATOM   435  C CG  . ASP A 1 53  ? 6.833   -7.390  3.661   1.00 60.28 ? 516 ASP A CG  1 
ATOM   436  O OD1 . ASP A 1 53  ? 6.593   -8.617  3.624   1.00 62.77 ? 516 ASP A OD1 1 
ATOM   437  O OD2 . ASP A 1 53  ? 6.147   -6.543  3.032   1.00 58.35 ? 516 ASP A OD2 1 
ATOM   438  N N   . ASN A 1 54  ? 7.324   -8.224  7.840   1.00 48.68 ? 517 ASN A N   1 
ATOM   439  C CA  . ASN A 1 54  ? 6.177   -8.335  8.722   1.00 45.27 ? 517 ASN A CA  1 
ATOM   440  C C   . ASN A 1 54  ? 5.516   -6.962  8.855   1.00 43.41 ? 517 ASN A C   1 
ATOM   441  O O   . ASN A 1 54  ? 6.086   -6.033  9.433   1.00 43.83 ? 517 ASN A O   1 
ATOM   442  C CB  . ASN A 1 54  ? 6.583   -8.854  10.100  1.00 44.55 ? 517 ASN A CB  1 
ATOM   443  C CG  . ASN A 1 54  ? 6.904   -10.329 10.089  1.00 44.20 ? 517 ASN A CG  1 
ATOM   444  O OD1 . ASN A 1 54  ? 6.476   -11.064 9.198   1.00 45.96 ? 517 ASN A OD1 1 
ATOM   445  N ND2 . ASN A 1 54  ? 7.650   -10.777 11.088  1.00 44.34 ? 517 ASN A ND2 1 
ATOM   446  N N   . ILE A 1 55  ? 4.313   -6.845  8.303   1.00 39.42 ? 518 ILE A N   1 
ATOM   447  C CA  . ILE A 1 55  ? 3.560   -5.600  8.343   1.00 37.05 ? 518 ILE A CA  1 
ATOM   448  C C   . ILE A 1 55  ? 2.761   -5.454  9.643   1.00 34.91 ? 518 ILE A C   1 
ATOM   449  O O   . ILE A 1 55  ? 1.893   -6.264  9.942   1.00 34.57 ? 518 ILE A O   1 
ATOM   450  C CB  . ILE A 1 55  ? 2.592   -5.526  7.150   1.00 36.83 ? 518 ILE A CB  1 
ATOM   451  C CG1 . ILE A 1 55  ? 3.379   -5.669  5.850   1.00 35.50 ? 518 ILE A CG1 1 
ATOM   452  C CG2 . ILE A 1 55  ? 1.813   -4.212  7.180   1.00 34.87 ? 518 ILE A CG2 1 
ATOM   453  C CD1 . ILE A 1 55  ? 2.517   -5.849  4.641   1.00 35.43 ? 518 ILE A CD1 1 
ATOM   454  N N   . PRO A 1 56  ? 3.052   -4.411  10.433  1.00 33.68 ? 519 PRO A N   1 
ATOM   455  C CA  . PRO A 1 56  ? 2.333   -4.194  11.695  1.00 31.45 ? 519 PRO A CA  1 
ATOM   456  C C   . PRO A 1 56  ? 0.913   -3.703  11.417  1.00 28.24 ? 519 PRO A C   1 
ATOM   457  O O   . PRO A 1 56  ? 0.642   -3.145  10.355  1.00 27.43 ? 519 PRO A O   1 
ATOM   458  C CB  . PRO A 1 56  ? 3.156   -3.111  12.392  1.00 31.89 ? 519 PRO A CB  1 
ATOM   459  C CG  . PRO A 1 56  ? 4.484   -3.107  11.666  1.00 33.78 ? 519 PRO A CG  1 
ATOM   460  C CD  . PRO A 1 56  ? 4.097   -3.392  10.250  1.00 34.31 ? 519 PRO A CD  1 
ATOM   461  N N   . TYR A 1 57  ? 0.013   -3.910  12.369  1.00 25.02 ? 520 TYR A N   1 
ATOM   462  C CA  . TYR A 1 57  ? -1.358  -3.456  12.207  1.00 25.26 ? 520 TYR A CA  1 
ATOM   463  C C   . TYR A 1 57  ? -1.405  -1.933  12.347  1.00 25.18 ? 520 TYR A C   1 
ATOM   464  O O   . TYR A 1 57  ? -2.150  -1.251  11.637  1.00 26.37 ? 520 TYR A O   1 
ATOM   465  C CB  . TYR A 1 57  ? -2.262  -4.082  13.265  1.00 24.30 ? 520 TYR A CB  1 
ATOM   466  C CG  . TYR A 1 57  ? -3.716  -3.774  13.022  1.00 23.35 ? 520 TYR A CG  1 
ATOM   467  C CD1 . TYR A 1 57  ? -4.502  -4.620  12.241  1.00 20.49 ? 520 TYR A CD1 1 
ATOM   468  C CD2 . TYR A 1 57  ? -4.296  -2.601  13.517  1.00 22.03 ? 520 TYR A CD2 1 
ATOM   469  C CE1 . TYR A 1 57  ? -5.818  -4.314  11.959  1.00 16.50 ? 520 TYR A CE1 1 
ATOM   470  C CE2 . TYR A 1 57  ? -5.619  -2.292  13.235  1.00 20.16 ? 520 TYR A CE2 1 
ATOM   471  C CZ  . TYR A 1 57  ? -6.366  -3.158  12.455  1.00 18.21 ? 520 TYR A CZ  1 
ATOM   472  O OH  . TYR A 1 57  ? -7.672  -2.868  12.164  1.00 23.65 ? 520 TYR A OH  1 
ATOM   473  N N   . GLY A 1 58  ? -0.620  -1.408  13.285  1.00 24.45 ? 521 GLY A N   1 
ATOM   474  C CA  . GLY A 1 58  ? -0.568  0.023   13.492  1.00 24.24 ? 521 GLY A CA  1 
ATOM   475  C C   . GLY A 1 58  ? -1.832  0.664   14.032  1.00 24.88 ? 521 GLY A C   1 
ATOM   476  O O   . GLY A 1 58  ? -2.644  0.028   14.709  1.00 24.56 ? 521 GLY A O   1 
ATOM   477  N N   . LYS A 1 59  ? -1.987  1.945   13.712  1.00 25.39 ? 522 LYS A N   1 
ATOM   478  C CA  . LYS A 1 59  ? -3.121  2.746   14.148  1.00 25.42 ? 522 LYS A CA  1 
ATOM   479  C C   . LYS A 1 59  ? -3.521  3.594   12.950  1.00 25.62 ? 522 LYS A C   1 
ATOM   480  O O   . LYS A 1 59  ? -2.725  3.784   12.031  1.00 27.44 ? 522 LYS A O   1 
ATOM   481  C CB  . LYS A 1 59  ? -2.698  3.653   15.311  1.00 26.17 ? 522 LYS A CB  1 
ATOM   482  C CG  . LYS A 1 59  ? -2.203  2.907   16.555  1.00 26.34 ? 522 LYS A CG  1 
ATOM   483  C CD  . LYS A 1 59  ? -1.513  3.825   17.534  1.00 26.73 ? 522 LYS A CD  1 
ATOM   484  C CE  . LYS A 1 59  ? -2.398  4.973   17.993  1.00 29.08 ? 522 LYS A CE  1 
ATOM   485  N NZ  . LYS A 1 59  ? -3.610  4.498   18.701  1.00 30.08 ? 522 LYS A NZ  1 
ATOM   486  N N   . PRO A 1 60  ? -4.764  4.091   12.925  1.00 24.81 ? 523 PRO A N   1 
ATOM   487  C CA  . PRO A 1 60  ? -5.785  3.864   13.952  1.00 22.58 ? 523 PRO A CA  1 
ATOM   488  C C   . PRO A 1 60  ? -6.378  2.466   13.778  1.00 22.76 ? 523 PRO A C   1 
ATOM   489  O O   . PRO A 1 60  ? -5.875  1.675   12.972  1.00 22.90 ? 523 PRO A O   1 
ATOM   490  C CB  . PRO A 1 60  ? -6.789  4.973   13.676  1.00 22.08 ? 523 PRO A CB  1 
ATOM   491  C CG  . PRO A 1 60  ? -6.728  5.087   12.175  1.00 25.80 ? 523 PRO A CG  1 
ATOM   492  C CD  . PRO A 1 60  ? -5.245  5.030   11.894  1.00 22.46 ? 523 PRO A CD  1 
ATOM   493  N N   . LYS A 1 61  ? -7.443  2.156   14.508  1.00 21.66 ? 524 LYS A N   1 
ATOM   494  C CA  . LYS A 1 61  ? -8.043  0.836   14.414  1.00 22.95 ? 524 LYS A CA  1 
ATOM   495  C C   . LYS A 1 61  ? -8.725  0.619   13.066  1.00 24.02 ? 524 LYS A C   1 
ATOM   496  O O   . LYS A 1 61  ? -8.605  -0.451  12.466  1.00 22.97 ? 524 LYS A O   1 
ATOM   497  C CB  . LYS A 1 61  ? -9.044  0.612   15.553  1.00 24.19 ? 524 LYS A CB  1 
ATOM   498  C CG  . LYS A 1 61  ? -9.193  -0.863  15.901  1.00 28.31 ? 524 LYS A CG  1 
ATOM   499  C CD  . LYS A 1 61  ? -10.277 -1.137  16.942  1.00 32.34 ? 524 LYS A CD  1 
ATOM   500  C CE  . LYS A 1 61  ? -10.330 -2.641  17.266  1.00 34.34 ? 524 LYS A CE  1 
ATOM   501  N NZ  . LYS A 1 61  ? -11.272 -2.984  18.369  1.00 36.74 ? 524 LYS A NZ  1 
ATOM   502  N N   . TRP A 1 62  ? -9.442  1.638   12.597  1.00 24.90 ? 525 TRP A N   1 
ATOM   503  C CA  . TRP A 1 62  ? -10.130 1.579   11.316  1.00 26.21 ? 525 TRP A CA  1 
ATOM   504  C C   . TRP A 1 62  ? -9.863  2.904   10.624  1.00 28.78 ? 525 TRP A C   1 
ATOM   505  O O   . TRP A 1 62  ? -9.673  3.929   11.292  1.00 28.61 ? 525 TRP A O   1 
ATOM   506  C CB  . TRP A 1 62  ? -11.641 1.406   11.523  1.00 25.33 ? 525 TRP A CB  1 
ATOM   507  C CG  . TRP A 1 62  ? -12.008 0.336   12.503  1.00 23.92 ? 525 TRP A CG  1 
ATOM   508  C CD1 . TRP A 1 62  ? -12.715 0.498   13.654  1.00 22.86 ? 525 TRP A CD1 1 
ATOM   509  C CD2 . TRP A 1 62  ? -11.690 -1.065  12.418  1.00 24.53 ? 525 TRP A CD2 1 
ATOM   510  N NE1 . TRP A 1 62  ? -12.864 -0.711  14.294  1.00 21.93 ? 525 TRP A NE1 1 
ATOM   511  C CE2 . TRP A 1 62  ? -12.243 -1.686  13.560  1.00 22.67 ? 525 TRP A CE2 1 
ATOM   512  C CE3 . TRP A 1 62  ? -10.993 -1.855  11.488  1.00 25.96 ? 525 TRP A CE3 1 
ATOM   513  C CZ2 . TRP A 1 62  ? -12.117 -3.062  13.805  1.00 23.55 ? 525 TRP A CZ2 1 
ATOM   514  C CZ3 . TRP A 1 62  ? -10.868 -3.233  11.733  1.00 23.99 ? 525 TRP A CZ3 1 
ATOM   515  C CH2 . TRP A 1 62  ? -11.428 -3.815  12.882  1.00 23.00 ? 525 TRP A CH2 1 
ATOM   516  N N   . ASN A 1 63  ? -9.826  2.885   9.294   1.00 32.34 ? 526 ASN A N   1 
ATOM   517  C CA  . ASN A 1 63  ? -9.595  4.112   8.531   1.00 35.37 ? 526 ASN A CA  1 
ATOM   518  C C   . ASN A 1 63  ? -10.766 4.450   7.615   1.00 37.30 ? 526 ASN A C   1 
ATOM   519  O O   . ASN A 1 63  ? -10.673 5.332   6.763   1.00 37.78 ? 526 ASN A O   1 
ATOM   520  C CB  . ASN A 1 63  ? -8.293  4.040   7.719   1.00 35.00 ? 526 ASN A CB  1 
ATOM   521  C CG  . ASN A 1 63  ? -8.083  2.699   7.045   1.00 36.98 ? 526 ASN A CG  1 
ATOM   522  O OD1 . ASN A 1 63  ? -9.044  2.009   6.674   1.00 34.82 ? 526 ASN A OD1 1 
ATOM   523  N ND2 . ASN A 1 63  ? -6.810  2.325   6.863   1.00 36.83 ? 526 ASN A ND2 1 
ATOM   524  N N   . SER A 1 64  ? -11.869 3.735   7.807   1.00 40.05 ? 527 SER A N   1 
ATOM   525  C CA  . SER A 1 64  ? -13.101 3.948   7.052   1.00 42.44 ? 527 SER A CA  1 
ATOM   526  C C   . SER A 1 64  ? -14.190 3.247   7.859   1.00 42.97 ? 527 SER A C   1 
ATOM   527  O O   . SER A 1 64  ? -13.892 2.547   8.826   1.00 42.26 ? 527 SER A O   1 
ATOM   528  C CB  . SER A 1 64  ? -13.010 3.332   5.651   1.00 44.73 ? 527 SER A CB  1 
ATOM   529  O OG  . SER A 1 64  ? -13.304 1.940   5.671   1.00 50.13 ? 527 SER A OG  1 
ATOM   530  N N   . GLU A 1 65  ? -15.447 3.439   7.482   1.00 43.69 ? 528 GLU A N   1 
ATOM   531  C CA  . GLU A 1 65  ? -16.528 2.791   8.207   1.00 44.52 ? 528 GLU A CA  1 
ATOM   532  C C   . GLU A 1 65  ? -16.541 1.298   7.907   1.00 43.18 ? 528 GLU A C   1 
ATOM   533  O O   . GLU A 1 65  ? -17.053 0.489   8.687   1.00 43.04 ? 528 GLU A O   1 
ATOM   534  C CB  . GLU A 1 65  ? -17.872 3.420   7.835   1.00 48.39 ? 528 GLU A CB  1 
ATOM   535  C CG  . GLU A 1 65  ? -18.163 4.702   8.596   1.00 52.65 ? 528 GLU A CG  1 
ATOM   536  C CD  . GLU A 1 65  ? -18.158 4.488   10.102  1.00 55.29 ? 528 GLU A CD  1 
ATOM   537  O OE1 . GLU A 1 65  ? -19.013 3.722   10.596  1.00 56.90 ? 528 GLU A OE1 1 
ATOM   538  O OE2 . GLU A 1 65  ? -17.299 5.077   10.796  1.00 58.40 ? 528 GLU A OE2 1 
ATOM   539  N N   . LEU A 1 66  ? -15.952 0.942   6.772   1.00 41.20 ? 529 LEU A N   1 
ATOM   540  C CA  . LEU A 1 66  ? -15.877 -0.445  6.331   1.00 37.52 ? 529 LEU A CA  1 
ATOM   541  C C   . LEU A 1 66  ? -14.909 -1.261  7.210   1.00 34.23 ? 529 LEU A C   1 
ATOM   542  O O   . LEU A 1 66  ? -15.209 -2.387  7.604   1.00 32.13 ? 529 LEU A O   1 
ATOM   543  C CB  . LEU A 1 66  ? -15.427 -0.465  4.865   1.00 38.16 ? 529 LEU A CB  1 
ATOM   544  C CG  . LEU A 1 66  ? -15.547 -1.754  4.050   1.00 39.95 ? 529 LEU A CG  1 
ATOM   545  C CD1 . LEU A 1 66  ? -16.977 -2.286  4.121   1.00 39.39 ? 529 LEU A CD1 1 
ATOM   546  C CD2 . LEU A 1 66  ? -15.141 -1.471  2.605   1.00 38.95 ? 529 LEU A CD2 1 
ATOM   547  N N   . GLY A 1 67  ? -13.752 -0.675  7.506   1.00 30.54 ? 530 GLY A N   1 
ATOM   548  C CA  . GLY A 1 67  ? -12.753 -1.344  8.322   1.00 30.06 ? 530 GLY A CA  1 
ATOM   549  C C   . GLY A 1 67  ? -11.425 -0.633  8.146   1.00 28.93 ? 530 GLY A C   1 
ATOM   550  O O   . GLY A 1 67  ? -11.383 0.599   8.120   1.00 30.12 ? 530 GLY A O   1 
ATOM   551  N N   . LYS A 1 68  ? -10.333 -1.381  8.041   1.00 25.77 ? 531 LYS A N   1 
ATOM   552  C CA  . LYS A 1 68  ? -9.043  -0.740  7.830   1.00 24.44 ? 531 LYS A CA  1 
ATOM   553  C C   . LYS A 1 68  ? -8.358  -1.335  6.604   1.00 24.42 ? 531 LYS A C   1 
ATOM   554  O O   . LYS A 1 68  ? -8.283  -2.552  6.454   1.00 24.56 ? 531 LYS A O   1 
ATOM   555  C CB  . LYS A 1 68  ? -8.130  -0.892  9.043   1.00 22.50 ? 531 LYS A CB  1 
ATOM   556  C CG  . LYS A 1 68  ? -6.813  -0.179  8.864   1.00 21.23 ? 531 LYS A CG  1 
ATOM   557  C CD  . LYS A 1 68  ? -5.989  -0.127  10.133  1.00 26.15 ? 531 LYS A CD  1 
ATOM   558  C CE  . LYS A 1 68  ? -4.804  0.830   9.957   1.00 27.14 ? 531 LYS A CE  1 
ATOM   559  N NZ  . LYS A 1 68  ? -4.022  1.020   11.213  1.00 29.17 ? 531 LYS A NZ  1 
ATOM   560  N N   . SER A 1 69  ? -7.861  -0.467  5.733   1.00 22.43 ? 532 SER A N   1 
ATOM   561  C CA  . SER A 1 69  ? -7.193  -0.904  4.522   1.00 23.73 ? 532 SER A CA  1 
ATOM   562  C C   . SER A 1 69  ? -5.692  -0.911  4.738   1.00 22.62 ? 532 SER A C   1 
ATOM   563  O O   . SER A 1 69  ? -5.201  -0.297  5.678   1.00 22.89 ? 532 SER A O   1 
ATOM   564  C CB  . SER A 1 69  ? -7.557  0.029   3.369   1.00 26.48 ? 532 SER A CB  1 
ATOM   565  O OG  . SER A 1 69  ? -7.249  1.378   3.684   1.00 29.09 ? 532 SER A OG  1 
ATOM   566  N N   . PHE A 1 70  ? -4.974  -1.633  3.883   1.00 22.20 ? 533 PHE A N   1 
ATOM   567  C CA  . PHE A 1 70  ? -3.520  -1.717  3.973   1.00 22.26 ? 533 PHE A CA  1 
ATOM   568  C C   . PHE A 1 70  ? -2.927  -1.779  2.581   1.00 24.62 ? 533 PHE A C   1 
ATOM   569  O O   . PHE A 1 70  ? -3.614  -2.106  1.614   1.00 24.24 ? 533 PHE A O   1 
ATOM   570  C CB  . PHE A 1 70  ? -3.081  -2.958  4.744   1.00 22.71 ? 533 PHE A CB  1 
ATOM   571  C CG  . PHE A 1 70  ? -3.333  -2.879  6.214   1.00 21.24 ? 533 PHE A CG  1 
ATOM   572  C CD1 . PHE A 1 70  ? -2.360  -2.373  7.067   1.00 22.15 ? 533 PHE A CD1 1 
ATOM   573  C CD2 . PHE A 1 70  ? -4.550  -3.293  6.746   1.00 20.97 ? 533 PHE A CD2 1 
ATOM   574  C CE1 . PHE A 1 70  ? -2.584  -2.274  8.434   1.00 19.77 ? 533 PHE A CE1 1 
ATOM   575  C CE2 . PHE A 1 70  ? -4.792  -3.203  8.114   1.00 21.86 ? 533 PHE A CE2 1 
ATOM   576  C CZ  . PHE A 1 70  ? -3.804  -2.690  8.963   1.00 20.94 ? 533 PHE A CZ  1 
ATOM   577  N N   . THR A 1 71  ? -1.639  -1.470  2.491   1.00 25.23 ? 534 THR A N   1 
ATOM   578  C CA  . THR A 1 71  ? -0.962  -1.476  1.217   1.00 25.38 ? 534 THR A CA  1 
ATOM   579  C C   . THR A 1 71  ? 0.505   -1.850  1.366   1.00 26.20 ? 534 THR A C   1 
ATOM   580  O O   . THR A 1 71  ? 1.236   -1.268  2.173   1.00 24.31 ? 534 THR A O   1 
ATOM   581  C CB  . THR A 1 71  ? -1.101  -0.093  0.547   1.00 24.76 ? 534 THR A CB  1 
ATOM   582  O OG1 . THR A 1 71  ? -2.470  0.102   0.185   1.00 25.00 ? 534 THR A OG1 1 
ATOM   583  C CG2 . THR A 1 71  ? -0.245  0.005   -0.705  1.00 27.12 ? 534 THR A CG2 1 
ATOM   584  N N   . ALA A 1 72  ? 0.912   -2.843  0.578   1.00 26.69 ? 535 ALA A N   1 
ATOM   585  C CA  . ALA A 1 72  ? 2.286   -3.328  0.560   1.00 26.20 ? 535 ALA A CA  1 
ATOM   586  C C   . ALA A 1 72  ? 2.632   -3.742  -0.859  1.00 27.13 ? 535 ALA A C   1 
ATOM   587  O O   . ALA A 1 72  ? 1.765   -4.118  -1.655  1.00 27.15 ? 535 ALA A O   1 
ATOM   588  C CB  . ALA A 1 72  ? 2.451   -4.505  1.494   1.00 25.68 ? 535 ALA A CB  1 
ATOM   589  N N   . SER A 1 73  ? 3.909   -3.661  -1.186  1.00 27.17 ? 536 SER A N   1 
ATOM   590  C CA  . SER A 1 73  ? 4.340   -4.029  -2.518  1.00 26.66 ? 536 SER A CA  1 
ATOM   591  C C   . SER A 1 73  ? 5.152   -5.303  -2.437  1.00 26.43 ? 536 SER A C   1 
ATOM   592  O O   . SER A 1 73  ? 5.637   -5.676  -1.364  1.00 25.80 ? 536 SER A O   1 
ATOM   593  C CB  . SER A 1 73  ? 5.196   -2.908  -3.113  1.00 25.38 ? 536 SER A CB  1 
ATOM   594  O OG  . SER A 1 73  ? 6.221   -2.548  -2.203  1.00 24.27 ? 536 SER A OG  1 
ATOM   595  N N   . VAL A 1 74  ? 5.278   -5.980  -3.567  1.00 25.60 ? 537 VAL A N   1 
ATOM   596  C CA  . VAL A 1 74  ? 6.086   -7.185  -3.625  1.00 27.13 ? 537 VAL A CA  1 
ATOM   597  C C   . VAL A 1 74  ? 6.989   -6.948  -4.823  1.00 28.00 ? 537 VAL A C   1 
ATOM   598  O O   . VAL A 1 74  ? 6.513   -6.612  -5.906  1.00 28.00 ? 537 VAL A O   1 
ATOM   599  C CB  . VAL A 1 74  ? 5.231   -8.462  -3.850  1.00 27.43 ? 537 VAL A CB  1 
ATOM   600  C CG1 . VAL A 1 74  ? 6.115   -9.712  -3.751  1.00 23.61 ? 537 VAL A CG1 1 
ATOM   601  C CG2 . VAL A 1 74  ? 4.108   -8.516  -2.821  1.00 26.52 ? 537 VAL A CG2 1 
ATOM   602  N N   . THR A 1 75  ? 8.289   -7.089  -4.606  1.00 27.64 ? 538 THR A N   1 
ATOM   603  C CA  . THR A 1 75  ? 9.277   -6.896  -5.648  1.00 31.13 ? 538 THR A CA  1 
ATOM   604  C C   . THR A 1 75  ? 9.987   -8.231  -5.916  1.00 33.39 ? 538 THR A C   1 
ATOM   605  O O   . THR A 1 75  ? 9.657   -9.247  -5.297  1.00 32.70 ? 538 THR A O   1 
ATOM   606  C CB  . THR A 1 75  ? 10.301  -5.850  -5.198  1.00 31.56 ? 538 THR A CB  1 
ATOM   607  O OG1 . THR A 1 75  ? 10.974  -6.327  -4.027  1.00 34.27 ? 538 THR A OG1 1 
ATOM   608  C CG2 . THR A 1 75  ? 9.601   -4.529  -4.851  1.00 33.47 ? 538 THR A CG2 1 
ATOM   609  N N   . ASP A 1 76  ? 10.952  -8.237  -6.836  1.00 34.88 ? 539 ASP A N   1 
ATOM   610  C CA  . ASP A 1 76  ? 11.694  -9.464  -7.152  1.00 37.74 ? 539 ASP A CA  1 
ATOM   611  C C   . ASP A 1 76  ? 10.870  -10.509 -7.899  1.00 37.41 ? 539 ASP A C   1 
ATOM   612  O O   . ASP A 1 76  ? 11.192  -11.695 -7.870  1.00 39.29 ? 539 ASP A O   1 
ATOM   613  C CB  . ASP A 1 76  ? 12.236  -10.119 -5.875  1.00 41.21 ? 539 ASP A CB  1 
ATOM   614  C CG  . ASP A 1 76  ? 13.292  -9.281  -5.181  1.00 45.46 ? 539 ASP A CG  1 
ATOM   615  O OD1 . ASP A 1 76  ? 14.397  -9.137  -5.749  1.00 46.44 ? 539 ASP A OD1 1 
ATOM   616  O OD2 . ASP A 1 76  ? 13.013  -8.770  -4.067  1.00 47.81 ? 539 ASP A OD2 1 
ATOM   617  N N   . LEU A 1 77  ? 9.798   -10.089 -8.551  1.00 36.64 ? 540 LEU A N   1 
ATOM   618  C CA  . LEU A 1 77  ? 8.983   -11.043 -9.283  1.00 36.46 ? 540 LEU A CA  1 
ATOM   619  C C   . LEU A 1 77  ? 9.474   -11.095 -10.735 1.00 37.81 ? 540 LEU A C   1 
ATOM   620  O O   . LEU A 1 77  ? 10.035  -10.117 -11.243 1.00 36.75 ? 540 LEU A O   1 
ATOM   621  C CB  . LEU A 1 77  ? 7.511   -10.633 -9.215  1.00 32.12 ? 540 LEU A CB  1 
ATOM   622  C CG  . LEU A 1 77  ? 6.944   -10.455 -7.798  1.00 32.75 ? 540 LEU A CG  1 
ATOM   623  C CD1 . LEU A 1 77  ? 5.498   -10.020 -7.881  1.00 29.33 ? 540 LEU A CD1 1 
ATOM   624  C CD2 . LEU A 1 77  ? 7.049   -11.756 -7.003  1.00 32.68 ? 540 LEU A CD2 1 
ATOM   625  N N   . LYS A 1 78  ? 9.281   -12.236 -11.390 1.00 39.43 ? 541 LYS A N   1 
ATOM   626  C CA  . LYS A 1 78  ? 9.712   -12.396 -12.777 1.00 41.20 ? 541 LYS A CA  1 
ATOM   627  C C   . LYS A 1 78  ? 8.561   -12.060 -13.725 1.00 41.21 ? 541 LYS A C   1 
ATOM   628  O O   . LYS A 1 78  ? 7.401   -12.352 -13.431 1.00 42.27 ? 541 LYS A O   1 
ATOM   629  C CB  . LYS A 1 78  ? 10.186  -13.828 -13.012 1.00 42.49 ? 541 LYS A CB  1 
ATOM   630  C CG  . LYS A 1 78  ? 11.215  -14.306 -11.997 1.00 47.03 ? 541 LYS A CG  1 
ATOM   631  C CD  . LYS A 1 78  ? 11.797  -15.676 -12.369 1.00 50.75 ? 541 LYS A CD  1 
ATOM   632  C CE  . LYS A 1 78  ? 10.734  -16.773 -12.385 1.00 52.80 ? 541 LYS A CE  1 
ATOM   633  N NZ  . LYS A 1 78  ? 11.302  -18.111 -12.732 1.00 54.39 ? 541 LYS A NZ  1 
ATOM   634  N N   . PRO A 1 79  ? 8.867   -11.429 -14.869 1.00 40.66 ? 542 PRO A N   1 
ATOM   635  C CA  . PRO A 1 79  ? 7.857   -11.048 -15.863 1.00 40.64 ? 542 PRO A CA  1 
ATOM   636  C C   . PRO A 1 79  ? 7.340   -12.211 -16.696 1.00 40.28 ? 542 PRO A C   1 
ATOM   637  O O   . PRO A 1 79  ? 7.984   -13.250 -16.797 1.00 41.27 ? 542 PRO A O   1 
ATOM   638  C CB  . PRO A 1 79  ? 8.590   -10.019 -16.723 1.00 39.93 ? 542 PRO A CB  1 
ATOM   639  C CG  . PRO A 1 79  ? 9.636   -9.477  -15.804 1.00 39.03 ? 542 PRO A CG  1 
ATOM   640  C CD  . PRO A 1 79  ? 10.129  -10.725 -15.142 1.00 41.08 ? 542 PRO A CD  1 
ATOM   641  N N   . GLN A 1 80  ? 6.177   -12.010 -17.303 1.00 39.93 ? 543 GLN A N   1 
ATOM   642  C CA  . GLN A 1 80  ? 5.548   -13.021 -18.141 1.00 40.75 ? 543 GLN A CA  1 
ATOM   643  C C   . GLN A 1 80  ? 5.158   -14.271 -17.370 1.00 38.79 ? 543 GLN A C   1 
ATOM   644  O O   . GLN A 1 80  ? 5.101   -15.364 -17.924 1.00 40.30 ? 543 GLN A O   1 
ATOM   645  C CB  . GLN A 1 80  ? 6.465   -13.390 -19.314 1.00 43.04 ? 543 GLN A CB  1 
ATOM   646  C CG  . GLN A 1 80  ? 6.200   -12.577 -20.585 1.00 46.50 ? 543 GLN A CG  1 
ATOM   647  C CD  . GLN A 1 80  ? 7.240   -12.820 -21.659 1.00 46.98 ? 543 GLN A CD  1 
ATOM   648  O OE1 . GLN A 1 80  ? 6.986   -12.614 -22.846 1.00 46.25 ? 543 GLN A OE1 1 
ATOM   649  N NE2 . GLN A 1 80  ? 8.429   -13.253 -21.244 1.00 47.75 ? 543 GLN A NE2 1 
ATOM   650  N N   . HIS A 1 81  ? 4.889   -14.098 -16.084 1.00 36.69 ? 544 HIS A N   1 
ATOM   651  C CA  . HIS A 1 81  ? 4.483   -15.195 -15.229 1.00 33.89 ? 544 HIS A CA  1 
ATOM   652  C C   . HIS A 1 81  ? 3.217   -14.778 -14.500 1.00 33.20 ? 544 HIS A C   1 
ATOM   653  O O   . HIS A 1 81  ? 3.032   -13.597 -14.188 1.00 33.41 ? 544 HIS A O   1 
ATOM   654  C CB  . HIS A 1 81  ? 5.582   -15.514 -14.215 1.00 35.45 ? 544 HIS A CB  1 
ATOM   655  C CG  . HIS A 1 81  ? 6.791   -16.160 -14.817 1.00 35.80 ? 544 HIS A CG  1 
ATOM   656  N ND1 . HIS A 1 81  ? 6.736   -17.365 -15.483 1.00 36.62 ? 544 HIS A ND1 1 
ATOM   657  C CD2 . HIS A 1 81  ? 8.085   -15.769 -14.852 1.00 35.68 ? 544 HIS A CD2 1 
ATOM   658  C CE1 . HIS A 1 81  ? 7.947   -17.688 -15.904 1.00 35.82 ? 544 HIS A CE1 1 
ATOM   659  N NE2 . HIS A 1 81  ? 8.782   -16.737 -15.534 1.00 35.70 ? 544 HIS A NE2 1 
ATOM   660  N N   . THR A 1 82  ? 2.340   -15.745 -14.246 1.00 31.12 ? 545 THR A N   1 
ATOM   661  C CA  . THR A 1 82  ? 1.093   -15.481 -13.537 1.00 29.22 ? 545 THR A CA  1 
ATOM   662  C C   . THR A 1 82  ? 1.275   -15.800 -12.047 1.00 28.29 ? 545 THR A C   1 
ATOM   663  O O   . THR A 1 82  ? 1.938   -16.778 -11.685 1.00 28.24 ? 545 THR A O   1 
ATOM   664  C CB  . THR A 1 82  ? -0.058  -16.335 -14.113 1.00 28.81 ? 545 THR A CB  1 
ATOM   665  O OG1 . THR A 1 82  ? -0.261  -15.996 -15.494 1.00 27.71 ? 545 THR A OG1 1 
ATOM   666  C CG2 . THR A 1 82  ? -1.351  -16.089 -13.330 1.00 28.09 ? 545 THR A CG2 1 
ATOM   667  N N   . TYR A 1 83  ? 0.690   -14.972 -11.187 1.00 26.54 ? 546 TYR A N   1 
ATOM   668  C CA  . TYR A 1 83  ? 0.805   -15.166 -9.735  1.00 24.59 ? 546 TYR A CA  1 
ATOM   669  C C   . TYR A 1 83  ? -0.544  -15.097 -9.014  1.00 23.03 ? 546 TYR A C   1 
ATOM   670  O O   . TYR A 1 83  ? -1.563  -14.689 -9.578  1.00 22.26 ? 546 TYR A O   1 
ATOM   671  C CB  . TYR A 1 83  ? 1.716   -14.089 -9.118  1.00 24.31 ? 546 TYR A CB  1 
ATOM   672  C CG  . TYR A 1 83  ? 3.178   -14.125 -9.524  1.00 25.57 ? 546 TYR A CG  1 
ATOM   673  C CD1 . TYR A 1 83  ? 4.135   -14.744 -8.719  1.00 26.40 ? 546 TYR A CD1 1 
ATOM   674  C CD2 . TYR A 1 83  ? 3.603   -13.548 -10.724 1.00 25.95 ? 546 TYR A CD2 1 
ATOM   675  C CE1 . TYR A 1 83  ? 5.482   -14.792 -9.101  1.00 25.77 ? 546 TYR A CE1 1 
ATOM   676  C CE2 . TYR A 1 83  ? 4.934   -13.593 -11.116 1.00 24.17 ? 546 TYR A CE2 1 
ATOM   677  C CZ  . TYR A 1 83  ? 5.872   -14.214 -10.305 1.00 26.20 ? 546 TYR A CZ  1 
ATOM   678  O OH  . TYR A 1 83  ? 7.192   -14.268 -10.709 1.00 27.26 ? 546 TYR A OH  1 
ATOM   679  N N   . ARG A 1 84  ? -0.523  -15.518 -7.757  1.00 21.88 ? 547 ARG A N   1 
ATOM   680  C CA  . ARG A 1 84  ? -1.672  -15.464 -6.870  1.00 21.18 ? 547 ARG A CA  1 
ATOM   681  C C   . ARG A 1 84  ? -1.059  -14.954 -5.572  1.00 20.64 ? 547 ARG A C   1 
ATOM   682  O O   . ARG A 1 84  ? 0.079   -15.298 -5.233  1.00 19.60 ? 547 ARG A O   1 
ATOM   683  C CB  . ARG A 1 84  ? -2.301  -16.841 -6.626  1.00 20.95 ? 547 ARG A CB  1 
ATOM   684  C CG  . ARG A 1 84  ? -3.367  -17.265 -7.637  1.00 23.83 ? 547 ARG A CG  1 
ATOM   685  C CD  . ARG A 1 84  ? -4.028  -18.571 -7.201  1.00 24.28 ? 547 ARG A CD  1 
ATOM   686  N NE  . ARG A 1 84  ? -4.892  -19.187 -8.213  1.00 25.80 ? 547 ARG A NE  1 
ATOM   687  C CZ  . ARG A 1 84  ? -6.045  -18.683 -8.664  1.00 25.44 ? 547 ARG A CZ  1 
ATOM   688  N NH1 . ARG A 1 84  ? -6.513  -17.529 -8.212  1.00 24.96 ? 547 ARG A NH1 1 
ATOM   689  N NH2 . ARG A 1 84  ? -6.754  -19.362 -9.552  1.00 24.61 ? 547 ARG A NH2 1 
ATOM   690  N N   . PHE A 1 85  ? -1.800  -14.120 -4.855  1.00 19.63 ? 548 PHE A N   1 
ATOM   691  C CA  . PHE A 1 85  ? -1.307  -13.577 -3.602  1.00 19.50 ? 548 PHE A CA  1 
ATOM   692  C C   . PHE A 1 85  ? -2.309  -13.815 -2.487  1.00 20.02 ? 548 PHE A C   1 
ATOM   693  O O   . PHE A 1 85  ? -3.477  -14.114 -2.734  1.00 20.05 ? 548 PHE A O   1 
ATOM   694  C CB  . PHE A 1 85  ? -1.057  -12.074 -3.756  1.00 14.74 ? 548 PHE A CB  1 
ATOM   695  C CG  . PHE A 1 85  ? -0.078  -11.736 -4.848  1.00 17.22 ? 548 PHE A CG  1 
ATOM   696  C CD1 . PHE A 1 85  ? 1.272   -11.565 -4.565  1.00 16.82 ? 548 PHE A CD1 1 
ATOM   697  C CD2 . PHE A 1 85  ? -0.502  -11.618 -6.175  1.00 13.10 ? 548 PHE A CD2 1 
ATOM   698  C CE1 . PHE A 1 85  ? 2.192   -11.276 -5.589  1.00 16.79 ? 548 PHE A CE1 1 
ATOM   699  C CE2 . PHE A 1 85  ? 0.400   -11.335 -7.192  1.00 14.04 ? 548 PHE A CE2 1 
ATOM   700  C CZ  . PHE A 1 85  ? 1.756   -11.161 -6.899  1.00 14.38 ? 548 PHE A CZ  1 
ATOM   701  N N   . ARG A 1 86  ? -1.837  -13.725 -1.252  1.00 21.88 ? 549 ARG A N   1 
ATOM   702  C CA  . ARG A 1 86  ? -2.734  -13.850 -0.119  1.00 23.51 ? 549 ARG A CA  1 
ATOM   703  C C   . ARG A 1 86  ? -2.078  -13.201 1.075   1.00 22.19 ? 549 ARG A C   1 
ATOM   704  O O   . ARG A 1 86  ? -0.860  -13.028 1.089   1.00 22.26 ? 549 ARG A O   1 
ATOM   705  C CB  . ARG A 1 86  ? -3.093  -15.304 0.173   1.00 23.02 ? 549 ARG A CB  1 
ATOM   706  C CG  . ARG A 1 86  ? -1.976  -16.150 0.707   1.00 27.93 ? 549 ARG A CG  1 
ATOM   707  C CD  . ARG A 1 86  ? -2.544  -17.489 1.125   1.00 28.65 ? 549 ARG A CD  1 
ATOM   708  N NE  . ARG A 1 86  ? -1.521  -18.390 1.627   1.00 32.14 ? 549 ARG A NE  1 
ATOM   709  C CZ  . ARG A 1 86  ? -1.778  -19.576 2.162   1.00 34.50 ? 549 ARG A CZ  1 
ATOM   710  N NH1 . ARG A 1 86  ? -3.031  -19.999 2.265   1.00 34.28 ? 549 ARG A NH1 1 
ATOM   711  N NH2 . ARG A 1 86  ? -0.779  -20.339 2.588   1.00 37.55 ? 549 ARG A NH2 1 
ATOM   712  N N   . ILE A 1 87  ? -2.899  -12.819 2.053   1.00 21.31 ? 550 ILE A N   1 
ATOM   713  C CA  . ILE A 1 87  ? -2.424  -12.173 3.263   1.00 18.07 ? 550 ILE A CA  1 
ATOM   714  C C   . ILE A 1 87  ? -2.590  -13.076 4.474   1.00 20.44 ? 550 ILE A C   1 
ATOM   715  O O   . ILE A 1 87  ? -3.658  -13.674 4.693   1.00 20.29 ? 550 ILE A O   1 
ATOM   716  C CB  . ILE A 1 87  ? -3.213  -10.876 3.540   1.00 17.06 ? 550 ILE A CB  1 
ATOM   717  C CG1 . ILE A 1 87  ? -3.250  -9.995  2.280   1.00 18.60 ? 550 ILE A CG1 1 
ATOM   718  C CG2 . ILE A 1 87  ? -2.610  -10.151 4.732   1.00 15.63 ? 550 ILE A CG2 1 
ATOM   719  C CD1 . ILE A 1 87  ? -1.860  -9.640  1.693   1.00 18.05 ? 550 ILE A CD1 1 
ATOM   720  N N   . LEU A 1 88  ? -1.534  -13.160 5.276   1.00 21.50 ? 551 LEU A N   1 
ATOM   721  C CA  . LEU A 1 88  ? -1.567  -13.968 6.486   1.00 20.19 ? 551 LEU A CA  1 
ATOM   722  C C   . LEU A 1 88  ? -1.645  -13.001 7.652   1.00 20.45 ? 551 LEU A C   1 
ATOM   723  O O   . LEU A 1 88  ? -0.842  -12.076 7.752   1.00 22.07 ? 551 LEU A O   1 
ATOM   724  C CB  . LEU A 1 88  ? -0.312  -14.830 6.586   1.00 20.88 ? 551 LEU A CB  1 
ATOM   725  C CG  . LEU A 1 88  ? -0.308  -15.880 7.700   1.00 25.26 ? 551 LEU A CG  1 
ATOM   726  C CD1 . LEU A 1 88  ? 0.598   -17.039 7.319   1.00 28.67 ? 551 LEU A CD1 1 
ATOM   727  C CD2 . LEU A 1 88  ? 0.152   -15.250 8.994   1.00 26.33 ? 551 LEU A CD2 1 
ATOM   728  N N   . ALA A 1 89  ? -2.626  -13.205 8.525   1.00 19.91 ? 552 ALA A N   1 
ATOM   729  C CA  . ALA A 1 89  ? -2.813  -12.339 9.671   1.00 19.82 ? 552 ALA A CA  1 
ATOM   730  C C   . ALA A 1 89  ? -2.501  -13.094 10.964  1.00 22.41 ? 552 ALA A C   1 
ATOM   731  O O   . ALA A 1 89  ? -3.045  -14.179 11.212  1.00 23.99 ? 552 ALA A O   1 
ATOM   732  C CB  . ALA A 1 89  ? -4.243  -11.826 9.686   1.00 16.38 ? 552 ALA A CB  1 
ATOM   733  N N   . VAL A 1 90  ? -1.612  -12.538 11.784  1.00 21.66 ? 553 VAL A N   1 
ATOM   734  C CA  . VAL A 1 90  ? -1.268  -13.184 13.055  1.00 19.52 ? 553 VAL A CA  1 
ATOM   735  C C   . VAL A 1 90  ? -1.977  -12.388 14.125  1.00 18.88 ? 553 VAL A C   1 
ATOM   736  O O   . VAL A 1 90  ? -1.819  -11.176 14.208  1.00 19.46 ? 553 VAL A O   1 
ATOM   737  C CB  . VAL A 1 90  ? 0.258   -13.165 13.307  1.00 19.60 ? 553 VAL A CB  1 
ATOM   738  C CG1 . VAL A 1 90  ? 0.606   -14.061 14.477  1.00 16.98 ? 553 VAL A CG1 1 
ATOM   739  C CG2 . VAL A 1 90  ? 0.996   -13.622 12.045  1.00 18.21 ? 553 VAL A CG2 1 
ATOM   740  N N   . TYR A 1 91  ? -2.777  -13.061 14.939  1.00 20.65 ? 554 TYR A N   1 
ATOM   741  C CA  . TYR A 1 91  ? -3.528  -12.367 15.974  1.00 23.36 ? 554 TYR A CA  1 
ATOM   742  C C   . TYR A 1 91  ? -2.777  -12.282 17.283  1.00 25.59 ? 554 TYR A C   1 
ATOM   743  O O   . TYR A 1 91  ? -1.673  -12.820 17.411  1.00 24.31 ? 554 TYR A O   1 
ATOM   744  C CB  . TYR A 1 91  ? -4.890  -13.044 16.167  1.00 23.62 ? 554 TYR A CB  1 
ATOM   745  C CG  . TYR A 1 91  ? -5.657  -13.108 14.870  1.00 23.16 ? 554 TYR A CG  1 
ATOM   746  C CD1 . TYR A 1 91  ? -5.302  -14.026 13.884  1.00 24.26 ? 554 TYR A CD1 1 
ATOM   747  C CD2 . TYR A 1 91  ? -6.667  -12.189 14.584  1.00 22.52 ? 554 TYR A CD2 1 
ATOM   748  C CE1 . TYR A 1 91  ? -5.922  -14.022 12.645  1.00 25.85 ? 554 TYR A CE1 1 
ATOM   749  C CE2 . TYR A 1 91  ? -7.302  -12.177 13.343  1.00 22.91 ? 554 TYR A CE2 1 
ATOM   750  C CZ  . TYR A 1 91  ? -6.916  -13.097 12.377  1.00 25.78 ? 554 TYR A CZ  1 
ATOM   751  O OH  . TYR A 1 91  ? -7.491  -13.085 11.125  1.00 28.24 ? 554 TYR A OH  1 
ATOM   752  N N   . SER A 1 92  ? -3.380  -11.597 18.250  1.00 28.06 ? 555 SER A N   1 
ATOM   753  C CA  . SER A 1 92  ? -2.754  -11.415 19.553  1.00 30.27 ? 555 SER A CA  1 
ATOM   754  C C   . SER A 1 92  ? -2.505  -12.736 20.270  1.00 29.82 ? 555 SER A C   1 
ATOM   755  O O   . SER A 1 92  ? -1.509  -12.898 20.963  1.00 29.12 ? 555 SER A O   1 
ATOM   756  C CB  . SER A 1 92  ? -3.615  -10.483 20.420  1.00 30.50 ? 555 SER A CB  1 
ATOM   757  O OG  . SER A 1 92  ? -4.965  -10.927 20.474  1.00 33.27 ? 555 SER A OG  1 
ATOM   758  N N   . ASN A 1 93  ? -3.406  -13.688 20.081  1.00 32.67 ? 556 ASN A N   1 
ATOM   759  C CA  . ASN A 1 93  ? -3.286  -14.988 20.730  1.00 34.27 ? 556 ASN A CA  1 
ATOM   760  C C   . ASN A 1 93  ? -2.343  -15.904 19.960  1.00 35.23 ? 556 ASN A C   1 
ATOM   761  O O   . ASN A 1 93  ? -2.204  -17.083 20.289  1.00 35.77 ? 556 ASN A O   1 
ATOM   762  C CB  . ASN A 1 93  ? -4.664  -15.631 20.834  1.00 33.27 ? 556 ASN A CB  1 
ATOM   763  C CG  . ASN A 1 93  ? -5.076  -16.305 19.558  1.00 32.16 ? 556 ASN A CG  1 
ATOM   764  O OD1 . ASN A 1 93  ? -4.621  -15.939 18.472  1.00 32.05 ? 556 ASN A OD1 1 
ATOM   765  N ND2 . ASN A 1 93  ? -5.951  -17.301 19.674  1.00 32.38 ? 556 ASN A ND2 1 
ATOM   766  N N   . ASN A 1 94  ? -1.725  -15.345 18.920  1.00 36.65 ? 557 ASN A N   1 
ATOM   767  C CA  . ASN A 1 94  ? -0.770  -16.039 18.060  1.00 37.19 ? 557 ASN A CA  1 
ATOM   768  C C   . ASN A 1 94  ? -1.334  -16.944 16.964  1.00 37.54 ? 557 ASN A C   1 
ATOM   769  O O   . ASN A 1 94  ? -0.567  -17.527 16.201  1.00 35.08 ? 557 ASN A O   1 
ATOM   770  C CB  . ASN A 1 94  ? 0.233   -16.822 18.907  1.00 39.38 ? 557 ASN A CB  1 
ATOM   771  C CG  . ASN A 1 94  ? 1.406   -17.340 18.089  1.00 41.61 ? 557 ASN A CG  1 
ATOM   772  O OD1 . ASN A 1 94  ? 1.903   -16.656 17.192  1.00 42.96 ? 557 ASN A OD1 1 
ATOM   773  N ND2 . ASN A 1 94  ? 1.865   -18.549 18.406  1.00 42.67 ? 557 ASN A ND2 1 
ATOM   774  N N   . ASP A 1 95  ? -2.657  -17.064 16.869  1.00 37.98 ? 558 ASP A N   1 
ATOM   775  C CA  . ASP A 1 95  ? -3.243  -17.899 15.811  1.00 39.97 ? 558 ASP A CA  1 
ATOM   776  C C   . ASP A 1 95  ? -2.892  -17.291 14.449  1.00 40.08 ? 558 ASP A C   1 
ATOM   777  O O   . ASP A 1 95  ? -2.445  -16.145 14.369  1.00 39.95 ? 558 ASP A O   1 
ATOM   778  C CB  . ASP A 1 95  ? -4.778  -17.964 15.906  1.00 40.00 ? 558 ASP A CB  1 
ATOM   779  C CG  . ASP A 1 95  ? -5.273  -18.598 17.192  1.00 44.26 ? 558 ASP A CG  1 
ATOM   780  O OD1 . ASP A 1 95  ? -4.499  -19.354 17.830  1.00 43.57 ? 558 ASP A OD1 1 
ATOM   781  O OD2 . ASP A 1 95  ? -6.454  -18.351 17.552  1.00 44.15 ? 558 ASP A OD2 1 
ATOM   782  N N   . ASN A 1 96  ? -3.101  -18.062 13.382  1.00 40.52 ? 559 ASN A N   1 
ATOM   783  C CA  . ASN A 1 96  ? -2.845  -17.589 12.015  1.00 39.96 ? 559 ASN A CA  1 
ATOM   784  C C   . ASN A 1 96  ? -4.070  -17.835 11.144  1.00 39.07 ? 559 ASN A C   1 
ATOM   785  O O   . ASN A 1 96  ? -4.672  -18.916 11.194  1.00 39.05 ? 559 ASN A O   1 
ATOM   786  C CB  . ASN A 1 96  ? -1.672  -18.326 11.350  1.00 40.17 ? 559 ASN A CB  1 
ATOM   787  C CG  . ASN A 1 96  ? -0.332  -17.968 11.945  1.00 43.68 ? 559 ASN A CG  1 
ATOM   788  O OD1 . ASN A 1 96  ? 0.714   -18.289 11.374  1.00 44.54 ? 559 ASN A OD1 1 
ATOM   789  N ND2 . ASN A 1 96  ? -0.349  -17.306 13.096  1.00 47.08 ? 559 ASN A ND2 1 
ATOM   790  N N   . LYS A 1 97  ? -4.438  -16.830 10.355  1.00 35.54 ? 560 LYS A N   1 
ATOM   791  C CA  . LYS A 1 97  ? -5.548  -16.967 9.429   1.00 34.54 ? 560 LYS A CA  1 
ATOM   792  C C   . LYS A 1 97  ? -5.182  -16.302 8.128   1.00 33.92 ? 560 LYS A C   1 
ATOM   793  O O   . LYS A 1 97  ? -4.652  -15.196 8.098   1.00 32.70 ? 560 LYS A O   1 
ATOM   794  C CB  . LYS A 1 97  ? -6.843  -16.382 9.986   1.00 35.60 ? 560 LYS A CB  1 
ATOM   795  C CG  . LYS A 1 97  ? -7.599  -17.391 10.841  1.00 37.99 ? 560 LYS A CG  1 
ATOM   796  C CD  . LYS A 1 97  ? -9.090  -17.131 10.842  1.00 40.15 ? 560 LYS A CD  1 
ATOM   797  C CE  . LYS A 1 97  ? -9.811  -18.183 11.666  1.00 42.45 ? 560 LYS A CE  1 
ATOM   798  N NZ  . LYS A 1 97  ? -11.280 -17.942 11.711  1.00 45.30 ? 560 LYS A NZ  1 
ATOM   799  N N   . GLU A 1 98  ? -5.448  -17.007 7.044   1.00 33.38 ? 561 GLU A N   1 
ATOM   800  C CA  . GLU A 1 98  ? -5.124  -16.505 5.733   1.00 32.12 ? 561 GLU A CA  1 
ATOM   801  C C   . GLU A 1 98  ? -6.370  -16.051 5.014   1.00 28.79 ? 561 GLU A C   1 
ATOM   802  O O   . GLU A 1 98  ? -7.412  -16.695 5.095   1.00 28.21 ? 561 GLU A O   1 
ATOM   803  C CB  . GLU A 1 98  ? -4.433  -17.595 4.908   1.00 35.60 ? 561 GLU A CB  1 
ATOM   804  C CG  . GLU A 1 98  ? -3.223  -18.235 5.587   1.00 41.22 ? 561 GLU A CG  1 
ATOM   805  C CD  . GLU A 1 98  ? -3.601  -19.382 6.512   1.00 44.38 ? 561 GLU A CD  1 
ATOM   806  O OE1 . GLU A 1 98  ? -4.819  -19.603 6.726   1.00 47.07 ? 561 GLU A OE1 1 
ATOM   807  O OE2 . GLU A 1 98  ? -2.682  -20.063 7.030   1.00 46.06 ? 561 GLU A OE2 1 
ATOM   808  N N   . SER A 1 99  ? -6.254  -14.926 4.322   1.00 24.83 ? 562 SER A N   1 
ATOM   809  C CA  . SER A 1 99  ? -7.353  -14.395 3.536   1.00 21.96 ? 562 SER A CA  1 
ATOM   810  C C   . SER A 1 99  ? -7.534  -15.353 2.376   1.00 20.03 ? 562 SER A C   1 
ATOM   811  O O   . SER A 1 99  ? -6.733  -16.263 2.178   1.00 19.76 ? 562 SER A O   1 
ATOM   812  C CB  . SER A 1 99  ? -6.958  -13.051 2.944   1.00 22.54 ? 562 SER A CB  1 
ATOM   813  O OG  . SER A 1 99  ? -5.908  -13.254 2.007   1.00 17.82 ? 562 SER A OG  1 
ATOM   814  N N   . ASN A 1 100 ? -8.582  -15.143 1.594   1.00 20.48 ? 563 ASN A N   1 
ATOM   815  C CA  . ASN A 1 100 ? -8.792  -15.964 0.415   1.00 18.23 ? 563 ASN A CA  1 
ATOM   816  C C   . ASN A 1 100 ? -7.750  -15.500 -0.582  1.00 18.20 ? 563 ASN A C   1 
ATOM   817  O O   . ASN A 1 100 ? -7.206  -14.410 -0.448  1.00 15.42 ? 563 ASN A O   1 
ATOM   818  C CB  . ASN A 1 100 ? -10.196 -15.755 -0.135  1.00 17.37 ? 563 ASN A CB  1 
ATOM   819  C CG  . ASN A 1 100 ? -11.245 -16.352 0.762   1.00 15.32 ? 563 ASN A CG  1 
ATOM   820  O OD1 . ASN A 1 100 ? -11.100 -17.484 1.206   1.00 18.60 ? 563 ASN A OD1 1 
ATOM   821  N ND2 . ASN A 1 100 ? -12.302 -15.606 1.032   1.00 12.84 ? 563 ASN A ND2 1 
ATOM   822  N N   . THR A 1 101 ? -7.460  -16.322 -1.581  1.00 20.90 ? 564 THR A N   1 
ATOM   823  C CA  . THR A 1 101 ? -6.452  -15.946 -2.555  1.00 21.80 ? 564 THR A CA  1 
ATOM   824  C C   . THR A 1 101 ? -6.962  -14.918 -3.536  1.00 21.50 ? 564 THR A C   1 
ATOM   825  O O   . THR A 1 101 ? -8.169  -14.792 -3.758  1.00 22.36 ? 564 THR A O   1 
ATOM   826  C CB  . THR A 1 101 ? -5.931  -17.168 -3.340  1.00 24.66 ? 564 THR A CB  1 
ATOM   827  O OG1 . THR A 1 101 ? -6.946  -17.656 -4.226  1.00 26.94 ? 564 THR A OG1 1 
ATOM   828  C CG2 . THR A 1 101 ? -5.538  -18.276 -2.375  1.00 26.40 ? 564 THR A CG2 1 
ATOM   829  N N   . SER A 1 102 ? -6.024  -14.173 -4.109  1.00 20.67 ? 565 SER A N   1 
ATOM   830  C CA  . SER A 1 102 ? -6.341  -13.151 -5.091  1.00 21.74 ? 565 SER A CA  1 
ATOM   831  C C   . SER A 1 102 ? -6.652  -13.832 -6.414  1.00 22.67 ? 565 SER A C   1 
ATOM   832  O O   . SER A 1 102 ? -6.358  -15.011 -6.595  1.00 22.82 ? 565 SER A O   1 
ATOM   833  C CB  . SER A 1 102 ? -5.135  -12.252 -5.307  1.00 22.76 ? 565 SER A CB  1 
ATOM   834  O OG  . SER A 1 102 ? -4.134  -12.954 -6.037  1.00 21.82 ? 565 SER A OG  1 
ATOM   835  N N   . ALA A 1 103 ? -7.250  -13.093 -7.341  1.00 23.60 ? 566 ALA A N   1 
ATOM   836  C CA  . ALA A 1 103 ? -7.520  -13.640 -8.662  1.00 23.96 ? 566 ALA A CA  1 
ATOM   837  C C   . ALA A 1 103 ? -6.127  -13.915 -9.227  1.00 23.71 ? 566 ALA A C   1 
ATOM   838  O O   . ALA A 1 103 ? -5.136  -13.509 -8.633  1.00 23.14 ? 566 ALA A O   1 
ATOM   839  C CB  . ALA A 1 103 ? -8.239  -12.600 -9.520  1.00 25.45 ? 566 ALA A CB  1 
ATOM   840  N N   . LYS A 1 104 ? -6.041  -14.621 -10.349 1.00 25.41 ? 567 LYS A N   1 
ATOM   841  C CA  . LYS A 1 104 ? -4.744  -14.880 -10.972 1.00 25.74 ? 567 LYS A CA  1 
ATOM   842  C C   . LYS A 1 104 ? -4.246  -13.532 -11.511 1.00 25.01 ? 567 LYS A C   1 
ATOM   843  O O   . LYS A 1 104 ? -5.038  -12.758 -12.040 1.00 22.36 ? 567 LYS A O   1 
ATOM   844  C CB  . LYS A 1 104 ? -4.897  -15.840 -12.160 1.00 29.47 ? 567 LYS A CB  1 
ATOM   845  C CG  . LYS A 1 104 ? -5.144  -17.307 -11.828 1.00 33.84 ? 567 LYS A CG  1 
ATOM   846  C CD  . LYS A 1 104 ? -5.181  -18.105 -13.128 1.00 36.35 ? 567 LYS A CD  1 
ATOM   847  C CE  . LYS A 1 104 ? -4.962  -19.602 -12.920 1.00 41.09 ? 567 LYS A CE  1 
ATOM   848  N NZ  . LYS A 1 104 ? -4.711  -20.323 -14.232 1.00 40.93 ? 567 LYS A NZ  1 
ATOM   849  N N   . PHE A 1 105 ? -2.953  -13.243 -11.383 1.00 24.75 ? 568 PHE A N   1 
ATOM   850  C CA  . PHE A 1 105 ? -2.420  -11.987 -11.904 1.00 25.26 ? 568 PHE A CA  1 
ATOM   851  C C   . PHE A 1 105 ? -1.185  -12.201 -12.775 1.00 25.64 ? 568 PHE A C   1 
ATOM   852  O O   . PHE A 1 105 ? -0.171  -12.702 -12.309 1.00 25.92 ? 568 PHE A O   1 
ATOM   853  C CB  . PHE A 1 105 ? -2.053  -11.026 -10.773 1.00 24.31 ? 568 PHE A CB  1 
ATOM   854  C CG  . PHE A 1 105 ? -1.602  -9.677  -11.260 1.00 24.44 ? 568 PHE A CG  1 
ATOM   855  C CD1 . PHE A 1 105 ? -2.537  -8.724  -11.685 1.00 28.26 ? 568 PHE A CD1 1 
ATOM   856  C CD2 . PHE A 1 105 ? -0.255  -9.353  -11.302 1.00 22.76 ? 568 PHE A CD2 1 
ATOM   857  C CE1 . PHE A 1 105 ? -2.132  -7.458  -12.138 1.00 25.57 ? 568 PHE A CE1 1 
ATOM   858  C CE2 . PHE A 1 105 ? 0.164   -8.101  -11.752 1.00 24.52 ? 568 PHE A CE2 1 
ATOM   859  C CZ  . PHE A 1 105 ? -0.776  -7.148  -12.170 1.00 25.38 ? 568 PHE A CZ  1 
ATOM   860  N N   . TYR A 1 106 ? -1.271  -11.790 -14.034 1.00 26.83 ? 569 TYR A N   1 
ATOM   861  C CA  . TYR A 1 106 ? -0.174  -11.935 -14.976 1.00 29.42 ? 569 TYR A CA  1 
ATOM   862  C C   . TYR A 1 106 ? 0.750   -10.723 -14.931 1.00 29.84 ? 569 TYR A C   1 
ATOM   863  O O   . TYR A 1 106 ? 0.325   -9.613  -15.236 1.00 32.35 ? 569 TYR A O   1 
ATOM   864  C CB  . TYR A 1 106 ? -0.739  -12.100 -16.396 1.00 31.81 ? 569 TYR A CB  1 
ATOM   865  C CG  . TYR A 1 106 ? 0.318   -12.219 -17.477 1.00 34.66 ? 569 TYR A CG  1 
ATOM   866  C CD1 . TYR A 1 106 ? 1.209   -13.290 -17.487 1.00 35.40 ? 569 TYR A CD1 1 
ATOM   867  C CD2 . TYR A 1 106 ? 0.436   -11.254 -18.478 1.00 34.33 ? 569 TYR A CD2 1 
ATOM   868  C CE1 . TYR A 1 106 ? 2.196   -13.398 -18.468 1.00 37.38 ? 569 TYR A CE1 1 
ATOM   869  C CE2 . TYR A 1 106 ? 1.423   -11.355 -19.463 1.00 35.93 ? 569 TYR A CE2 1 
ATOM   870  C CZ  . TYR A 1 106 ? 2.299   -12.429 -19.449 1.00 36.31 ? 569 TYR A CZ  1 
ATOM   871  O OH  . TYR A 1 106 ? 3.287   -12.534 -20.408 1.00 39.00 ? 569 TYR A OH  1 
ATOM   872  N N   . LEU A 1 107 ? 2.008   -10.929 -14.554 1.00 32.22 ? 570 LEU A N   1 
ATOM   873  C CA  . LEU A 1 107 ? 2.967   -9.826  -14.501 1.00 34.38 ? 570 LEU A CA  1 
ATOM   874  C C   . LEU A 1 107 ? 3.478   -9.542  -15.913 1.00 36.75 ? 570 LEU A C   1 
ATOM   875  O O   . LEU A 1 107 ? 4.460   -10.128 -16.374 1.00 37.95 ? 570 LEU A O   1 
ATOM   876  C CB  . LEU A 1 107 ? 4.142   -10.170 -13.579 1.00 34.94 ? 570 LEU A CB  1 
ATOM   877  C CG  . LEU A 1 107 ? 5.182   -9.054  -13.387 1.00 35.44 ? 570 LEU A CG  1 
ATOM   878  C CD1 . LEU A 1 107 ? 4.490   -7.810  -12.844 1.00 34.67 ? 570 LEU A CD1 1 
ATOM   879  C CD2 . LEU A 1 107 ? 6.285   -9.510  -12.445 1.00 34.66 ? 570 LEU A CD2 1 
ATOM   880  N N   . GLN A 1 108 ? 2.806   -8.626  -16.593 1.00 39.59 ? 571 GLN A N   1 
ATOM   881  C CA  . GLN A 1 108 ? 3.156   -8.282  -17.956 1.00 43.47 ? 571 GLN A CA  1 
ATOM   882  C C   . GLN A 1 108 ? 4.333   -7.332  -18.085 1.00 45.51 ? 571 GLN A C   1 
ATOM   883  O O   . GLN A 1 108 ? 4.462   -6.388  -17.310 1.00 45.17 ? 571 GLN A O   1 
ATOM   884  C CB  . GLN A 1 108 ? 1.932   -7.680  -18.655 1.00 43.79 ? 571 GLN A CB  1 
ATOM   885  C CG  . GLN A 1 108 ? 2.189   -7.272  -20.093 1.00 47.13 ? 571 GLN A CG  1 
ATOM   886  C CD  . GLN A 1 108 ? 0.978   -7.476  -20.974 1.00 48.70 ? 571 GLN A CD  1 
ATOM   887  O OE1 . GLN A 1 108 ? -0.114  -6.986  -20.667 1.00 50.71 ? 571 GLN A OE1 1 
ATOM   888  N NE2 . GLN A 1 108 ? 1.160   -8.205  -22.079 1.00 46.78 ? 571 GLN A NE2 1 
ATOM   889  N N   . PRO A 1 109 ? 5.225   -7.586  -19.066 1.00 48.98 ? 572 PRO A N   1 
ATOM   890  C CA  . PRO A 1 109 ? 6.387   -6.707  -19.274 1.00 50.57 ? 572 PRO A CA  1 
ATOM   891  C C   . PRO A 1 109 ? 5.927   -5.290  -19.658 1.00 51.33 ? 572 PRO A C   1 
ATOM   892  O O   . PRO A 1 109 ? 4.892   -5.119  -20.298 1.00 50.24 ? 572 PRO A O   1 
ATOM   893  C CB  . PRO A 1 109 ? 7.170   -7.411  -20.389 1.00 50.01 ? 572 PRO A CB  1 
ATOM   894  C CG  . PRO A 1 109 ? 6.119   -8.261  -21.088 1.00 50.57 ? 572 PRO A CG  1 
ATOM   895  C CD  . PRO A 1 109 ? 5.305   -8.777  -19.932 1.00 48.69 ? 572 PRO A CD  1 
ATOM   896  N N   . GLY A 1 110 ? 6.710   -4.291  -19.260 1.00 54.41 ? 573 GLY A N   1 
ATOM   897  C CA  . GLY A 1 110 ? 6.386   -2.888  -19.497 1.00 57.15 ? 573 GLY A CA  1 
ATOM   898  C C   . GLY A 1 110 ? 6.090   -2.320  -20.875 1.00 58.93 ? 573 GLY A C   1 
ATOM   899  O O   . GLY A 1 110 ? 5.025   -1.737  -21.084 1.00 58.65 ? 573 GLY A O   1 
ATOM   900  N N   . ALA A 1 111 ? 7.028   -2.462  -21.807 1.00 61.51 ? 574 ALA A N   1 
ATOM   901  C CA  . ALA A 1 111 ? 6.866   -1.936  -23.166 1.00 63.36 ? 574 ALA A CA  1 
ATOM   902  C C   . ALA A 1 111 ? 5.439   -2.051  -23.697 1.00 65.18 ? 574 ALA A C   1 
ATOM   903  O O   . ALA A 1 111 ? 4.740   -3.027  -23.413 1.00 66.63 ? 574 ALA A O   1 
ATOM   904  C CB  . ALA A 1 111 ? 7.826   -2.644  -24.115 1.00 63.43 ? 574 ALA A CB  1 
ATOM   905  N N   . ALA A 1 112 ? 5.007   -1.044  -24.454 1.00 65.47 ? 575 ALA A N   1 
ATOM   906  C CA  . ALA A 1 112 ? 3.674   -1.041  -25.046 1.00 67.30 ? 575 ALA A CA  1 
ATOM   907  C C   . ALA A 1 112 ? 2.520   -0.732  -24.083 1.00 68.59 ? 575 ALA A C   1 
ATOM   908  O O   . ALA A 1 112 ? 1.421   -1.276  -24.235 1.00 68.46 ? 575 ALA A O   1 
ATOM   909  C CB  . ALA A 1 112 ? 3.418   -2.385  -25.735 1.00 67.26 ? 575 ALA A CB  1 
ATOM   910  N N   . LEU A 1 113 ? 2.758   0.130   -23.098 1.00 69.11 ? 576 LEU A N   1 
ATOM   911  C CA  . LEU A 1 113 ? 1.702   0.484   -22.149 1.00 69.10 ? 576 LEU A CA  1 
ATOM   912  C C   . LEU A 1 113 ? 1.499   1.990   -22.043 1.00 69.01 ? 576 LEU A C   1 
ATOM   913  O O   . LEU A 1 113 ? 2.461   2.760   -22.020 1.00 68.99 ? 576 LEU A O   1 
ATOM   914  C CB  . LEU A 1 113 ? 1.998   -0.102  -20.763 1.00 68.90 ? 576 LEU A CB  1 
ATOM   915  C CG  . LEU A 1 113 ? 1.878   -1.627  -20.650 1.00 69.51 ? 576 LEU A CG  1 
ATOM   916  C CD1 . LEU A 1 113 ? 2.127   -2.065  -19.213 1.00 69.16 ? 576 LEU A CD1 1 
ATOM   917  C CD2 . LEU A 1 113 ? 0.491   -2.067  -21.101 1.00 69.83 ? 576 LEU A CD2 1 
ATOM   918  N N   . ASP A 1 114 ? 0.233   2.395   -21.989 1.00 69.28 ? 577 ASP A N   1 
ATOM   919  C CA  . ASP A 1 114 ? -0.137  3.805   -21.895 1.00 69.31 ? 577 ASP A CA  1 
ATOM   920  C C   . ASP A 1 114 ? 0.411   4.477   -20.639 1.00 67.22 ? 577 ASP A C   1 
ATOM   921  O O   . ASP A 1 114 ? 0.241   3.977   -19.524 1.00 67.70 ? 577 ASP A O   1 
ATOM   922  C CB  . ASP A 1 114 ? -1.661  3.959   -21.917 1.00 72.43 ? 577 ASP A CB  1 
ATOM   923  C CG  . ASP A 1 114 ? -2.288  3.384   -23.172 1.00 75.47 ? 577 ASP A CG  1 
ATOM   924  O OD1 . ASP A 1 114 ? -1.567  3.242   -24.186 1.00 76.65 ? 577 ASP A OD1 1 
ATOM   925  O OD2 . ASP A 1 114 ? -3.501  3.079   -23.144 1.00 76.58 ? 577 ASP A OD2 1 
ATOM   926  N N   . PRO A 1 115 ? 1.085   5.625   -20.809 1.00 64.42 ? 578 PRO A N   1 
ATOM   927  C CA  . PRO A 1 115 ? 1.675   6.397   -19.707 1.00 61.97 ? 578 PRO A CA  1 
ATOM   928  C C   . PRO A 1 115 ? 0.645   6.914   -18.697 1.00 59.29 ? 578 PRO A C   1 
ATOM   929  O O   . PRO A 1 115 ? -0.253  7.669   -19.058 1.00 59.04 ? 578 PRO A O   1 
ATOM   930  C CB  . PRO A 1 115 ? 2.374   7.542   -20.433 1.00 62.56 ? 578 PRO A CB  1 
ATOM   931  C CG  . PRO A 1 115 ? 2.769   6.922   -21.733 1.00 63.16 ? 578 PRO A CG  1 
ATOM   932  C CD  . PRO A 1 115 ? 1.529   6.153   -22.110 1.00 63.63 ? 578 PRO A CD  1 
ATOM   933  N N   . MET A 1 116 ? 0.770   6.502   -17.437 1.00 55.92 ? 579 MET A N   1 
ATOM   934  C CA  . MET A 1 116 ? -0.150  6.967   -16.404 1.00 51.25 ? 579 MET A CA  1 
ATOM   935  C C   . MET A 1 116 ? 0.218   8.408   -16.042 1.00 49.38 ? 579 MET A C   1 
ATOM   936  O O   . MET A 1 116 ? 1.372   8.826   -16.185 1.00 48.82 ? 579 MET A O   1 
ATOM   937  C CB  . MET A 1 116 ? -0.075  6.089   -15.151 1.00 50.39 ? 579 MET A CB  1 
ATOM   938  C CG  . MET A 1 116 ? -0.711  4.707   -15.280 1.00 50.89 ? 579 MET A CG  1 
ATOM   939  S SD  . MET A 1 116 ? -2.485  4.747   -15.623 1.00 48.61 ? 579 MET A SD  1 
ATOM   940  C CE  . MET A 1 116 ? -3.075  5.617   -14.139 1.00 50.56 ? 579 MET A CE  1 
ATOM   941  N N   . PRO A 1 117 ? -0.768  9.186   -15.571 1.00 47.25 ? 580 PRO A N   1 
ATOM   942  C CA  . PRO A 1 117 ? -0.630  10.593  -15.169 1.00 45.90 ? 580 PRO A CA  1 
ATOM   943  C C   . PRO A 1 117 ? 0.266   10.802  -13.952 1.00 43.97 ? 580 PRO A C   1 
ATOM   944  O O   . PRO A 1 117 ? 0.073   10.170  -12.911 1.00 42.76 ? 580 PRO A O   1 
ATOM   945  C CB  . PRO A 1 117 ? -2.073  11.016  -14.881 1.00 46.21 ? 580 PRO A CB  1 
ATOM   946  C CG  . PRO A 1 117 ? -2.894  10.042  -15.697 1.00 46.22 ? 580 PRO A CG  1 
ATOM   947  C CD  . PRO A 1 117 ? -2.170  8.757   -15.459 1.00 45.91 ? 580 PRO A CD  1 
ATOM   948  N N   . VAL A 1 118 ? 1.238   11.697  -14.080 1.00 43.08 ? 581 VAL A N   1 
ATOM   949  C CA  . VAL A 1 118 ? 2.145   11.984  -12.979 1.00 42.44 ? 581 VAL A CA  1 
ATOM   950  C C   . VAL A 1 118 ? 1.606   13.161  -12.186 1.00 42.92 ? 581 VAL A C   1 
ATOM   951  O O   . VAL A 1 118 ? 1.518   14.266  -12.700 1.00 45.27 ? 581 VAL A O   1 
ATOM   952  C CB  . VAL A 1 118 ? 3.545   12.337  -13.492 1.00 41.14 ? 581 VAL A CB  1 
ATOM   953  C CG1 . VAL A 1 118 ? 4.505   12.480  -12.319 1.00 38.78 ? 581 VAL A CG1 1 
ATOM   954  C CG2 . VAL A 1 118 ? 4.020   11.260  -14.454 1.00 39.49 ? 581 VAL A CG2 1 
ATOM   955  N N   . PRO A 1 119 ? 1.249   12.944  -10.913 1.00 43.75 ? 582 PRO A N   1 
ATOM   956  C CA  . PRO A 1 119 ? 0.719   14.056  -10.122 1.00 43.72 ? 582 PRO A CA  1 
ATOM   957  C C   . PRO A 1 119 ? 1.811   15.060  -9.789  1.00 44.36 ? 582 PRO A C   1 
ATOM   958  O O   . PRO A 1 119 ? 2.996   14.717  -9.768  1.00 43.17 ? 582 PRO A O   1 
ATOM   959  C CB  . PRO A 1 119 ? 0.187   13.379  -8.852  1.00 42.53 ? 582 PRO A CB  1 
ATOM   960  C CG  . PRO A 1 119 ? 0.342   11.875  -9.098  1.00 44.07 ? 582 PRO A CG  1 
ATOM   961  C CD  . PRO A 1 119 ? 1.488   11.772  -10.057 1.00 43.47 ? 582 PRO A CD  1 
ATOM   962  N N   . GLU A 1 120 ? 1.409   16.304  -9.550  1.00 45.63 ? 583 GLU A N   1 
ATOM   963  C CA  . GLU A 1 120 ? 2.349   17.343  -9.173  1.00 46.64 ? 583 GLU A CA  1 
ATOM   964  C C   . GLU A 1 120 ? 2.163   17.549  -7.675  1.00 46.47 ? 583 GLU A C   1 
ATOM   965  O O   . GLU A 1 120 ? 1.261   18.271  -7.249  1.00 47.91 ? 583 GLU A O   1 
ATOM   966  C CB  . GLU A 1 120 ? 2.056   18.657  -9.899  1.00 50.07 ? 583 GLU A CB  1 
ATOM   967  C CG  . GLU A 1 120 ? 2.310   18.668  -11.405 1.00 53.69 ? 583 GLU A CG  1 
ATOM   968  C CD  . GLU A 1 120 ? 1.109   18.230  -12.224 1.00 55.96 ? 583 GLU A CD  1 
ATOM   969  O OE1 . GLU A 1 120 ? -0.042  18.433  -11.766 1.00 57.50 ? 583 GLU A OE1 1 
ATOM   970  O OE2 . GLU A 1 120 ? 1.319   17.702  -13.338 1.00 56.66 ? 583 GLU A OE2 1 
ATOM   971  N N   . LEU A 1 121 ? 3.001   16.894  -6.878  1.00 45.98 ? 584 LEU A N   1 
ATOM   972  C CA  . LEU A 1 121 ? 2.933   17.006  -5.423  1.00 46.20 ? 584 LEU A CA  1 
ATOM   973  C C   . LEU A 1 121 ? 3.238   18.459  -5.062  1.00 47.08 ? 584 LEU A C   1 
ATOM   974  O O   . LEU A 1 121 ? 4.376   18.913  -5.169  1.00 44.81 ? 584 LEU A O   1 
ATOM   975  C CB  . LEU A 1 121 ? 3.958   16.059  -4.789  1.00 45.54 ? 584 LEU A CB  1 
ATOM   976  C CG  . LEU A 1 121 ? 3.969   15.869  -3.272  1.00 44.66 ? 584 LEU A CG  1 
ATOM   977  C CD1 . LEU A 1 121 ? 2.586   15.446  -2.795  1.00 45.67 ? 584 LEU A CD1 1 
ATOM   978  C CD2 . LEU A 1 121 ? 5.015   14.818  -2.898  1.00 42.99 ? 584 LEU A CD2 1 
ATOM   979  N N   . LEU A 1 122 ? 2.210   19.190  -4.644  1.00 48.93 ? 585 LEU A N   1 
ATOM   980  C CA  . LEU A 1 122 ? 2.373   20.598  -4.310  1.00 50.89 ? 585 LEU A CA  1 
ATOM   981  C C   . LEU A 1 122 ? 2.859   20.816  -2.891  1.00 52.78 ? 585 LEU A C   1 
ATOM   982  O O   . LEU A 1 122 ? 4.034   21.135  -2.689  1.00 53.69 ? 585 LEU A O   1 
ATOM   983  C CB  . LEU A 1 122 ? 1.068   21.348  -4.577  1.00 49.24 ? 585 LEU A CB  1 
ATOM   984  C CG  . LEU A 1 122 ? 0.650   21.174  -6.044  1.00 49.20 ? 585 LEU A CG  1 
ATOM   985  C CD1 . LEU A 1 122 ? -0.631  21.937  -6.318  1.00 48.80 ? 585 LEU A CD1 1 
ATOM   986  C CD2 . LEU A 1 122 ? 1.770   21.650  -6.965  1.00 47.72 ? 585 LEU A CD2 1 
ATOM   987  N N   . GLU A 1 123 ? 1.994   20.659  -1.896  1.00 54.65 ? 586 GLU A N   1 
ATOM   988  C CA  . GLU A 1 123 ? 2.499   20.847  -0.552  1.00 55.95 ? 586 GLU A CA  1 
ATOM   989  C C   . GLU A 1 123 ? 1.910   20.109  0.636   1.00 55.78 ? 586 GLU A C   1 
ATOM   990  O O   . GLU A 1 123 ? 0.715   19.803  0.727   1.00 56.57 ? 586 GLU A O   1 
ATOM   991  C CB  . GLU A 1 123 ? 2.592   22.336  -0.220  1.00 58.39 ? 586 GLU A CB  1 
ATOM   992  C CG  . GLU A 1 123 ? 3.364   22.608  1.081   1.00 61.22 ? 586 GLU A CG  1 
ATOM   993  C CD  . GLU A 1 123 ? 4.645   21.778  1.205   1.00 62.31 ? 586 GLU A CD  1 
ATOM   994  O OE1 . GLU A 1 123 ? 5.322   21.877  2.249   1.00 63.45 ? 586 GLU A OE1 1 
ATOM   995  O OE2 . GLU A 1 123 ? 4.978   21.019  0.271   1.00 62.87 ? 586 GLU A OE2 1 
ATOM   996  N N   . ILE A 1 124 ? 2.835   19.837  1.544   1.00 54.22 ? 587 ILE A N   1 
ATOM   997  C CA  . ILE A 1 124 ? 2.639   19.146  2.797   1.00 52.55 ? 587 ILE A CA  1 
ATOM   998  C C   . ILE A 1 124 ? 1.965   20.083  3.797   1.00 51.65 ? 587 ILE A C   1 
ATOM   999  O O   . ILE A 1 124 ? 2.589   21.028  4.267   1.00 50.63 ? 587 ILE A O   1 
ATOM   1000 C CB  . ILE A 1 124 ? 4.029   18.741  3.349   1.00 52.40 ? 587 ILE A CB  1 
ATOM   1001 C CG1 . ILE A 1 124 ? 4.762   17.869  2.331   1.00 50.62 ? 587 ILE A CG1 1 
ATOM   1002 C CG2 . ILE A 1 124 ? 3.900   18.057  4.667   1.00 53.67 ? 587 ILE A CG2 1 
ATOM   1003 C CD1 . ILE A 1 124 ? 4.079   16.576  2.032   1.00 50.31 ? 587 ILE A CD1 1 
ATOM   1004 N N   . GLU A 1 125 ? 0.696   19.856  4.115   1.00 51.61 ? 588 GLU A N   1 
ATOM   1005 C CA  . GLU A 1 125 ? 0.076   20.715  5.104   1.00 51.50 ? 588 GLU A CA  1 
ATOM   1006 C C   . GLU A 1 125 ? 0.430   20.154  6.453   1.00 50.87 ? 588 GLU A C   1 
ATOM   1007 O O   . GLU A 1 125 ? -0.161  19.175  6.890   1.00 51.49 ? 588 GLU A O   1 
ATOM   1008 C CB  . GLU A 1 125 ? -1.451  20.762  5.009   1.00 52.64 ? 588 GLU A CB  1 
ATOM   1009 C CG  . GLU A 1 125 ? -2.041  21.434  6.262   1.00 52.18 ? 588 GLU A CG  1 
ATOM   1010 C CD  . GLU A 1 125 ? -3.544  21.527  6.257   1.00 52.84 ? 588 GLU A CD  1 
ATOM   1011 O OE1 . GLU A 1 125 ? -4.190  20.722  5.552   1.00 53.07 ? 588 GLU A OE1 1 
ATOM   1012 O OE2 . GLU A 1 125 ? -4.078  22.395  6.982   1.00 53.22 ? 588 GLU A OE2 1 
ATOM   1013 N N   . GLU A 1 126 ? 1.408   20.765  7.105   1.00 50.27 ? 589 GLU A N   1 
ATOM   1014 C CA  . GLU A 1 126 ? 1.803   20.329  8.428   1.00 50.68 ? 589 GLU A CA  1 
ATOM   1015 C C   . GLU A 1 126 ? 0.583   20.678  9.282   1.00 50.68 ? 589 GLU A C   1 
ATOM   1016 O O   . GLU A 1 126 ? 0.539   21.694  9.978   1.00 50.95 ? 589 GLU A O   1 
ATOM   1017 C CB  . GLU A 1 126 ? 3.063   21.085  8.845   1.00 50.75 ? 589 GLU A CB  1 
ATOM   1018 C CG  . GLU A 1 126 ? 4.114   21.076  7.727   1.00 52.39 ? 589 GLU A CG  1 
ATOM   1019 C CD  . GLU A 1 126 ? 5.473   21.597  8.157   1.00 53.12 ? 589 GLU A CD  1 
ATOM   1020 O OE1 . GLU A 1 126 ? 5.540   22.337  9.160   1.00 54.65 ? 589 GLU A OE1 1 
ATOM   1021 O OE2 . GLU A 1 126 ? 6.475   21.274  7.485   1.00 52.58 ? 589 GLU A OE2 1 
ATOM   1022 N N   . TYR A 1 127 ? -0.417  19.808  9.166   1.00 50.44 ? 590 TYR A N   1 
ATOM   1023 C CA  . TYR A 1 127 ? -1.712  19.922  9.822   1.00 50.37 ? 590 TYR A CA  1 
ATOM   1024 C C   . TYR A 1 127 ? -1.710  19.717  11.327  1.00 49.40 ? 590 TYR A C   1 
ATOM   1025 O O   . TYR A 1 127 ? -2.546  20.280  12.036  1.00 49.01 ? 590 TYR A O   1 
ATOM   1026 C CB  . TYR A 1 127 ? -2.687  18.927  9.179   1.00 51.86 ? 590 TYR A CB  1 
ATOM   1027 C CG  . TYR A 1 127 ? -3.994  18.770  9.920   1.00 53.80 ? 590 TYR A CG  1 
ATOM   1028 C CD1 . TYR A 1 127 ? -5.039  19.673  9.738   1.00 55.35 ? 590 TYR A CD1 1 
ATOM   1029 C CD2 . TYR A 1 127 ? -4.177  17.724  10.822  1.00 54.99 ? 590 TYR A CD2 1 
ATOM   1030 C CE1 . TYR A 1 127 ? -6.239  19.538  10.442  1.00 56.02 ? 590 TYR A CE1 1 
ATOM   1031 C CE2 . TYR A 1 127 ? -5.363  17.576  11.529  1.00 56.08 ? 590 TYR A CE2 1 
ATOM   1032 C CZ  . TYR A 1 127 ? -6.393  18.486  11.339  1.00 56.54 ? 590 TYR A CZ  1 
ATOM   1033 O OH  . TYR A 1 127 ? -7.567  18.343  12.049  1.00 55.81 ? 590 TYR A OH  1 
ATOM   1034 N N   . SER A 1 128 ? -0.790  18.907  11.825  1.00 48.25 ? 591 SER A N   1 
ATOM   1035 C CA  . SER A 1 128 ? -0.773  18.679  13.256  1.00 48.25 ? 591 SER A CA  1 
ATOM   1036 C C   . SER A 1 128 ? 0.476   18.016  13.798  1.00 47.75 ? 591 SER A C   1 
ATOM   1037 O O   . SER A 1 128 ? 1.365   17.588  13.058  1.00 48.18 ? 591 SER A O   1 
ATOM   1038 C CB  . SER A 1 128 ? -1.986  17.843  13.669  1.00 48.10 ? 591 SER A CB  1 
ATOM   1039 O OG  . SER A 1 128 ? -1.876  16.511  13.203  1.00 48.20 ? 591 SER A OG  1 
ATOM   1040 N N   . GLU A 1 129 ? 0.506   17.937  15.120  1.00 47.58 ? 592 GLU A N   1 
ATOM   1041 C CA  . GLU A 1 129 ? 1.599   17.341  15.869  1.00 48.42 ? 592 GLU A CA  1 
ATOM   1042 C C   . GLU A 1 129 ? 1.787   15.856  15.535  1.00 46.83 ? 592 GLU A C   1 
ATOM   1043 O O   . GLU A 1 129 ? 2.830   15.273  15.839  1.00 45.16 ? 592 GLU A O   1 
ATOM   1044 C CB  . GLU A 1 129 ? 1.318   17.490  17.370  1.00 51.27 ? 592 GLU A CB  1 
ATOM   1045 C CG  . GLU A 1 129 ? 1.022   18.919  17.863  1.00 57.19 ? 592 GLU A CG  1 
ATOM   1046 C CD  . GLU A 1 129 ? -0.363  19.448  17.481  1.00 59.42 ? 592 GLU A CD  1 
ATOM   1047 O OE1 . GLU A 1 129 ? -1.220  18.659  17.023  1.00 60.01 ? 592 GLU A OE1 1 
ATOM   1048 O OE2 . GLU A 1 129 ? -0.594  20.666  17.663  1.00 62.32 ? 592 GLU A OE2 1 
ATOM   1049 N N   . THR A 1 130 ? 0.785   15.254  14.897  1.00 45.48 ? 593 THR A N   1 
ATOM   1050 C CA  . THR A 1 130 ? 0.837   13.831  14.573  1.00 45.07 ? 593 THR A CA  1 
ATOM   1051 C C   . THR A 1 130 ? 0.358   13.480  13.170  1.00 44.05 ? 593 THR A C   1 
ATOM   1052 O O   . THR A 1 130 ? 0.318   12.308  12.791  1.00 42.67 ? 593 THR A O   1 
ATOM   1053 C CB  . THR A 1 130 ? -0.015  13.027  15.564  1.00 45.53 ? 593 THR A CB  1 
ATOM   1054 O OG1 . THR A 1 130 ? -1.313  13.635  15.667  1.00 45.69 ? 593 THR A OG1 1 
ATOM   1055 C CG2 . THR A 1 130 ? 0.656   12.980  16.937  1.00 44.84 ? 593 THR A CG2 1 
ATOM   1056 N N   . ALA A 1 131 ? -0.011  14.490  12.401  1.00 43.20 ? 594 ALA A N   1 
ATOM   1057 C CA  . ALA A 1 131 ? -0.488  14.243  11.057  1.00 41.99 ? 594 ALA A CA  1 
ATOM   1058 C C   . ALA A 1 131 ? -0.026  15.312  10.074  1.00 42.14 ? 594 ALA A C   1 
ATOM   1059 O O   . ALA A 1 131 ? 0.441   16.389  10.463  1.00 41.73 ? 594 ALA A O   1 
ATOM   1060 C CB  . ALA A 1 131 ? -2.007  14.161  11.063  1.00 41.56 ? 594 ALA A CB  1 
ATOM   1061 N N   . VAL A 1 132 ? -0.168  14.993  8.793   1.00 41.42 ? 595 VAL A N   1 
ATOM   1062 C CA  . VAL A 1 132 ? 0.194   15.894  7.716   1.00 39.84 ? 595 VAL A CA  1 
ATOM   1063 C C   . VAL A 1 132 ? -0.761  15.590  6.560   1.00 39.19 ? 595 VAL A C   1 
ATOM   1064 O O   . VAL A 1 132 ? -1.308  14.487  6.477   1.00 39.58 ? 595 VAL A O   1 
ATOM   1065 C CB  . VAL A 1 132 ? 1.633   15.651  7.272   1.00 40.04 ? 595 VAL A CB  1 
ATOM   1066 C CG1 . VAL A 1 132 ? 1.708   14.454  6.333   1.00 40.35 ? 595 VAL A CG1 1 
ATOM   1067 C CG2 . VAL A 1 132 ? 2.163   16.880  6.627   1.00 41.79 ? 595 VAL A CG2 1 
ATOM   1068 N N   . VAL A 1 133 ? -0.979  16.555  5.675   1.00 36.59 ? 596 VAL A N   1 
ATOM   1069 C CA  . VAL A 1 133 ? -1.884  16.325  4.561   1.00 36.29 ? 596 VAL A CA  1 
ATOM   1070 C C   . VAL A 1 133 ? -1.197  16.599  3.239   1.00 36.73 ? 596 VAL A C   1 
ATOM   1071 O O   . VAL A 1 133 ? -0.454  17.563  3.110   1.00 36.91 ? 596 VAL A O   1 
ATOM   1072 C CB  . VAL A 1 133 ? -3.160  17.211  4.659   1.00 36.74 ? 596 VAL A CB  1 
ATOM   1073 C CG1 . VAL A 1 133 ? -4.052  16.987  3.445   1.00 35.25 ? 596 VAL A CG1 1 
ATOM   1074 C CG2 . VAL A 1 133 ? -3.929  16.884  5.930   1.00 35.64 ? 596 VAL A CG2 1 
ATOM   1075 N N   . LEU A 1 134 ? -1.445  15.736  2.260   1.00 37.33 ? 597 LEU A N   1 
ATOM   1076 C CA  . LEU A 1 134 ? -0.858  15.892  0.939   1.00 37.32 ? 597 LEU A CA  1 
ATOM   1077 C C   . LEU A 1 134 ? -1.839  16.558  0.014   1.00 37.32 ? 597 LEU A C   1 
ATOM   1078 O O   . LEU A 1 134 ? -3.029  16.243  0.025   1.00 36.69 ? 597 LEU A O   1 
ATOM   1079 C CB  . LEU A 1 134 ? -0.494  14.545  0.329   1.00 38.36 ? 597 LEU A CB  1 
ATOM   1080 C CG  . LEU A 1 134 ? 0.564   13.716  1.031   1.00 40.16 ? 597 LEU A CG  1 
ATOM   1081 C CD1 . LEU A 1 134 ? 0.849   12.493  0.177   1.00 41.86 ? 597 LEU A CD1 1 
ATOM   1082 C CD2 . LEU A 1 134 ? 1.819   14.532  1.230   1.00 41.52 ? 597 LEU A CD2 1 
ATOM   1083 N N   . HIS A 1 135 ? -1.326  17.474  -0.796  1.00 37.62 ? 598 HIS A N   1 
ATOM   1084 C CA  . HIS A 1 135 ? -2.141  18.187  -1.760  1.00 37.49 ? 598 HIS A CA  1 
ATOM   1085 C C   . HIS A 1 135 ? -1.436  18.033  -3.084  1.00 36.84 ? 598 HIS A C   1 
ATOM   1086 O O   . HIS A 1 135 ? -0.216  18.129  -3.154  1.00 35.64 ? 598 HIS A O   1 
ATOM   1087 C CB  . HIS A 1 135 ? -2.260  19.666  -1.384  1.00 38.44 ? 598 HIS A CB  1 
ATOM   1088 C CG  . HIS A 1 135 ? -2.900  19.907  -0.049  1.00 39.39 ? 598 HIS A CG  1 
ATOM   1089 N ND1 . HIS A 1 135 ? -2.170  20.136  1.100   1.00 40.48 ? 598 HIS A ND1 1 
ATOM   1090 C CD2 . HIS A 1 135 ? -4.202  19.979  0.316   1.00 39.68 ? 598 HIS A CD2 1 
ATOM   1091 C CE1 . HIS A 1 135 ? -2.994  20.343  2.112   1.00 39.85 ? 598 HIS A CE1 1 
ATOM   1092 N NE2 . HIS A 1 135 ? -4.233  20.253  1.664   1.00 41.05 ? 598 HIS A NE2 1 
ATOM   1093 N N   . TRP A 1 136 ? -2.205  17.789  -4.135  1.00 38.05 ? 599 TRP A N   1 
ATOM   1094 C CA  . TRP A 1 136 ? -1.628  17.596  -5.455  1.00 37.66 ? 599 TRP A CA  1 
ATOM   1095 C C   . TRP A 1 136 ? -2.693  17.840  -6.512  1.00 40.42 ? 599 TRP A C   1 
ATOM   1096 O O   . TRP A 1 136 ? -3.883  17.921  -6.197  1.00 40.20 ? 599 TRP A O   1 
ATOM   1097 C CB  . TRP A 1 136 ? -1.099  16.162  -5.558  1.00 34.59 ? 599 TRP A CB  1 
ATOM   1098 C CG  . TRP A 1 136 ? -2.182  15.118  -5.567  1.00 33.17 ? 599 TRP A CG  1 
ATOM   1099 C CD1 . TRP A 1 136 ? -2.877  14.677  -6.657  1.00 32.06 ? 599 TRP A CD1 1 
ATOM   1100 C CD2 . TRP A 1 136 ? -2.733  14.425  -4.434  1.00 32.09 ? 599 TRP A CD2 1 
ATOM   1101 N NE1 . TRP A 1 136 ? -3.827  13.758  -6.277  1.00 33.17 ? 599 TRP A NE1 1 
ATOM   1102 C CE2 . TRP A 1 136 ? -3.763  13.582  -4.921  1.00 32.17 ? 599 TRP A CE2 1 
ATOM   1103 C CE3 . TRP A 1 136 ? -2.457  14.434  -3.059  1.00 31.36 ? 599 TRP A CE3 1 
ATOM   1104 C CZ2 . TRP A 1 136 ? -4.520  12.753  -4.083  1.00 31.62 ? 599 TRP A CZ2 1 
ATOM   1105 C CZ3 . TRP A 1 136 ? -3.206  13.607  -2.220  1.00 31.26 ? 599 TRP A CZ3 1 
ATOM   1106 C CH2 . TRP A 1 136 ? -4.230  12.777  -2.739  1.00 33.98 ? 599 TRP A CH2 1 
ATOM   1107 N N   . SER A 1 137 ? -2.261  17.958  -7.764  1.00 43.88 ? 600 SER A N   1 
ATOM   1108 C CA  . SER A 1 137 ? -3.179  18.167  -8.878  1.00 47.38 ? 600 SER A CA  1 
ATOM   1109 C C   . SER A 1 137 ? -2.604  17.462  -10.108 1.00 49.16 ? 600 SER A C   1 
ATOM   1110 O O   . SER A 1 137 ? -1.491  16.929  -10.054 1.00 49.83 ? 600 SER A O   1 
ATOM   1111 C CB  . SER A 1 137 ? -3.349  19.660  -9.161  1.00 47.80 ? 600 SER A CB  1 
ATOM   1112 O OG  . SER A 1 137 ? -4.482  19.892  -9.992  1.00 51.16 ? 600 SER A OG  1 
ATOM   1113 N N   . LEU A 1 138 ? -3.359  17.446  -11.205 1.00 50.19 ? 601 LEU A N   1 
ATOM   1114 C CA  . LEU A 1 138 ? -2.902  16.804  -12.442 1.00 51.04 ? 601 LEU A CA  1 
ATOM   1115 C C   . LEU A 1 138 ? -2.801  17.825  -13.577 1.00 51.38 ? 601 LEU A C   1 
ATOM   1116 O O   . LEU A 1 138 ? -3.412  18.893  -13.517 1.00 51.78 ? 601 LEU A O   1 
ATOM   1117 C CB  . LEU A 1 138 ? -3.873  15.700  -12.858 1.00 50.81 ? 601 LEU A CB  1 
ATOM   1118 C CG  . LEU A 1 138 ? -4.271  14.655  -11.817 1.00 51.66 ? 601 LEU A CG  1 
ATOM   1119 C CD1 . LEU A 1 138 ? -5.361  13.778  -12.402 1.00 50.51 ? 601 LEU A CD1 1 
ATOM   1120 C CD2 . LEU A 1 138 ? -3.064  13.819  -11.395 1.00 51.46 ? 601 LEU A CD2 1 
ATOM   1121 N N   . ALA A 1 139 ? -2.038  17.488  -14.613 1.00 51.56 ? 602 ALA A N   1 
ATOM   1122 C CA  . ALA A 1 139 ? -1.858  18.377  -15.763 1.00 51.21 ? 602 ALA A CA  1 
ATOM   1123 C C   . ALA A 1 139 ? -3.091  18.410  -16.662 1.00 50.36 ? 602 ALA A C   1 
ATOM   1124 O O   . ALA A 1 139 ? -4.222  18.333  -16.185 1.00 49.89 ? 602 ALA A O   1 
ATOM   1125 C CB  . ALA A 1 139 ? -0.639  17.946  -16.571 1.00 51.02 ? 602 ALA A CB  1 
ATOM   1126 N N   . HIS A 1 145 ? -9.292  9.451   -15.901 1.00 67.12 ? 608 HIS A N   1 
ATOM   1127 C CA  . HIS A 1 145 ? -9.486  8.428   -14.874 1.00 68.25 ? 608 HIS A CA  1 
ATOM   1128 C C   . HIS A 1 145 ? -9.162  7.089   -15.515 1.00 65.56 ? 608 HIS A C   1 
ATOM   1129 O O   . HIS A 1 145 ? -9.966  6.127   -15.643 1.00 64.99 ? 608 HIS A O   1 
ATOM   1130 C CB  . HIS A 1 145 ? -10.872 8.457   -14.224 1.00 72.79 ? 608 HIS A CB  1 
ATOM   1131 C CG  . HIS A 1 145 ? -10.973 7.544   -13.034 1.00 77.50 ? 608 HIS A CG  1 
ATOM   1132 N ND1 . HIS A 1 145 ? -10.454 7.858   -11.799 1.00 81.07 ? 608 HIS A ND1 1 
ATOM   1133 C CD2 . HIS A 1 145 ? -11.597 6.362   -12.903 1.00 79.47 ? 608 HIS A CD2 1 
ATOM   1134 C CE1 . HIS A 1 145 ? -10.775 6.902   -10.943 1.00 81.92 ? 608 HIS A CE1 1 
ATOM   1135 N NE2 . HIS A 1 145 ? -11.466 5.986   -11.585 1.00 81.74 ? 608 HIS A NE2 1 
ATOM   1136 N N   . LEU A 1 146 ? -7.916  7.143   -15.977 1.00 61.53 ? 609 LEU A N   1 
ATOM   1137 C CA  . LEU A 1 146 ? -7.175  6.073   -16.580 1.00 57.02 ? 609 LEU A CA  1 
ATOM   1138 C C   . LEU A 1 146 ? -6.679  5.708   -15.171 1.00 54.04 ? 609 LEU A C   1 
ATOM   1139 O O   . LEU A 1 146 ? -5.962  4.755   -15.004 1.00 54.05 ? 609 LEU A O   1 
ATOM   1140 C CB  . LEU A 1 146 ? -6.003  6.677   -17.336 1.00 57.88 ? 609 LEU A CB  1 
ATOM   1141 C CG  . LEU A 1 146 ? -6.278  7.619   -18.504 1.00 58.82 ? 609 LEU A CG  1 
ATOM   1142 C CD1 . LEU A 1 146 ? -4.974  7.878   -19.256 1.00 58.32 ? 609 LEU A CD1 1 
ATOM   1143 C CD2 . LEU A 1 146 ? -7.301  6.956   -19.411 1.00 58.67 ? 609 LEU A CD2 1 
ATOM   1144 N N   . ILE A 1 147 ? -7.061  6.518   -14.164 1.00 50.17 ? 610 ILE A N   1 
ATOM   1145 C CA  . ILE A 1 147 ? -6.654  6.341   -12.768 1.00 46.01 ? 610 ILE A CA  1 
ATOM   1146 C C   . ILE A 1 147 ? -7.701  5.654   -11.897 1.00 42.82 ? 610 ILE A C   1 
ATOM   1147 O O   . ILE A 1 147 ? -8.883  5.838   -12.063 1.00 41.24 ? 610 ILE A O   1 
ATOM   1148 C CB  . ILE A 1 147 ? -6.306  7.710   -12.143 1.00 46.54 ? 610 ILE A CB  1 
ATOM   1149 C CG1 . ILE A 1 147 ? -5.269  8.422   -13.020 1.00 45.37 ? 610 ILE A CG1 1 
ATOM   1150 C CG2 . ILE A 1 147 ? -5.789  7.515   -10.721 1.00 46.06 ? 610 ILE A CG2 1 
ATOM   1151 C CD1 . ILE A 1 147 ? -5.056  9.881   -12.665 1.00 45.58 ? 610 ILE A CD1 1 
ATOM   1152 N N   . THR A 1 148 ? -7.229  4.843   -10.968 1.00 39.46 ? 611 THR A N   1 
ATOM   1153 C CA  . THR A 1 148 ? -8.077  4.112   -10.045 1.00 35.28 ? 611 THR A CA  1 
ATOM   1154 C C   . THR A 1 148 ? -7.878  4.761   -8.671  1.00 34.01 ? 611 THR A C   1 
ATOM   1155 O O   . THR A 1 148 ? -8.742  4.698   -7.796  1.00 32.73 ? 611 THR A O   1 
ATOM   1156 C CB  . THR A 1 148 ? -7.639  2.632   -10.026 1.00 35.67 ? 611 THR A CB  1 
ATOM   1157 O OG1 . THR A 1 148 ? -7.658  2.135   -11.371 1.00 35.20 ? 611 THR A OG1 1 
ATOM   1158 C CG2 . THR A 1 148 ? -8.559  1.777   -9.133  1.00 32.82 ? 611 THR A CG2 1 
ATOM   1159 N N   . GLY A 1 149 ? -6.729  5.412   -8.516  1.00 32.19 ? 612 GLY A N   1 
ATOM   1160 C CA  . GLY A 1 149 ? -6.387  6.082   -7.275  1.00 30.98 ? 612 GLY A CA  1 
ATOM   1161 C C   . GLY A 1 149 ? -4.919  6.455   -7.304  1.00 30.68 ? 612 GLY A C   1 
ATOM   1162 O O   . GLY A 1 149 ? -4.341  6.616   -8.376  1.00 31.19 ? 612 GLY A O   1 
ATOM   1163 N N   . TYR A 1 150 ? -4.298  6.582   -6.138  1.00 31.09 ? 613 TYR A N   1 
ATOM   1164 C CA  . TYR A 1 150 ? -2.885  6.936   -6.079  1.00 31.19 ? 613 TYR A CA  1 
ATOM   1165 C C   . TYR A 1 150 ? -2.202  6.177   -4.952  1.00 30.75 ? 613 TYR A C   1 
ATOM   1166 O O   . TYR A 1 150 ? -2.853  5.762   -3.993  1.00 31.36 ? 613 TYR A O   1 
ATOM   1167 C CB  . TYR A 1 150 ? -2.730  8.438   -5.814  1.00 32.96 ? 613 TYR A CB  1 
ATOM   1168 C CG  . TYR A 1 150 ? -3.556  9.352   -6.708  1.00 35.01 ? 613 TYR A CG  1 
ATOM   1169 C CD1 . TYR A 1 150 ? -3.013  9.921   -7.871  1.00 34.41 ? 613 TYR A CD1 1 
ATOM   1170 C CD2 . TYR A 1 150 ? -4.875  9.670   -6.373  1.00 35.91 ? 613 TYR A CD2 1 
ATOM   1171 C CE1 . TYR A 1 150 ? -3.766  10.783  -8.671  1.00 34.87 ? 613 TYR A CE1 1 
ATOM   1172 C CE2 . TYR A 1 150 ? -5.633  10.527  -7.167  1.00 36.23 ? 613 TYR A CE2 1 
ATOM   1173 C CZ  . TYR A 1 150 ? -5.077  11.079  -8.310  1.00 36.30 ? 613 TYR A CZ  1 
ATOM   1174 O OH  . TYR A 1 150 ? -5.843  11.923  -9.085  1.00 37.89 ? 613 TYR A OH  1 
ATOM   1175 N N   . TYR A 1 151 ? -0.895  5.980   -5.065  1.00 28.79 ? 614 TYR A N   1 
ATOM   1176 C CA  . TYR A 1 151 ? -0.158  5.327   -3.986  1.00 29.12 ? 614 TYR A CA  1 
ATOM   1177 C C   . TYR A 1 151 ? 0.774   6.384   -3.405  1.00 28.93 ? 614 TYR A C   1 
ATOM   1178 O O   . TYR A 1 151 ? 1.606   6.951   -4.120  1.00 28.56 ? 614 TYR A O   1 
ATOM   1179 C CB  . TYR A 1 151 ? 0.685   4.137   -4.486  1.00 27.56 ? 614 TYR A CB  1 
ATOM   1180 C CG  . TYR A 1 151 ? -0.110  2.941   -4.969  1.00 28.66 ? 614 TYR A CG  1 
ATOM   1181 C CD1 . TYR A 1 151 ? 0.169   2.353   -6.209  1.00 27.43 ? 614 TYR A CD1 1 
ATOM   1182 C CD2 . TYR A 1 151 ? -1.137  2.395   -4.192  1.00 27.23 ? 614 TYR A CD2 1 
ATOM   1183 C CE1 . TYR A 1 151 ? -0.547  1.259   -6.663  1.00 27.93 ? 614 TYR A CE1 1 
ATOM   1184 C CE2 . TYR A 1 151 ? -1.864  1.299   -4.638  1.00 28.62 ? 614 TYR A CE2 1 
ATOM   1185 C CZ  . TYR A 1 151 ? -1.563  0.730   -5.876  1.00 30.27 ? 614 TYR A CZ  1 
ATOM   1186 O OH  . TYR A 1 151 ? -2.263  -0.375  -6.317  1.00 29.56 ? 614 TYR A OH  1 
ATOM   1187 N N   . ALA A 1 152 ? 0.625   6.662   -2.118  1.00 29.21 ? 615 ALA A N   1 
ATOM   1188 C CA  . ALA A 1 152 ? 1.482   7.640   -1.465  1.00 30.85 ? 615 ALA A CA  1 
ATOM   1189 C C   . ALA A 1 152 ? 2.624   6.897   -0.774  1.00 31.21 ? 615 ALA A C   1 
ATOM   1190 O O   . ALA A 1 152 ? 2.408   5.849   -0.158  1.00 32.13 ? 615 ALA A O   1 
ATOM   1191 C CB  . ALA A 1 152 ? 0.680   8.451   -0.444  1.00 28.55 ? 615 ALA A CB  1 
ATOM   1192 N N   . TYR A 1 153 ? 3.835   7.431   -0.889  1.00 31.68 ? 616 TYR A N   1 
ATOM   1193 C CA  . TYR A 1 153 ? 5.004   6.816   -0.264  1.00 32.62 ? 616 TYR A CA  1 
ATOM   1194 C C   . TYR A 1 153 ? 5.622   7.785   0.748   1.00 34.17 ? 616 TYR A C   1 
ATOM   1195 O O   . TYR A 1 153 ? 5.891   8.942   0.418   1.00 34.62 ? 616 TYR A O   1 
ATOM   1196 C CB  . TYR A 1 153 ? 6.063   6.473   -1.313  1.00 31.02 ? 616 TYR A CB  1 
ATOM   1197 C CG  . TYR A 1 153 ? 5.691   5.394   -2.307  1.00 30.66 ? 616 TYR A CG  1 
ATOM   1198 C CD1 . TYR A 1 153 ? 6.522   4.287   -2.489  1.00 31.13 ? 616 TYR A CD1 1 
ATOM   1199 C CD2 . TYR A 1 153 ? 4.568   5.515   -3.125  1.00 29.11 ? 616 TYR A CD2 1 
ATOM   1200 C CE1 . TYR A 1 153 ? 6.256   3.330   -3.467  1.00 32.47 ? 616 TYR A CE1 1 
ATOM   1201 C CE2 . TYR A 1 153 ? 4.290   4.564   -4.106  1.00 31.29 ? 616 TYR A CE2 1 
ATOM   1202 C CZ  . TYR A 1 153 ? 5.142   3.474   -4.277  1.00 32.60 ? 616 TYR A CZ  1 
ATOM   1203 O OH  . TYR A 1 153 ? 4.916   2.552   -5.280  1.00 30.97 ? 616 TYR A OH  1 
ATOM   1204 N N   . TYR A 1 154 ? 5.865   7.321   1.972   1.00 34.72 ? 617 TYR A N   1 
ATOM   1205 C CA  . TYR A 1 154 ? 6.455   8.198   2.973   1.00 35.06 ? 617 TYR A CA  1 
ATOM   1206 C C   . TYR A 1 154 ? 7.361   7.498   3.981   1.00 36.64 ? 617 TYR A C   1 
ATOM   1207 O O   . TYR A 1 154 ? 7.275   6.287   4.183   1.00 34.78 ? 617 TYR A O   1 
ATOM   1208 C CB  . TYR A 1 154 ? 5.354   8.972   3.701   1.00 33.69 ? 617 TYR A CB  1 
ATOM   1209 C CG  . TYR A 1 154 ? 4.471   8.142   4.611   1.00 34.95 ? 617 TYR A CG  1 
ATOM   1210 C CD1 . TYR A 1 154 ? 4.844   7.880   5.925   1.00 35.00 ? 617 TYR A CD1 1 
ATOM   1211 C CD2 . TYR A 1 154 ? 3.253   7.626   4.156   1.00 36.04 ? 617 TYR A CD2 1 
ATOM   1212 C CE1 . TYR A 1 154 ? 4.032   7.126   6.770   1.00 36.80 ? 617 TYR A CE1 1 
ATOM   1213 C CE2 . TYR A 1 154 ? 2.431   6.869   4.990   1.00 36.79 ? 617 TYR A CE2 1 
ATOM   1214 C CZ  . TYR A 1 154 ? 2.828   6.620   6.299   1.00 37.64 ? 617 TYR A CZ  1 
ATOM   1215 O OH  . TYR A 1 154 ? 2.033   5.852   7.138   1.00 38.77 ? 617 TYR A OH  1 
ATOM   1216 N N   . ARG A 1 155 ? 8.230   8.285   4.610   1.00 38.45 ? 618 ARG A N   1 
ATOM   1217 C CA  . ARG A 1 155 ? 9.168   7.775   5.600   1.00 40.62 ? 618 ARG A CA  1 
ATOM   1218 C C   . ARG A 1 155 ? 9.932   8.936   6.228   1.00 42.27 ? 618 ARG A C   1 
ATOM   1219 O O   . ARG A 1 155 ? 10.016  10.024  5.645   1.00 41.15 ? 618 ARG A O   1 
ATOM   1220 C CB  . ARG A 1 155 ? 10.174  6.823   4.950   1.00 40.69 ? 618 ARG A CB  1 
ATOM   1221 C CG  . ARG A 1 155 ? 11.124  7.497   3.972   1.00 42.10 ? 618 ARG A CG  1 
ATOM   1222 C CD  . ARG A 1 155 ? 12.188  6.532   3.454   1.00 42.51 ? 618 ARG A CD  1 
ATOM   1223 N NE  . ARG A 1 155 ? 12.913  7.092   2.317   1.00 43.84 ? 618 ARG A NE  1 
ATOM   1224 C CZ  . ARG A 1 155 ? 13.844  6.442   1.628   1.00 45.81 ? 618 ARG A CZ  1 
ATOM   1225 N NH1 . ARG A 1 155 ? 14.176  5.200   1.959   1.00 45.52 ? 618 ARG A NH1 1 
ATOM   1226 N NH2 . ARG A 1 155 ? 14.433  7.031   0.597   1.00 45.91 ? 618 ARG A NH2 1 
ATOM   1227 N N   . PRO A 1 156 ? 10.497  8.724   7.430   1.00 43.33 ? 619 PRO A N   1 
ATOM   1228 C CA  . PRO A 1 156 ? 11.253  9.790   8.092   1.00 44.94 ? 619 PRO A CA  1 
ATOM   1229 C C   . PRO A 1 156 ? 12.423  10.151  7.190   1.00 45.95 ? 619 PRO A C   1 
ATOM   1230 O O   . PRO A 1 156 ? 13.188  9.279   6.775   1.00 46.04 ? 619 PRO A O   1 
ATOM   1231 C CB  . PRO A 1 156 ? 11.703  9.137   9.399   1.00 44.44 ? 619 PRO A CB  1 
ATOM   1232 C CG  . PRO A 1 156 ? 10.615  8.134   9.662   1.00 44.62 ? 619 PRO A CG  1 
ATOM   1233 C CD  . PRO A 1 156 ? 10.407  7.536   8.294   1.00 43.00 ? 619 PRO A CD  1 
ATOM   1234 N N   . SER A 1 157 ? 12.551  11.430  6.865   1.00 48.43 ? 620 SER A N   1 
ATOM   1235 C CA  . SER A 1 157 ? 13.631  11.865  5.993   1.00 51.46 ? 620 SER A CA  1 
ATOM   1236 C C   . SER A 1 157 ? 14.952  11.213  6.413   1.00 55.16 ? 620 SER A C   1 
ATOM   1237 O O   . SER A 1 157 ? 15.784  10.851  5.575   1.00 54.88 ? 620 SER A O   1 
ATOM   1238 C CB  . SER A 1 157 ? 13.729  13.385  6.035   1.00 49.06 ? 620 SER A CB  1 
ATOM   1239 O OG  . SER A 1 157 ? 12.510  13.955  5.585   1.00 45.30 ? 620 SER A OG  1 
ATOM   1240 N N   . SER A 1 158 ? 15.109  11.040  7.722   1.00 58.98 ? 621 SER A N   1 
ATOM   1241 C CA  . SER A 1 158 ? 16.299  10.430  8.305   1.00 62.34 ? 621 SER A CA  1 
ATOM   1242 C C   . SER A 1 158 ? 16.165  8.910   8.445   1.00 64.39 ? 621 SER A C   1 
ATOM   1243 O O   . SER A 1 158 ? 16.035  8.396   9.559   1.00 64.75 ? 621 SER A O   1 
ATOM   1244 C CB  . SER A 1 158 ? 16.562  11.049  9.677   1.00 62.72 ? 621 SER A CB  1 
ATOM   1245 O OG  . SER A 1 158 ? 15.367  11.092  10.442  1.00 62.39 ? 621 SER A OG  1 
ATOM   1246 N N   . SER A 1 159 ? 16.197  8.200   7.316   1.00 66.11 ? 622 SER A N   1 
ATOM   1247 C CA  . SER A 1 159 ? 16.084  6.740   7.311   1.00 67.55 ? 622 SER A CA  1 
ATOM   1248 C C   . SER A 1 159 ? 15.905  6.165   5.906   1.00 68.10 ? 622 SER A C   1 
ATOM   1249 O O   . SER A 1 159 ? 14.785  6.093   5.398   1.00 68.82 ? 622 SER A O   1 
ATOM   1250 C CB  . SER A 1 159 ? 14.897  6.289   8.164   1.00 68.05 ? 622 SER A CB  1 
ATOM   1251 O OG  . SER A 1 159 ? 13.669  6.635   7.538   1.00 69.77 ? 622 SER A OG  1 
ATOM   1252 N N   . ALA A 1 160 ? 17.001  5.751   5.278   1.00 68.27 ? 623 ALA A N   1 
ATOM   1253 C CA  . ALA A 1 160 ? 16.917  5.162   3.947   1.00 67.75 ? 623 ALA A CA  1 
ATOM   1254 C C   . ALA A 1 160 ? 16.105  3.871   4.090   1.00 67.38 ? 623 ALA A C   1 
ATOM   1255 O O   . ALA A 1 160 ? 15.468  3.646   5.123   1.00 67.46 ? 623 ALA A O   1 
ATOM   1256 C CB  . ALA A 1 160 ? 18.313  4.861   3.414   1.00 67.58 ? 623 ALA A CB  1 
ATOM   1257 N N   . GLY A 1 161 ? 16.113  3.027   3.065   1.00 66.59 ? 624 GLY A N   1 
ATOM   1258 C CA  . GLY A 1 161 ? 15.358  1.788   3.159   1.00 65.18 ? 624 GLY A CA  1 
ATOM   1259 C C   . GLY A 1 161 ? 13.990  1.777   2.488   1.00 64.06 ? 624 GLY A C   1 
ATOM   1260 O O   . GLY A 1 161 ? 13.837  2.270   1.364   1.00 63.43 ? 624 GLY A O   1 
ATOM   1261 N N   . GLU A 1 162 ? 12.995  1.224   3.190   1.00 62.32 ? 625 GLU A N   1 
ATOM   1262 C CA  . GLU A 1 162 ? 11.629  1.086   2.674   1.00 60.03 ? 625 GLU A CA  1 
ATOM   1263 C C   . GLU A 1 162 ? 10.632  2.154   3.092   1.00 55.86 ? 625 GLU A C   1 
ATOM   1264 O O   . GLU A 1 162 ? 10.630  2.604   4.233   1.00 55.37 ? 625 GLU A O   1 
ATOM   1265 C CB  . GLU A 1 162 ? 11.048  -0.266  3.096   1.00 63.61 ? 625 GLU A CB  1 
ATOM   1266 C CG  . GLU A 1 162 ? 9.710   -0.580  2.433   1.00 70.48 ? 625 GLU A CG  1 
ATOM   1267 C CD  . GLU A 1 162 ? 9.878   -0.913  0.954   1.00 73.72 ? 625 GLU A CD  1 
ATOM   1268 O OE1 . GLU A 1 162 ? 11.034  -0.885  0.466   1.00 74.55 ? 625 GLU A OE1 1 
ATOM   1269 O OE2 . GLU A 1 162 ? 8.868   -1.213  0.281   1.00 76.04 ? 625 GLU A OE2 1 
ATOM   1270 N N   . TYR A 1 163 ? 9.756   2.518   2.160   1.00 51.66 ? 626 TYR A N   1 
ATOM   1271 C CA  . TYR A 1 163 ? 8.711   3.507   2.414   1.00 48.29 ? 626 TYR A CA  1 
ATOM   1272 C C   . TYR A 1 163 ? 7.408   2.861   2.891   1.00 45.37 ? 626 TYR A C   1 
ATOM   1273 O O   . TYR A 1 163 ? 7.058   1.757   2.474   1.00 43.97 ? 626 TYR A O   1 
ATOM   1274 C CB  . TYR A 1 163 ? 8.342   4.281   1.142   1.00 47.34 ? 626 TYR A CB  1 
ATOM   1275 C CG  . TYR A 1 163 ? 9.357   5.262   0.627   1.00 48.58 ? 626 TYR A CG  1 
ATOM   1276 C CD1 . TYR A 1 163 ? 10.375  4.857   -0.235  1.00 48.38 ? 626 TYR A CD1 1 
ATOM   1277 C CD2 . TYR A 1 163 ? 9.276   6.610   0.967   1.00 48.34 ? 626 TYR A CD2 1 
ATOM   1278 C CE1 . TYR A 1 163 ? 11.279  5.773   -0.752  1.00 49.11 ? 626 TYR A CE1 1 
ATOM   1279 C CE2 . TYR A 1 163 ? 10.179  7.535   0.458   1.00 48.56 ? 626 TYR A CE2 1 
ATOM   1280 C CZ  . TYR A 1 163 ? 11.175  7.112   -0.400  1.00 48.72 ? 626 TYR A CZ  1 
ATOM   1281 O OH  . TYR A 1 163 ? 12.058  8.031   -0.916  1.00 48.85 ? 626 TYR A OH  1 
ATOM   1282 N N   . PHE A 1 164 ? 6.689   3.568   3.754   1.00 41.94 ? 627 PHE A N   1 
ATOM   1283 C CA  . PHE A 1 164 ? 5.382   3.110   4.200   1.00 40.68 ? 627 PHE A CA  1 
ATOM   1284 C C   . PHE A 1 164 ? 4.476   3.456   3.011   1.00 39.04 ? 627 PHE A C   1 
ATOM   1285 O O   . PHE A 1 164 ? 4.731   4.431   2.296   1.00 38.10 ? 627 PHE A O   1 
ATOM   1286 C CB  . PHE A 1 164 ? 4.894   3.894   5.429   1.00 40.77 ? 627 PHE A CB  1 
ATOM   1287 C CG  . PHE A 1 164 ? 5.617   3.558   6.702   1.00 43.20 ? 627 PHE A CG  1 
ATOM   1288 C CD1 . PHE A 1 164 ? 6.961   3.887   6.869   1.00 45.14 ? 627 PHE A CD1 1 
ATOM   1289 C CD2 . PHE A 1 164 ? 4.948   2.914   7.743   1.00 45.12 ? 627 PHE A CD2 1 
ATOM   1290 C CE1 . PHE A 1 164 ? 7.635   3.579   8.057   1.00 46.47 ? 627 PHE A CE1 1 
ATOM   1291 C CE2 . PHE A 1 164 ? 5.609   2.598   8.939   1.00 46.90 ? 627 PHE A CE2 1 
ATOM   1292 C CZ  . PHE A 1 164 ? 6.958   2.934   9.096   1.00 46.97 ? 627 PHE A CZ  1 
ATOM   1293 N N   . LYS A 1 165 ? 3.439   2.663   2.781   1.00 37.41 ? 628 LYS A N   1 
ATOM   1294 C CA  . LYS A 1 165 ? 2.527   2.947   1.683   1.00 37.14 ? 628 LYS A CA  1 
ATOM   1295 C C   . LYS A 1 165 ? 1.098   3.102   2.165   1.00 37.42 ? 628 LYS A C   1 
ATOM   1296 O O   . LYS A 1 165 ? 0.708   2.592   3.219   1.00 38.55 ? 628 LYS A O   1 
ATOM   1297 C CB  . LYS A 1 165 ? 2.554   1.847   0.611   1.00 35.97 ? 628 LYS A CB  1 
ATOM   1298 C CG  . LYS A 1 165 ? 3.742   1.881   -0.331  1.00 35.59 ? 628 LYS A CG  1 
ATOM   1299 C CD  . LYS A 1 165 ? 4.865   1.020   0.184   1.00 35.25 ? 628 LYS A CD  1 
ATOM   1300 C CE  . LYS A 1 165 ? 5.924   0.820   -0.877  1.00 34.39 ? 628 LYS A CE  1 
ATOM   1301 N NZ  . LYS A 1 165 ? 6.948   -0.126  -0.384  1.00 36.82 ? 628 LYS A NZ  1 
ATOM   1302 N N   . ALA A 1 166 ? 0.323   3.816   1.366   1.00 36.43 ? 629 ALA A N   1 
ATOM   1303 C CA  . ALA A 1 166 ? -1.076  4.045   1.651   1.00 34.49 ? 629 ALA A CA  1 
ATOM   1304 C C   . ALA A 1 166 ? -1.706  4.272   0.290   1.00 32.67 ? 629 ALA A C   1 
ATOM   1305 O O   . ALA A 1 166 ? -1.116  4.929   -0.570  1.00 30.38 ? 629 ALA A O   1 
ATOM   1306 C CB  . ALA A 1 166 ? -1.248  5.276   2.542   1.00 33.96 ? 629 ALA A CB  1 
ATOM   1307 N N   . THR A 1 167 ? -2.883  3.687   0.093   1.00 31.65 ? 630 THR A N   1 
ATOM   1308 C CA  . THR A 1 167 ? -3.618  3.827   -1.152  1.00 29.66 ? 630 THR A CA  1 
ATOM   1309 C C   . THR A 1 167 ? -4.697  4.872   -0.947  1.00 30.03 ? 630 THR A C   1 
ATOM   1310 O O   . THR A 1 167 ? -5.332  4.945   0.112   1.00 28.44 ? 630 THR A O   1 
ATOM   1311 C CB  . THR A 1 167 ? -4.320  2.505   -1.584  1.00 27.47 ? 630 THR A CB  1 
ATOM   1312 O OG1 . THR A 1 167 ? -3.339  1.499   -1.858  1.00 28.51 ? 630 THR A OG1 1 
ATOM   1313 C CG2 . THR A 1 167 ? -5.163  2.733   -2.844  1.00 24.28 ? 630 THR A CG2 1 
ATOM   1314 N N   . ILE A 1 168 ? -4.893  5.674   -1.977  1.00 31.86 ? 631 ILE A N   1 
ATOM   1315 C CA  . ILE A 1 168 ? -5.906  6.713   -1.981  1.00 35.84 ? 631 ILE A CA  1 
ATOM   1316 C C   . ILE A 1 168 ? -6.806  6.266   -3.133  1.00 37.57 ? 631 ILE A C   1 
ATOM   1317 O O   . ILE A 1 168 ? -6.369  6.203   -4.279  1.00 37.89 ? 631 ILE A O   1 
ATOM   1318 C CB  . ILE A 1 168 ? -5.238  8.085   -2.242  1.00 35.44 ? 631 ILE A CB  1 
ATOM   1319 C CG1 . ILE A 1 168 ? -4.235  8.362   -1.115  1.00 36.12 ? 631 ILE A CG1 1 
ATOM   1320 C CG2 . ILE A 1 168 ? -6.281  9.189   -2.327  1.00 35.51 ? 631 ILE A CG2 1 
ATOM   1321 C CD1 . ILE A 1 168 ? -3.322  9.548   -1.345  1.00 39.90 ? 631 ILE A CD1 1 
ATOM   1322 N N   . GLU A 1 169 ? -8.046  5.912   -2.819  1.00 40.60 ? 632 GLU A N   1 
ATOM   1323 C CA  . GLU A 1 169 ? -8.977  5.402   -3.824  1.00 42.96 ? 632 GLU A CA  1 
ATOM   1324 C C   . GLU A 1 169 ? -9.826  6.464   -4.501  1.00 43.91 ? 632 GLU A C   1 
ATOM   1325 O O   . GLU A 1 169 ? -10.439 7.318   -3.841  1.00 44.19 ? 632 GLU A O   1 
ATOM   1326 C CB  . GLU A 1 169 ? -9.895  4.355   -3.168  1.00 44.74 ? 632 GLU A CB  1 
ATOM   1327 C CG  . GLU A 1 169 ? -10.491 3.285   -4.095  1.00 47.91 ? 632 GLU A CG  1 
ATOM   1328 C CD  . GLU A 1 169 ? -9.635  2.011   -4.198  1.00 49.94 ? 632 GLU A CD  1 
ATOM   1329 O OE1 . GLU A 1 169 ? -8.876  1.697   -3.251  1.00 49.15 ? 632 GLU A OE1 1 
ATOM   1330 O OE2 . GLU A 1 169 ? -9.740  1.309   -5.228  1.00 52.08 ? 632 GLU A OE2 1 
ATOM   1331 N N   . GLY A 1 170 ? -9.871  6.381   -5.825  1.00 43.90 ? 633 GLY A N   1 
ATOM   1332 C CA  . GLY A 1 170 ? -10.675 7.312   -6.580  1.00 43.00 ? 633 GLY A CA  1 
ATOM   1333 C C   . GLY A 1 170 ? -9.802  8.362   -7.226  1.00 42.34 ? 633 GLY A C   1 
ATOM   1334 O O   . GLY A 1 170 ? -8.957  8.998   -6.577  1.00 42.71 ? 633 GLY A O   1 
ATOM   1335 N N   . ALA A 1 171 ? -9.992  8.527   -8.525  1.00 41.14 ? 634 ALA A N   1 
ATOM   1336 C CA  . ALA A 1 171 ? -9.189  9.523   -9.246  1.00 41.25 ? 634 ALA A CA  1 
ATOM   1337 C C   . ALA A 1 171 ? -9.346  10.956  -8.823  1.00 42.12 ? 634 ALA A C   1 
ATOM   1338 O O   . ALA A 1 171 ? -8.422  11.703  -8.988  1.00 41.01 ? 634 ALA A O   1 
ATOM   1339 C CB  . ALA A 1 171 ? -9.411  9.475   -10.682 1.00 38.79 ? 634 ALA A CB  1 
ATOM   1340 N N   . HIS A 1 172 ? -10.462 11.401  -8.284  1.00 44.84 ? 635 HIS A N   1 
ATOM   1341 C CA  . HIS A 1 172 ? -10.377 12.816  -7.975  1.00 49.02 ? 635 HIS A CA  1 
ATOM   1342 C C   . HIS A 1 172 ? -10.145 13.211  -6.544  1.00 48.36 ? 635 HIS A C   1 
ATOM   1343 O O   . HIS A 1 172 ? -10.639 14.234  -6.075  1.00 48.37 ? 635 HIS A O   1 
ATOM   1344 C CB  . HIS A 1 172 ? -11.506 13.641  -8.641  1.00 54.12 ? 635 HIS A CB  1 
ATOM   1345 C CG  . HIS A 1 172 ? -11.373 13.702  -10.142 1.00 59.47 ? 635 HIS A CG  1 
ATOM   1346 N ND1 . HIS A 1 172 ? -10.402 14.430  -10.804 1.00 60.52 ? 635 HIS A ND1 1 
ATOM   1347 C CD2 . HIS A 1 172 ? -12.157 13.153  -11.087 1.00 61.65 ? 635 HIS A CD2 1 
ATOM   1348 C CE1 . HIS A 1 172 ? -10.617 14.331  -12.107 1.00 61.72 ? 635 HIS A CE1 1 
ATOM   1349 N NE2 . HIS A 1 172 ? -11.671 13.565  -12.302 1.00 61.70 ? 635 HIS A NE2 1 
ATOM   1350 N N   . ALA A 1 173 ? -9.393  12.380  -5.821  1.00 46.38 ? 636 ALA A N   1 
ATOM   1351 C CA  . ALA A 1 173 ? -9.052  12.695  -4.440  1.00 44.31 ? 636 ALA A CA  1 
ATOM   1352 C C   . ALA A 1 173 ? -7.839  13.578  -4.772  1.00 43.66 ? 636 ALA A C   1 
ATOM   1353 O O   . ALA A 1 173 ? -7.022  13.242  -5.678  1.00 40.77 ? 636 ALA A O   1 
ATOM   1354 C CB  . ALA A 1 173 ? -8.617  11.439  -3.698  1.00 45.31 ? 636 ALA A CB  1 
ATOM   1355 N N   . ARG A 1 174 ? -7.726  14.719  -4.097  1.00 42.35 ? 637 ARG A N   1 
ATOM   1356 C CA  . ARG A 1 174 ? -6.638  15.651  -4.347  1.00 41.52 ? 637 ARG A CA  1 
ATOM   1357 C C   . ARG A 1 174 ? -5.858  15.965  -3.093  1.00 40.66 ? 637 ARG A C   1 
ATOM   1358 O O   . ARG A 1 174 ? -5.027  16.871  -3.069  1.00 41.41 ? 637 ARG A O   1 
ATOM   1359 C CB  . ARG A 1 174 ? -7.199  16.944  -4.931  1.00 40.93 ? 637 ARG A CB  1 
ATOM   1360 C CG  . ARG A 1 174 ? -7.620  16.849  -6.383  1.00 40.36 ? 637 ARG A CG  1 
ATOM   1361 C CD  . ARG A 1 174 ? -6.414  16.895  -7.292  1.00 39.56 ? 637 ARG A CD  1 
ATOM   1362 N NE  . ARG A 1 174 ? -6.808  16.804  -8.693  1.00 43.37 ? 637 ARG A NE  1 
ATOM   1363 C CZ  . ARG A 1 174 ? -7.365  15.729  -9.249  1.00 44.24 ? 637 ARG A CZ  1 
ATOM   1364 N NH1 . ARG A 1 174 ? -7.595  14.642  -8.523  1.00 43.60 ? 637 ARG A NH1 1 
ATOM   1365 N NH2 . ARG A 1 174 ? -7.691  15.740  -10.535 1.00 46.03 ? 637 ARG A NH2 1 
ATOM   1366 N N   . SER A 1 175 ? -6.153  15.215  -2.046  1.00 39.51 ? 638 SER A N   1 
ATOM   1367 C CA  . SER A 1 175 ? -5.497  15.396  -0.768  1.00 39.60 ? 638 SER A CA  1 
ATOM   1368 C C   . SER A 1 175 ? -5.660  14.108  0.030   1.00 39.03 ? 638 SER A C   1 
ATOM   1369 O O   . SER A 1 175 ? -6.531  13.292  -0.259  1.00 39.02 ? 638 SER A O   1 
ATOM   1370 C CB  . SER A 1 175 ? -6.115  16.587  -0.017  1.00 39.12 ? 638 SER A CB  1 
ATOM   1371 O OG  . SER A 1 175 ? -7.494  16.380  0.235   1.00 39.40 ? 638 SER A OG  1 
ATOM   1372 N N   . PHE A 1 176 ? -4.811  13.916  1.025   1.00 39.24 ? 639 PHE A N   1 
ATOM   1373 C CA  . PHE A 1 176 ? -4.883  12.712  1.837   1.00 39.82 ? 639 PHE A CA  1 
ATOM   1374 C C   . PHE A 1 176 ? -4.151  12.976  3.127   1.00 38.58 ? 639 PHE A C   1 
ATOM   1375 O O   . PHE A 1 176 ? -3.026  13.470  3.117   1.00 39.25 ? 639 PHE A O   1 
ATOM   1376 C CB  . PHE A 1 176 ? -4.223  11.533  1.108   1.00 41.40 ? 639 PHE A CB  1 
ATOM   1377 C CG  . PHE A 1 176 ? -4.251  10.239  1.885   1.00 42.97 ? 639 PHE A CG  1 
ATOM   1378 C CD1 . PHE A 1 176 ? -5.460  9.593   2.152   1.00 44.72 ? 639 PHE A CD1 1 
ATOM   1379 C CD2 . PHE A 1 176 ? -3.072  9.661   2.343   1.00 43.21 ? 639 PHE A CD2 1 
ATOM   1380 C CE1 . PHE A 1 176 ? -5.500  8.389   2.865   1.00 44.05 ? 639 PHE A CE1 1 
ATOM   1381 C CE2 . PHE A 1 176 ? -3.099  8.453   3.058   1.00 45.98 ? 639 PHE A CE2 1 
ATOM   1382 C CZ  . PHE A 1 176 ? -4.317  7.817   3.319   1.00 44.98 ? 639 PHE A CZ  1 
ATOM   1383 N N   . LYS A 1 177 ? -4.789  12.652  4.240   1.00 37.26 ? 640 LYS A N   1 
ATOM   1384 C CA  . LYS A 1 177 ? -4.157  12.866  5.527   1.00 37.08 ? 640 LYS A CA  1 
ATOM   1385 C C   . LYS A 1 177 ? -3.344  11.642  5.917   1.00 36.14 ? 640 LYS A C   1 
ATOM   1386 O O   . LYS A 1 177 ? -3.861  10.528  5.950   1.00 36.76 ? 640 LYS A O   1 
ATOM   1387 C CB  . LYS A 1 177 ? -5.216  13.127  6.596   1.00 38.19 ? 640 LYS A CB  1 
ATOM   1388 C CG  . LYS A 1 177 ? -4.653  13.540  7.945   1.00 43.41 ? 640 LYS A CG  1 
ATOM   1389 C CD  . LYS A 1 177 ? -5.757  13.645  8.987   1.00 47.84 ? 640 LYS A CD  1 
ATOM   1390 C CE  . LYS A 1 177 ? -5.219  14.107  10.338  1.00 52.17 ? 640 LYS A CE  1 
ATOM   1391 N NZ  . LYS A 1 177 ? -6.296  14.225  11.357  1.00 53.49 ? 640 LYS A NZ  1 
ATOM   1392 N N   . ILE A 1 178 ? -2.065  11.841  6.195   1.00 35.22 ? 641 ILE A N   1 
ATOM   1393 C CA  . ILE A 1 178 ? -1.238  10.733  6.632   1.00 35.62 ? 641 ILE A CA  1 
ATOM   1394 C C   . ILE A 1 178 ? -0.993  10.878  8.122   1.00 36.29 ? 641 ILE A C   1 
ATOM   1395 O O   . ILE A 1 178 ? -0.271  11.772  8.576   1.00 34.65 ? 641 ILE A O   1 
ATOM   1396 C CB  . ILE A 1 178 ? 0.112   10.680  5.894   1.00 35.58 ? 641 ILE A CB  1 
ATOM   1397 C CG1 . ILE A 1 178 ? -0.114  10.312  4.426   1.00 33.85 ? 641 ILE A CG1 1 
ATOM   1398 C CG2 . ILE A 1 178 ? 1.029   9.660   6.561   1.00 32.90 ? 641 ILE A CG2 1 
ATOM   1399 C CD1 . ILE A 1 178 ? 1.135   10.369  3.597   1.00 37.02 ? 641 ILE A CD1 1 
ATOM   1400 N N   . ALA A 1 179 ? -1.630  9.993   8.881   1.00 39.21 ? 642 ALA A N   1 
ATOM   1401 C CA  . ALA A 1 179 ? -1.518  9.977   10.333  1.00 41.67 ? 642 ALA A CA  1 
ATOM   1402 C C   . ALA A 1 179 ? -1.777  8.548   10.809  1.00 43.83 ? 642 ALA A C   1 
ATOM   1403 O O   . ALA A 1 179 ? -2.544  7.809   10.186  1.00 46.41 ? 642 ALA A O   1 
ATOM   1404 C CB  . ALA A 1 179 ? -2.553  10.914  10.922  1.00 40.63 ? 642 ALA A CB  1 
ATOM   1405 N N   . PRO A 1 180 ? -1.144  8.135   11.914  1.00 45.25 ? 643 PRO A N   1 
ATOM   1406 C CA  . PRO A 1 180 ? -0.233  8.909   12.764  1.00 45.10 ? 643 PRO A CA  1 
ATOM   1407 C C   . PRO A 1 180 ? 1.256   8.933   12.378  1.00 44.64 ? 643 PRO A C   1 
ATOM   1408 O O   . PRO A 1 180 ? 1.807   7.965   11.839  1.00 43.90 ? 643 PRO A O   1 
ATOM   1409 C CB  . PRO A 1 180 ? -0.467  8.338   14.156  1.00 45.34 ? 643 PRO A CB  1 
ATOM   1410 C CG  . PRO A 1 180 ? -0.936  6.917   13.920  1.00 46.45 ? 643 PRO A CG  1 
ATOM   1411 C CD  . PRO A 1 180 ? -1.516  6.844   12.519  1.00 45.98 ? 643 PRO A CD  1 
ATOM   1412 N N   . LEU A 1 181 ? 1.881   10.081  12.647  1.00 45.50 ? 644 LEU A N   1 
ATOM   1413 C CA  . LEU A 1 181 ? 3.293   10.335  12.366  1.00 45.10 ? 644 LEU A CA  1 
ATOM   1414 C C   . LEU A 1 181 ? 3.912   10.921  13.626  1.00 46.73 ? 644 LEU A C   1 
ATOM   1415 O O   . LEU A 1 181 ? 3.246   11.640  14.364  1.00 46.04 ? 644 LEU A O   1 
ATOM   1416 C CB  . LEU A 1 181 ? 3.426   11.345  11.220  1.00 44.36 ? 644 LEU A CB  1 
ATOM   1417 C CG  . LEU A 1 181 ? 2.951   10.959  9.812   1.00 42.90 ? 644 LEU A CG  1 
ATOM   1418 C CD1 . LEU A 1 181 ? 2.961   12.172  8.912   1.00 40.02 ? 644 LEU A CD1 1 
ATOM   1419 C CD2 . LEU A 1 181 ? 3.850   9.869   9.255   1.00 44.13 ? 644 LEU A CD2 1 
ATOM   1420 N N   . GLU A 1 182 ? 5.190   10.629  13.857  1.00 48.70 ? 645 GLU A N   1 
ATOM   1421 C CA  . GLU A 1 182 ? 5.888   11.125  15.045  1.00 51.02 ? 645 GLU A CA  1 
ATOM   1422 C C   . GLU A 1 182 ? 5.975   12.656  15.087  1.00 51.51 ? 645 GLU A C   1 
ATOM   1423 O O   . GLU A 1 182 ? 6.181   13.304  14.052  1.00 53.04 ? 645 GLU A O   1 
ATOM   1424 C CB  . GLU A 1 182 ? 7.298   10.521  15.123  1.00 51.77 ? 645 GLU A CB  1 
ATOM   1425 C CG  . GLU A 1 182 ? 7.339   9.005   14.966  1.00 53.90 ? 645 GLU A CG  1 
ATOM   1426 C CD  . GLU A 1 182 ? 6.281   8.295   15.796  1.00 57.24 ? 645 GLU A CD  1 
ATOM   1427 O OE1 . GLU A 1 182 ? 6.110   8.660   16.984  1.00 57.43 ? 645 GLU A OE1 1 
ATOM   1428 O OE2 . GLU A 1 182 ? 5.627   7.368   15.263  1.00 56.86 ? 645 GLU A OE2 1 
ATOM   1429 N N   . THR A 1 183 ? 5.824   13.219  16.286  1.00 51.01 ? 646 THR A N   1 
ATOM   1430 C CA  . THR A 1 183 ? 5.866   14.667  16.493  1.00 51.73 ? 646 THR A CA  1 
ATOM   1431 C C   . THR A 1 183 ? 7.222   15.300  16.183  1.00 51.36 ? 646 THR A C   1 
ATOM   1432 O O   . THR A 1 183 ? 8.270   14.653  16.319  1.00 50.76 ? 646 THR A O   1 
ATOM   1433 C CB  . THR A 1 183 ? 5.493   15.026  17.951  1.00 53.04 ? 646 THR A CB  1 
ATOM   1434 O OG1 . THR A 1 183 ? 4.279   14.357  18.316  1.00 55.64 ? 646 THR A OG1 1 
ATOM   1435 C CG2 . THR A 1 183 ? 5.288   16.524  18.100  1.00 52.71 ? 646 THR A CG2 1 
ATOM   1436 N N   . ALA A 1 184 ? 7.184   16.570  15.776  1.00 50.57 ? 647 ALA A N   1 
ATOM   1437 C CA  . ALA A 1 184 ? 8.386   17.330  15.432  1.00 49.99 ? 647 ALA A CA  1 
ATOM   1438 C C   . ALA A 1 184 ? 9.349   16.497  14.600  1.00 49.47 ? 647 ALA A C   1 
ATOM   1439 O O   . ALA A 1 184 ? 10.568  16.660  14.700  1.00 50.93 ? 647 ALA A O   1 
ATOM   1440 C CB  . ALA A 1 184 ? 9.085   17.823  16.702  1.00 49.60 ? 647 ALA A CB  1 
ATOM   1441 N N   . THR A 1 185 ? 8.797   15.615  13.768  1.00 48.51 ? 648 THR A N   1 
ATOM   1442 C CA  . THR A 1 185 ? 9.609   14.742  12.923  1.00 46.52 ? 648 THR A CA  1 
ATOM   1443 C C   . THR A 1 185 ? 9.383   15.009  11.429  1.00 45.61 ? 648 THR A C   1 
ATOM   1444 O O   . THR A 1 185 ? 8.245   15.194  10.972  1.00 45.95 ? 648 THR A O   1 
ATOM   1445 C CB  . THR A 1 185 ? 9.317   13.270  13.236  1.00 45.88 ? 648 THR A CB  1 
ATOM   1446 O OG1 . THR A 1 185 ? 9.500   13.043  14.641  1.00 45.08 ? 648 THR A OG1 1 
ATOM   1447 C CG2 . THR A 1 185 ? 10.257  12.372  12.459  1.00 44.46 ? 648 THR A CG2 1 
ATOM   1448 N N   . MET A 1 186 ? 10.481  15.010  10.675  1.00 43.67 ? 649 MET A N   1 
ATOM   1449 C CA  . MET A 1 186 ? 10.477  15.287  9.237   1.00 41.89 ? 649 MET A CA  1 
ATOM   1450 C C   . MET A 1 186 ? 10.363  14.034  8.359   1.00 40.51 ? 649 MET A C   1 
ATOM   1451 O O   . MET A 1 186 ? 11.132  13.091  8.530   1.00 39.65 ? 649 MET A O   1 
ATOM   1452 C CB  . MET A 1 186 ? 11.767  16.036  8.887   1.00 42.08 ? 649 MET A CB  1 
ATOM   1453 C CG  . MET A 1 186 ? 11.866  16.546  7.453   1.00 40.57 ? 649 MET A CG  1 
ATOM   1454 S SD  . MET A 1 186 ? 10.909  18.038  7.228   1.00 41.29 ? 649 MET A SD  1 
ATOM   1455 C CE  . MET A 1 186 ? 11.994  19.264  7.962   1.00 41.58 ? 649 MET A CE  1 
ATOM   1456 N N   . TYR A 1 187 ? 9.423   14.040  7.413   1.00 38.75 ? 650 TYR A N   1 
ATOM   1457 C CA  . TYR A 1 187 ? 9.231   12.911  6.498   1.00 37.80 ? 650 TYR A CA  1 
ATOM   1458 C C   . TYR A 1 187 ? 9.431   13.275  5.032   1.00 36.50 ? 650 TYR A C   1 
ATOM   1459 O O   . TYR A 1 187 ? 9.449   14.453  4.676   1.00 36.33 ? 650 TYR A O   1 
ATOM   1460 C CB  . TYR A 1 187 ? 7.823   12.332  6.616   1.00 39.09 ? 650 TYR A CB  1 
ATOM   1461 C CG  . TYR A 1 187 ? 7.549   11.610  7.898   1.00 39.24 ? 650 TYR A CG  1 
ATOM   1462 C CD1 . TYR A 1 187 ? 7.222   12.313  9.051   1.00 38.99 ? 650 TYR A CD1 1 
ATOM   1463 C CD2 . TYR A 1 187 ? 7.655   10.218  7.970   1.00 39.00 ? 650 TYR A CD2 1 
ATOM   1464 C CE1 . TYR A 1 187 ? 7.007   11.653  10.251  1.00 39.31 ? 650 TYR A CE1 1 
ATOM   1465 C CE2 . TYR A 1 187 ? 7.444   9.548   9.162   1.00 38.01 ? 650 TYR A CE2 1 
ATOM   1466 C CZ  . TYR A 1 187 ? 7.124   10.268  10.299  1.00 38.68 ? 650 TYR A CZ  1 
ATOM   1467 O OH  . TYR A 1 187 ? 6.947   9.607   11.487  1.00 36.83 ? 650 TYR A OH  1 
ATOM   1468 N N   . GLU A 1 188 ? 9.563   12.251  4.191   1.00 34.82 ? 651 GLU A N   1 
ATOM   1469 C CA  . GLU A 1 188 ? 9.717   12.440  2.752   1.00 33.24 ? 651 GLU A CA  1 
ATOM   1470 C C   . GLU A 1 188 ? 8.463   11.862  2.139   1.00 31.41 ? 651 GLU A C   1 
ATOM   1471 O O   . GLU A 1 188 ? 8.012   10.791  2.554   1.00 29.44 ? 651 GLU A O   1 
ATOM   1472 C CB  . GLU A 1 188 ? 10.915  11.660  2.212   1.00 33.91 ? 651 GLU A CB  1 
ATOM   1473 C CG  . GLU A 1 188 ? 12.188  11.941  2.938   1.00 39.79 ? 651 GLU A CG  1 
ATOM   1474 C CD  . GLU A 1 188 ? 13.394  11.368  2.228   1.00 43.28 ? 651 GLU A CD  1 
ATOM   1475 O OE1 . GLU A 1 188 ? 13.429  10.133  2.011   1.00 46.02 ? 651 GLU A OE1 1 
ATOM   1476 O OE2 . GLU A 1 188 ? 14.309  12.158  1.889   1.00 45.03 ? 651 GLU A OE2 1 
ATOM   1477 N N   . PHE A 1 189 ? 7.901   12.556  1.153   1.00 28.54 ? 652 PHE A N   1 
ATOM   1478 C CA  . PHE A 1 189 ? 6.702   12.062  0.496   1.00 26.76 ? 652 PHE A CA  1 
ATOM   1479 C C   . PHE A 1 189 ? 6.774   12.192  -1.023  1.00 26.83 ? 652 PHE A C   1 
ATOM   1480 O O   . PHE A 1 189 ? 7.249   13.194  -1.553  1.00 29.62 ? 652 PHE A O   1 
ATOM   1481 C CB  . PHE A 1 189 ? 5.457   12.828  0.949   1.00 26.39 ? 652 PHE A CB  1 
ATOM   1482 C CG  . PHE A 1 189 ? 5.298   12.950  2.442   1.00 25.65 ? 652 PHE A CG  1 
ATOM   1483 C CD1 . PHE A 1 189 ? 6.159   13.748  3.188   1.00 23.53 ? 652 PHE A CD1 1 
ATOM   1484 C CD2 . PHE A 1 189 ? 4.251   12.302  3.091   1.00 25.86 ? 652 PHE A CD2 1 
ATOM   1485 C CE1 . PHE A 1 189 ? 5.985   13.910  4.549   1.00 24.26 ? 652 PHE A CE1 1 
ATOM   1486 C CE2 . PHE A 1 189 ? 4.062   12.452  4.462   1.00 25.35 ? 652 PHE A CE2 1 
ATOM   1487 C CZ  . PHE A 1 189 ? 4.932   13.260  5.192   1.00 27.51 ? 652 PHE A CZ  1 
ATOM   1488 N N   . LYS A 1 190 ? 6.323   11.161  -1.720  1.00 25.12 ? 653 LYS A N   1 
ATOM   1489 C CA  . LYS A 1 190 ? 6.237   11.207  -3.169  1.00 25.35 ? 653 LYS A CA  1 
ATOM   1490 C C   . LYS A 1 190 ? 4.897   10.543  -3.489  1.00 25.31 ? 653 LYS A C   1 
ATOM   1491 O O   . LYS A 1 190 ? 4.281   9.912   -2.631  1.00 25.32 ? 653 LYS A O   1 
ATOM   1492 C CB  . LYS A 1 190 ? 7.410   10.500  -3.848  1.00 26.62 ? 653 LYS A CB  1 
ATOM   1493 C CG  . LYS A 1 190 ? 7.643   9.072   -3.440  1.00 30.30 ? 653 LYS A CG  1 
ATOM   1494 C CD  . LYS A 1 190 ? 8.870   8.531   -4.146  1.00 30.36 ? 653 LYS A CD  1 
ATOM   1495 C CE  . LYS A 1 190 ? 9.108   7.073   -3.793  1.00 30.82 ? 653 LYS A CE  1 
ATOM   1496 N NZ  . LYS A 1 190 ? 10.365  6.556   -4.403  1.00 33.48 ? 653 LYS A NZ  1 
ATOM   1497 N N   . LEU A 1 191 ? 4.423   10.705  -4.710  1.00 25.67 ? 654 LEU A N   1 
ATOM   1498 C CA  . LEU A 1 191 ? 3.135   10.157  -5.074  1.00 25.95 ? 654 LEU A CA  1 
ATOM   1499 C C   . LEU A 1 191 ? 3.141   9.650   -6.503  1.00 25.60 ? 654 LEU A C   1 
ATOM   1500 O O   . LEU A 1 191 ? 3.908   10.125  -7.346  1.00 26.94 ? 654 LEU A O   1 
ATOM   1501 C CB  . LEU A 1 191 ? 2.071   11.248  -4.915  1.00 25.29 ? 654 LEU A CB  1 
ATOM   1502 C CG  . LEU A 1 191 ? 0.601   10.947  -5.219  1.00 27.34 ? 654 LEU A CG  1 
ATOM   1503 C CD1 . LEU A 1 191 ? 0.034   10.004  -4.157  1.00 26.95 ? 654 LEU A CD1 1 
ATOM   1504 C CD2 . LEU A 1 191 ? -0.187  12.265  -5.252  1.00 26.06 ? 654 LEU A CD2 1 
ATOM   1505 N N   . GLN A 1 192 ? 2.295   8.666   -6.765  1.00 26.09 ? 655 GLN A N   1 
ATOM   1506 C CA  . GLN A 1 192 ? 2.167   8.113   -8.108  1.00 29.11 ? 655 GLN A CA  1 
ATOM   1507 C C   . GLN A 1 192 ? 0.709   7.730   -8.279  1.00 29.01 ? 655 GLN A C   1 
ATOM   1508 O O   . GLN A 1 192 ? 0.015   7.445   -7.292  1.00 30.03 ? 655 GLN A O   1 
ATOM   1509 C CB  . GLN A 1 192 ? 3.055   6.871   -8.296  1.00 28.88 ? 655 GLN A CB  1 
ATOM   1510 C CG  . GLN A 1 192 ? 2.587   5.630   -7.543  1.00 29.94 ? 655 GLN A CG  1 
ATOM   1511 C CD  . GLN A 1 192 ? 3.467   4.407   -7.792  1.00 29.75 ? 655 GLN A CD  1 
ATOM   1512 O OE1 . GLN A 1 192 ? 3.409   3.427   -7.041  1.00 26.11 ? 655 GLN A OE1 1 
ATOM   1513 N NE2 . GLN A 1 192 ? 4.277   4.454   -8.853  1.00 27.12 ? 655 GLN A NE2 1 
ATOM   1514 N N   . SER A 1 193 ? 0.239   7.766   -9.519  1.00 29.76 ? 656 SER A N   1 
ATOM   1515 C CA  . SER A 1 193 ? -1.134  7.380   -9.816  1.00 30.51 ? 656 SER A CA  1 
ATOM   1516 C C   . SER A 1 193 ? -1.048  5.920   -10.256 1.00 30.75 ? 656 SER A C   1 
ATOM   1517 O O   . SER A 1 193 ? 0.024   5.445   -10.647 1.00 29.76 ? 656 SER A O   1 
ATOM   1518 C CB  . SER A 1 193 ? -1.704  8.234   -10.947 1.00 29.81 ? 656 SER A CB  1 
ATOM   1519 O OG  . SER A 1 193 ? -1.042  7.957   -12.165 1.00 30.76 ? 656 SER A OG  1 
ATOM   1520 N N   . PHE A 1 194 ? -2.161  5.201   -10.189 1.00 30.65 ? 657 PHE A N   1 
ATOM   1521 C CA  . PHE A 1 194 ? -2.137  3.801   -10.587 1.00 29.23 ? 657 PHE A CA  1 
ATOM   1522 C C   . PHE A 1 194 ? -3.445  3.335   -11.181 1.00 29.22 ? 657 PHE A C   1 
ATOM   1523 O O   . PHE A 1 194 ? -4.495  3.946   -10.988 1.00 29.05 ? 657 PHE A O   1 
ATOM   1524 C CB  . PHE A 1 194 ? -1.800  2.904   -9.387  1.00 27.64 ? 657 PHE A CB  1 
ATOM   1525 C CG  . PHE A 1 194 ? -2.964  2.676   -8.449  1.00 27.37 ? 657 PHE A CG  1 
ATOM   1526 C CD1 . PHE A 1 194 ? -3.922  1.700   -8.722  1.00 28.02 ? 657 PHE A CD1 1 
ATOM   1527 C CD2 . PHE A 1 194 ? -3.122  3.455   -7.310  1.00 25.95 ? 657 PHE A CD2 1 
ATOM   1528 C CE1 . PHE A 1 194 ? -5.023  1.511   -7.871  1.00 28.75 ? 657 PHE A CE1 1 
ATOM   1529 C CE2 . PHE A 1 194 ? -4.219  3.271   -6.456  1.00 26.46 ? 657 PHE A CE2 1 
ATOM   1530 C CZ  . PHE A 1 194 ? -5.169  2.299   -6.739  1.00 25.79 ? 657 PHE A CZ  1 
ATOM   1531 N N   . SER A 1 195 ? -3.342  2.233   -11.911 1.00 30.63 ? 658 SER A N   1 
ATOM   1532 C CA  . SER A 1 195 ? -4.455  1.555   -12.541 1.00 30.20 ? 658 SER A CA  1 
ATOM   1533 C C   . SER A 1 195 ? -4.073  0.088   -12.390 1.00 31.70 ? 658 SER A C   1 
ATOM   1534 O O   . SER A 1 195 ? -3.008  -0.232  -11.862 1.00 30.68 ? 658 SER A O   1 
ATOM   1535 C CB  . SER A 1 195 ? -4.542  1.906   -14.012 1.00 28.74 ? 658 SER A CB  1 
ATOM   1536 O OG  . SER A 1 195 ? -3.402  1.424   -14.689 1.00 32.44 ? 658 SER A OG  1 
ATOM   1537 N N   . ALA A 1 196 ? -4.930  -0.809  -12.849 1.00 33.72 ? 659 ALA A N   1 
ATOM   1538 C CA  . ALA A 1 196 ? -4.627  -2.224  -12.739 1.00 34.46 ? 659 ALA A CA  1 
ATOM   1539 C C   . ALA A 1 196 ? -3.377  -2.547  -13.550 1.00 34.97 ? 659 ALA A C   1 
ATOM   1540 O O   . ALA A 1 196 ? -2.459  -3.213  -13.067 1.00 35.33 ? 659 ALA A O   1 
ATOM   1541 C CB  . ALA A 1 196 ? -5.808  -3.046  -13.246 1.00 34.17 ? 659 ALA A CB  1 
ATOM   1542 N N   . ALA A 1 197 ? -3.349  -2.034  -14.778 1.00 35.56 ? 660 ALA A N   1 
ATOM   1543 C CA  . ALA A 1 197 ? -2.266  -2.270  -15.736 1.00 36.14 ? 660 ALA A CA  1 
ATOM   1544 C C   . ALA A 1 197 ? -0.892  -1.685  -15.431 1.00 34.88 ? 660 ALA A C   1 
ATOM   1545 O O   . ALA A 1 197 ? 0.119   -2.245  -15.868 1.00 34.29 ? 660 ALA A O   1 
ATOM   1546 C CB  . ALA A 1 197 ? -2.715  -1.822  -17.140 1.00 35.21 ? 660 ALA A CB  1 
ATOM   1547 N N   . SER A 1 198 ? -0.851  -0.567  -14.710 1.00 33.85 ? 661 SER A N   1 
ATOM   1548 C CA  . SER A 1 198 ? 0.425   0.060   -14.365 1.00 34.27 ? 661 SER A CA  1 
ATOM   1549 C C   . SER A 1 198 ? 0.282   1.313   -13.493 1.00 34.60 ? 661 SER A C   1 
ATOM   1550 O O   . SER A 1 198 ? -0.815  1.839   -13.301 1.00 33.68 ? 661 SER A O   1 
ATOM   1551 C CB  . SER A 1 198 ? 1.192   0.436   -15.639 1.00 35.21 ? 661 SER A CB  1 
ATOM   1552 O OG  . SER A 1 198 ? 0.574   1.531   -16.301 1.00 36.31 ? 661 SER A OG  1 
ATOM   1553 N N   . ALA A 1 199 ? 1.411   1.781   -12.969 1.00 34.10 ? 662 ALA A N   1 
ATOM   1554 C CA  . ALA A 1 199 ? 1.450   2.974   -12.135 1.00 34.90 ? 662 ALA A CA  1 
ATOM   1555 C C   . ALA A 1 199 ? 2.276   4.047   -12.860 1.00 35.16 ? 662 ALA A C   1 
ATOM   1556 O O   . ALA A 1 199 ? 3.165   3.729   -13.646 1.00 34.13 ? 662 ALA A O   1 
ATOM   1557 C CB  . ALA A 1 199 ? 2.067   2.648   -10.782 1.00 33.84 ? 662 ALA A CB  1 
ATOM   1558 N N   . SER A 1 200 ? 1.967   5.315   -12.608 1.00 34.48 ? 663 SER A N   1 
ATOM   1559 C CA  . SER A 1 200 ? 2.687   6.408   -13.250 1.00 35.19 ? 663 SER A CA  1 
ATOM   1560 C C   . SER A 1 200 ? 4.064   6.592   -12.635 1.00 35.51 ? 663 SER A C   1 
ATOM   1561 O O   . SER A 1 200 ? 4.453   5.871   -11.716 1.00 37.42 ? 663 SER A O   1 
ATOM   1562 C CB  . SER A 1 200 ? 1.927   7.718   -13.087 1.00 33.04 ? 663 SER A CB  1 
ATOM   1563 O OG  . SER A 1 200 ? 2.417   8.421   -11.961 1.00 34.00 ? 663 SER A OG  1 
ATOM   1564 N N   . GLU A 1 201 ? 4.796   7.571   -13.146 1.00 35.99 ? 664 GLU A N   1 
ATOM   1565 C CA  . GLU A 1 201 ? 6.114   7.864   -12.611 1.00 37.62 ? 664 GLU A CA  1 
ATOM   1566 C C   . GLU A 1 201 ? 5.860   8.705   -11.365 1.00 36.03 ? 664 GLU A C   1 
ATOM   1567 O O   . GLU A 1 201 ? 4.823   9.363   -11.255 1.00 36.77 ? 664 GLU A O   1 
ATOM   1568 C CB  . GLU A 1 201 ? 6.952   8.647   -13.629 1.00 38.68 ? 664 GLU A CB  1 
ATOM   1569 C CG  . GLU A 1 201 ? 8.334   9.057   -13.105 1.00 44.85 ? 664 GLU A CG  1 
ATOM   1570 C CD  . GLU A 1 201 ? 9.188   7.867   -12.669 1.00 47.20 ? 664 GLU A CD  1 
ATOM   1571 O OE1 . GLU A 1 201 ? 9.516   7.020   -13.538 1.00 49.20 ? 664 GLU A OE1 1 
ATOM   1572 O OE2 . GLU A 1 201 ? 9.527   7.782   -11.461 1.00 44.50 ? 664 GLU A OE2 1 
ATOM   1573 N N   . PHE A 1 202 ? 6.791   8.682   -10.426 1.00 35.40 ? 665 PHE A N   1 
ATOM   1574 C CA  . PHE A 1 202 ? 6.612   9.438   -9.200  1.00 35.79 ? 665 PHE A CA  1 
ATOM   1575 C C   . PHE A 1 202 ? 6.641   10.941  -9.376  1.00 36.17 ? 665 PHE A C   1 
ATOM   1576 O O   . PHE A 1 202 ? 7.240   11.471  -10.311 1.00 35.30 ? 665 PHE A O   1 
ATOM   1577 C CB  . PHE A 1 202 ? 7.665   9.057   -8.162  1.00 35.28 ? 665 PHE A CB  1 
ATOM   1578 C CG  . PHE A 1 202 ? 7.530   7.664   -7.653  1.00 37.20 ? 665 PHE A CG  1 
ATOM   1579 C CD1 . PHE A 1 202 ? 8.364   6.657   -8.119  1.00 37.02 ? 665 PHE A CD1 1 
ATOM   1580 C CD2 . PHE A 1 202 ? 6.564   7.351   -6.705  1.00 39.14 ? 665 PHE A CD2 1 
ATOM   1581 C CE1 . PHE A 1 202 ? 8.243   5.353   -7.645  1.00 38.16 ? 665 PHE A CE1 1 
ATOM   1582 C CE2 . PHE A 1 202 ? 6.433   6.049   -6.224  1.00 40.34 ? 665 PHE A CE2 1 
ATOM   1583 C CZ  . PHE A 1 202 ? 7.277   5.046   -6.698  1.00 38.82 ? 665 PHE A CZ  1 
ATOM   1584 N N   . SER A 1 203 ? 5.972   11.615  -8.450  1.00 36.61 ? 666 SER A N   1 
ATOM   1585 C CA  . SER A 1 203 ? 5.926   13.060  -8.436  1.00 36.37 ? 666 SER A CA  1 
ATOM   1586 C C   . SER A 1 203 ? 7.222   13.437  -7.741  1.00 36.73 ? 666 SER A C   1 
ATOM   1587 O O   . SER A 1 203 ? 8.049   12.572  -7.435  1.00 35.49 ? 666 SER A O   1 
ATOM   1588 C CB  . SER A 1 203 ? 4.740   13.543  -7.592  1.00 37.32 ? 666 SER A CB  1 
ATOM   1589 O OG  . SER A 1 203 ? 4.961   13.283  -6.211  1.00 35.32 ? 666 SER A OG  1 
ATOM   1590 N N   . ALA A 1 204 ? 7.403   14.723  -7.479  1.00 37.28 ? 667 ALA A N   1 
ATOM   1591 C CA  . ALA A 1 204 ? 8.605   15.158  -6.791  1.00 38.19 ? 667 ALA A CA  1 
ATOM   1592 C C   . ALA A 1 204 ? 8.581   14.629  -5.355  1.00 38.05 ? 667 ALA A C   1 
ATOM   1593 O O   . ALA A 1 204 ? 7.515   14.466  -4.763  1.00 37.87 ? 667 ALA A O   1 
ATOM   1594 C CB  . ALA A 1 204 ? 8.673   16.672  -6.785  1.00 37.69 ? 667 ALA A CB  1 
ATOM   1595 N N   . LEU A 1 205 ? 9.760   14.352  -4.807  1.00 38.39 ? 668 LEU A N   1 
ATOM   1596 C CA  . LEU A 1 205 ? 9.885   13.876  -3.432  1.00 39.26 ? 668 LEU A CA  1 
ATOM   1597 C C   . LEU A 1 205 ? 9.904   15.110  -2.528  1.00 40.12 ? 668 LEU A C   1 
ATOM   1598 O O   . LEU A 1 205 ? 10.877  15.865  -2.530  1.00 41.38 ? 668 LEU A O   1 
ATOM   1599 C CB  . LEU A 1 205 ? 11.187  13.081  -3.266  1.00 37.39 ? 668 LEU A CB  1 
ATOM   1600 C CG  . LEU A 1 205 ? 11.488  12.473  -1.892  1.00 36.99 ? 668 LEU A CG  1 
ATOM   1601 C CD1 . LEU A 1 205 ? 10.392  11.501  -1.491  1.00 37.93 ? 668 LEU A CD1 1 
ATOM   1602 C CD2 . LEU A 1 205 ? 12.823  11.755  -1.940  1.00 37.06 ? 668 LEU A CD2 1 
ATOM   1603 N N   . LYS A 1 206 ? 8.833   15.321  -1.764  1.00 40.13 ? 669 LYS A N   1 
ATOM   1604 C CA  . LYS A 1 206 ? 8.737   16.487  -0.877  1.00 41.14 ? 669 LYS A CA  1 
ATOM   1605 C C   . LYS A 1 206 ? 8.974   16.193  0.607   1.00 39.91 ? 669 LYS A C   1 
ATOM   1606 O O   . LYS A 1 206 ? 8.581   15.145  1.120   1.00 39.41 ? 669 LYS A O   1 
ATOM   1607 C CB  . LYS A 1 206 ? 7.362   17.157  -1.012  1.00 43.52 ? 669 LYS A CB  1 
ATOM   1608 C CG  . LYS A 1 206 ? 6.975   17.606  -2.417  1.00 46.55 ? 669 LYS A CG  1 
ATOM   1609 C CD  . LYS A 1 206 ? 7.700   18.856  -2.877  1.00 48.66 ? 669 LYS A CD  1 
ATOM   1610 C CE  . LYS A 1 206 ? 7.098   19.343  -4.195  1.00 52.13 ? 669 LYS A CE  1 
ATOM   1611 N NZ  . LYS A 1 206 ? 7.776   20.544  -4.787  1.00 54.34 ? 669 LYS A NZ  1 
ATOM   1612 N N   . GLN A 1 207 ? 9.601   17.150  1.287   1.00 39.16 ? 670 GLN A N   1 
ATOM   1613 C CA  . GLN A 1 207 ? 9.900   17.049  2.710   1.00 40.66 ? 670 GLN A CA  1 
ATOM   1614 C C   . GLN A 1 207 ? 8.824   17.785  3.511   1.00 40.83 ? 670 GLN A C   1 
ATOM   1615 O O   . GLN A 1 207 ? 8.360   18.855  3.105   1.00 40.02 ? 670 GLN A O   1 
ATOM   1616 C CB  . GLN A 1 207 ? 11.255  17.691  3.011   1.00 41.16 ? 670 GLN A CB  1 
ATOM   1617 C CG  . GLN A 1 207 ? 12.398  17.196  2.151   1.00 42.86 ? 670 GLN A CG  1 
ATOM   1618 C CD  . GLN A 1 207 ? 13.016  15.941  2.695   1.00 45.97 ? 670 GLN A CD  1 
ATOM   1619 O OE1 . GLN A 1 207 ? 13.559  15.941  3.801   1.00 47.07 ? 670 GLN A OE1 1 
ATOM   1620 N NE2 . GLN A 1 207 ? 12.940  14.856  1.929   1.00 46.34 ? 670 GLN A NE2 1 
ATOM   1621 N N   . GLY A 1 208 ? 8.447   17.219  4.655   1.00 40.77 ? 671 GLY A N   1 
ATOM   1622 C CA  . GLY A 1 208 ? 7.438   17.839  5.498   1.00 40.86 ? 671 GLY A CA  1 
ATOM   1623 C C   . GLY A 1 208 ? 7.630   17.449  6.952   1.00 42.06 ? 671 GLY A C   1 
ATOM   1624 O O   . GLY A 1 208 ? 7.992   16.307  7.251   1.00 41.11 ? 671 GLY A O   1 
ATOM   1625 N N   . ARG A 1 209 ? 7.383   18.388  7.860   1.00 43.28 ? 672 ARG A N   1 
ATOM   1626 C CA  . ARG A 1 209 ? 7.559   18.119  9.286   1.00 44.46 ? 672 ARG A CA  1 
ATOM   1627 C C   . ARG A 1 209 ? 6.262   18.250  10.085  1.00 44.66 ? 672 ARG A C   1 
ATOM   1628 O O   . ARG A 1 209 ? 5.463   19.146  9.838   1.00 44.19 ? 672 ARG A O   1 
ATOM   1629 C CB  . ARG A 1 209 ? 8.615   19.065  9.868   1.00 43.33 ? 672 ARG A CB  1 
ATOM   1630 C CG  . ARG A 1 209 ? 9.042   18.721  11.285  1.00 45.91 ? 672 ARG A CG  1 
ATOM   1631 C CD  . ARG A 1 209 ? 8.769   19.866  12.246  1.00 47.88 ? 672 ARG A CD  1 
ATOM   1632 N NE  . ARG A 1 209 ? 9.727   20.959  12.093  1.00 50.72 ? 672 ARG A NE  1 
ATOM   1633 C CZ  . ARG A 1 209 ? 9.480   22.225  12.424  1.00 51.01 ? 672 ARG A CZ  1 
ATOM   1634 N NH1 . ARG A 1 209 ? 8.299   22.567  12.925  1.00 49.23 ? 672 ARG A NH1 1 
ATOM   1635 N NH2 . ARG A 1 209 ? 10.419  23.149  12.257  1.00 52.09 ? 672 ARG A NH2 1 
ATOM   1636 N N   . THR A 1 210 ? 6.051   17.339  11.031  1.00 45.65 ? 673 THR A N   1 
ATOM   1637 C CA  . THR A 1 210 ? 4.865   17.384  11.881  1.00 46.50 ? 673 THR A CA  1 
ATOM   1638 C C   . THR A 1 210 ? 5.067   18.521  12.872  1.00 46.93 ? 673 THR A C   1 
ATOM   1639 O O   . THR A 1 210 ? 6.200   18.833  13.239  1.00 45.37 ? 673 THR A O   1 
ATOM   1640 C CB  . THR A 1 210 ? 4.674   16.072  12.675  1.00 46.24 ? 673 THR A CB  1 
ATOM   1641 O OG1 . THR A 1 210 ? 5.894   15.744  13.353  1.00 45.36 ? 673 THR A OG1 1 
ATOM   1642 C CG2 . THR A 1 210 ? 4.276   14.930  11.742  1.00 45.45 ? 673 THR A CG2 1 
ATOM   1643 N N   . GLN A 1 211 ? 3.967   19.135  13.298  1.00 48.39 ? 674 GLN A N   1 
ATOM   1644 C CA  . GLN A 1 211 ? 4.013   20.252  14.236  1.00 50.92 ? 674 GLN A CA  1 
ATOM   1645 C C   . GLN A 1 211 ? 4.592   19.889  15.594  1.00 53.17 ? 674 GLN A C   1 
ATOM   1646 O O   . GLN A 1 211 ? 4.580   18.727  15.996  1.00 53.43 ? 674 GLN A O   1 
ATOM   1647 C CB  . GLN A 1 211 ? 2.611   20.824  14.443  1.00 50.64 ? 674 GLN A CB  1 
ATOM   1648 C CG  . GLN A 1 211 ? 2.088   21.661  13.287  1.00 52.70 ? 674 GLN A CG  1 
ATOM   1649 C CD  . GLN A 1 211 ? 0.694   22.216  13.553  1.00 53.54 ? 674 GLN A CD  1 
ATOM   1650 O OE1 . GLN A 1 211 ? 0.393   22.667  14.658  1.00 53.09 ? 674 GLN A OE1 1 
ATOM   1651 N NE2 . GLN A 1 211 ? -0.158  22.195  12.534  1.00 54.35 ? 674 GLN A NE2 1 
ATOM   1652 N N   . ARG A 1 212 ? 5.111   20.895  16.292  1.00 56.32 ? 675 ARG A N   1 
ATOM   1653 C CA  . ARG A 1 212 ? 5.661   20.711  17.634  1.00 59.95 ? 675 ARG A CA  1 
ATOM   1654 C C   . ARG A 1 212 ? 4.472   20.886  18.591  1.00 62.30 ? 675 ARG A C   1 
ATOM   1655 O O   . ARG A 1 212 ? 3.329   20.923  18.140  1.00 63.12 ? 675 ARG A O   1 
ATOM   1656 C CB  . ARG A 1 212 ? 6.746   21.763  17.908  1.00 59.60 ? 675 ARG A CB  1 
ATOM   1657 C CG  . ARG A 1 212 ? 8.128   21.396  17.390  1.00 58.99 ? 675 ARG A CG  1 
ATOM   1658 C CD  . ARG A 1 212 ? 9.178   22.437  17.795  1.00 59.02 ? 675 ARG A CD  1 
ATOM   1659 N NE  . ARG A 1 212 ? 9.073   23.682  17.039  1.00 57.19 ? 675 ARG A NE  1 
ATOM   1660 C CZ  . ARG A 1 212 ? 10.023  24.148  16.233  1.00 58.13 ? 675 ARG A CZ  1 
ATOM   1661 N NH1 . ARG A 1 212 ? 11.148  23.473  16.077  1.00 58.17 ? 675 ARG A NH1 1 
ATOM   1662 N NH2 . ARG A 1 212 ? 9.859   25.294  15.587  1.00 57.52 ? 675 ARG A NH2 1 
ATOM   1663 N N   . PRO A 1 213 ? 4.713   20.982  19.914  1.00 64.47 ? 676 PRO A N   1 
ATOM   1664 C CA  . PRO A 1 213 ? 3.604   21.152  20.865  1.00 65.93 ? 676 PRO A CA  1 
ATOM   1665 C C   . PRO A 1 213 ? 2.590   22.257  20.521  1.00 67.12 ? 676 PRO A C   1 
ATOM   1666 O O   . PRO A 1 213 ? 2.258   23.050  21.432  1.00 68.47 ? 676 PRO A O   1 
ATOM   1667 C CB  . PRO A 1 213 ? 4.328   21.434  22.177  1.00 65.66 ? 676 PRO A CB  1 
ATOM   1668 C CG  . PRO A 1 213 ? 5.533   20.569  22.065  1.00 65.60 ? 676 PRO A CG  1 
ATOM   1669 C CD  . PRO A 1 213 ? 5.988   20.794  20.637  1.00 65.37 ? 676 PRO A CD  1 
ATOM   1670 O OXT . PRO A 1 213 ? 2.119   22.319  19.362  1.00 67.71 ? 676 PRO A OXT 1 
HETATM 1671 S S   . SO4 B 2 .   ? -3.878  -22.372 -9.554  1.00 56.20 ? 14  SO4 A S   1 
HETATM 1672 O O1  . SO4 B 2 .   ? -4.598  -22.960 -8.409  1.00 56.71 ? 14  SO4 A O1  1 
HETATM 1673 O O2  . SO4 B 2 .   ? -4.857  -22.053 -10.614 1.00 55.14 ? 14  SO4 A O2  1 
HETATM 1674 O O3  . SO4 B 2 .   ? -3.194  -21.142 -9.118  1.00 55.80 ? 14  SO4 A O3  1 
HETATM 1675 O O4  . SO4 B 2 .   ? -2.865  -23.329 -10.057 1.00 56.18 ? 14  SO4 A O4  1 
HETATM 1676 S S   . SO4 C 2 .   ? -10.249 -18.012 -9.049  1.00 60.00 ? 15  SO4 A S   1 
HETATM 1677 O O1  . SO4 C 2 .   ? -10.546 -18.783 -7.824  1.00 58.66 ? 15  SO4 A O1  1 
HETATM 1678 O O2  . SO4 C 2 .   ? -11.503 -17.668 -9.745  1.00 59.59 ? 15  SO4 A O2  1 
HETATM 1679 O O3  . SO4 C 2 .   ? -9.534  -16.771 -8.688  1.00 60.41 ? 15  SO4 A O3  1 
HETATM 1680 O O4  . SO4 C 2 .   ? -9.403  -18.829 -9.942  1.00 60.26 ? 15  SO4 A O4  1 
HETATM 1681 S S   . SO4 D 2 .   ? -4.126  -22.867 -2.590  1.00 92.92 ? 16  SO4 A S   1 
HETATM 1682 O O1  . SO4 D 2 .   ? -2.713  -23.166 -2.889  1.00 92.76 ? 16  SO4 A O1  1 
HETATM 1683 O O2  . SO4 D 2 .   ? -4.309  -22.814 -1.125  1.00 93.41 ? 16  SO4 A O2  1 
HETATM 1684 O O3  . SO4 D 2 .   ? -4.498  -21.566 -3.176  1.00 93.01 ? 16  SO4 A O3  1 
HETATM 1685 O O4  . SO4 D 2 .   ? -4.980  -23.925 -3.164  1.00 93.35 ? 16  SO4 A O4  1 
HETATM 1686 O O   . HOH E 3 .   ? -0.493  -0.055  -10.670 1.00 27.07 ? 1   HOH A O   1 
HETATM 1687 O O   . HOH E 3 .   ? -9.259  -6.686  -1.311  1.00 31.06 ? 2   HOH A O   1 
HETATM 1688 O O   . HOH E 3 .   ? 5.404   -10.457 4.860   1.00 27.24 ? 3   HOH A O   1 
HETATM 1689 O O   . HOH E 3 .   ? -11.450 -6.539  16.372  1.00 23.03 ? 4   HOH A O   1 
HETATM 1690 O O   . HOH E 3 .   ? -1.013  0.331   4.496   1.00 24.75 ? 5   HOH A O   1 
HETATM 1691 O O   . HOH E 3 .   ? 12.555  7.978   -3.397  1.00 31.37 ? 6   HOH A O   1 
HETATM 1692 O O   . HOH E 3 .   ? -3.622  -2.842  -5.376  1.00 36.75 ? 7   HOH A O   1 
HETATM 1693 O O   . HOH E 3 .   ? 2.304   4.977   -16.211 1.00 38.61 ? 8   HOH A O   1 
HETATM 1694 O O   . HOH E 3 .   ? -17.334 -3.179  19.566  1.00 34.58 ? 9   HOH A O   1 
HETATM 1695 O O   . HOH E 3 .   ? 6.103   21.561  4.428   1.00 37.33 ? 10  HOH A O   1 
HETATM 1696 O O   . HOH E 3 .   ? -10.402 -10.747 14.457  1.00 34.29 ? 11  HOH A O   1 
HETATM 1697 O O   . HOH E 3 .   ? -14.301 2.498   2.789   1.00 37.40 ? 12  HOH A O   1 
HETATM 1698 O O   . HOH E 3 .   ? 1.579   -22.178 -7.506  1.00 47.36 ? 13  HOH A O   1 
# 
loop_
_pdbx_poly_seq_scheme.asym_id 
_pdbx_poly_seq_scheme.entity_id 
_pdbx_poly_seq_scheme.seq_id 
_pdbx_poly_seq_scheme.mon_id 
_pdbx_poly_seq_scheme.ndb_seq_num 
_pdbx_poly_seq_scheme.pdb_seq_num 
_pdbx_poly_seq_scheme.auth_seq_num 
_pdbx_poly_seq_scheme.pdb_mon_id 
_pdbx_poly_seq_scheme.auth_mon_id 
_pdbx_poly_seq_scheme.pdb_strand_id 
_pdbx_poly_seq_scheme.pdb_ins_code 
_pdbx_poly_seq_scheme.hetero 
A 1 1   SER 1   464 464 SER SER A . n 
A 1 2   THR 2   465 465 THR THR A . n 
A 1 3   TYR 3   466 466 TYR TYR A . n 
A 1 4   PRO 4   467 467 PRO PRO A . n 
A 1 5   PRO 5   468 468 PRO PRO A . n 
A 1 6   THR 6   469 469 THR THR A . n 
A 1 7   PRO 7   470 470 PRO PRO A . n 
A 1 8   PRO 8   471 471 PRO PRO A . n 
A 1 9   ASN 9   472 472 ASN ASN A . n 
A 1 10  VAL 10  473 473 VAL VAL A . n 
A 1 11  THR 11  474 474 THR THR A . n 
A 1 12  ARG 12  475 475 ARG ARG A . n 
A 1 13  LEU 13  476 476 LEU LEU A . n 
A 1 14  SER 14  477 477 SER SER A . n 
A 1 15  ASP 15  478 478 ASP ASP A . n 
A 1 16  GLU 16  479 479 GLU GLU A . n 
A 1 17  SER 17  480 480 SER SER A . n 
A 1 18  VAL 18  481 481 VAL VAL A . n 
A 1 19  MET 19  482 482 MET MET A . n 
A 1 20  LEU 20  483 483 LEU LEU A . n 
A 1 21  ARG 21  484 484 ARG ARG A . n 
A 1 22  TRP 22  485 485 TRP TRP A . n 
A 1 23  MET 23  486 486 MET MET A . n 
A 1 24  VAL 24  487 487 VAL VAL A . n 
A 1 25  PRO 25  488 488 PRO PRO A . n 
A 1 26  ARG 26  489 489 ARG ARG A . n 
A 1 27  ASN 27  490 490 ASN ASN A . n 
A 1 28  ASP 28  491 491 ASP ASP A . n 
A 1 29  GLY 29  492 492 GLY GLY A . n 
A 1 30  LEU 30  493 493 LEU LEU A . n 
A 1 31  PRO 31  494 494 PRO PRO A . n 
A 1 32  ILE 32  495 495 ILE ILE A . n 
A 1 33  VAL 33  496 496 VAL VAL A . n 
A 1 34  ILE 34  497 497 ILE ILE A . n 
A 1 35  PHE 35  498 498 PHE PHE A . n 
A 1 36  LYS 36  499 499 LYS LYS A . n 
A 1 37  VAL 37  500 500 VAL VAL A . n 
A 1 38  GLN 38  501 501 GLN GLN A . n 
A 1 39  TYR 39  502 502 TYR TYR A . n 
A 1 40  ARG 40  503 503 ARG ARG A . n 
A 1 41  MET 41  504 504 MET MET A . n 
A 1 42  VAL 42  505 505 VAL VAL A . n 
A 1 43  GLY 43  506 506 GLY GLY A . n 
A 1 44  LYS 44  507 507 LYS LYS A . n 
A 1 45  ARG 45  508 508 ARG ARG A . n 
A 1 46  LYS 46  509 509 LYS LYS A . n 
A 1 47  ASN 47  510 510 ASN ASN A . n 
A 1 48  TRP 48  511 511 TRP TRP A . n 
A 1 49  GLN 49  512 512 GLN GLN A . n 
A 1 50  THR 50  513 513 THR THR A . n 
A 1 51  THR 51  514 514 THR THR A . n 
A 1 52  ASN 52  515 515 ASN ASN A . n 
A 1 53  ASP 53  516 516 ASP ASP A . n 
A 1 54  ASN 54  517 517 ASN ASN A . n 
A 1 55  ILE 55  518 518 ILE ILE A . n 
A 1 56  PRO 56  519 519 PRO PRO A . n 
A 1 57  TYR 57  520 520 TYR TYR A . n 
A 1 58  GLY 58  521 521 GLY GLY A . n 
A 1 59  LYS 59  522 522 LYS LYS A . n 
A 1 60  PRO 60  523 523 PRO PRO A . n 
A 1 61  LYS 61  524 524 LYS LYS A . n 
A 1 62  TRP 62  525 525 TRP TRP A . n 
A 1 63  ASN 63  526 526 ASN ASN A . n 
A 1 64  SER 64  527 527 SER SER A . n 
A 1 65  GLU 65  528 528 GLU GLU A . n 
A 1 66  LEU 66  529 529 LEU LEU A . n 
A 1 67  GLY 67  530 530 GLY GLY A . n 
A 1 68  LYS 68  531 531 LYS LYS A . n 
A 1 69  SER 69  532 532 SER SER A . n 
A 1 70  PHE 70  533 533 PHE PHE A . n 
A 1 71  THR 71  534 534 THR THR A . n 
A 1 72  ALA 72  535 535 ALA ALA A . n 
A 1 73  SER 73  536 536 SER SER A . n 
A 1 74  VAL 74  537 537 VAL VAL A . n 
A 1 75  THR 75  538 538 THR THR A . n 
A 1 76  ASP 76  539 539 ASP ASP A . n 
A 1 77  LEU 77  540 540 LEU LEU A . n 
A 1 78  LYS 78  541 541 LYS LYS A . n 
A 1 79  PRO 79  542 542 PRO PRO A . n 
A 1 80  GLN 80  543 543 GLN GLN A . n 
A 1 81  HIS 81  544 544 HIS HIS A . n 
A 1 82  THR 82  545 545 THR THR A . n 
A 1 83  TYR 83  546 546 TYR TYR A . n 
A 1 84  ARG 84  547 547 ARG ARG A . n 
A 1 85  PHE 85  548 548 PHE PHE A . n 
A 1 86  ARG 86  549 549 ARG ARG A . n 
A 1 87  ILE 87  550 550 ILE ILE A . n 
A 1 88  LEU 88  551 551 LEU LEU A . n 
A 1 89  ALA 89  552 552 ALA ALA A . n 
A 1 90  VAL 90  553 553 VAL VAL A . n 
A 1 91  TYR 91  554 554 TYR TYR A . n 
A 1 92  SER 92  555 555 SER SER A . n 
A 1 93  ASN 93  556 556 ASN ASN A . n 
A 1 94  ASN 94  557 557 ASN ASN A . n 
A 1 95  ASP 95  558 558 ASP ASP A . n 
A 1 96  ASN 96  559 559 ASN ASN A . n 
A 1 97  LYS 97  560 560 LYS LYS A . n 
A 1 98  GLU 98  561 561 GLU GLU A . n 
A 1 99  SER 99  562 562 SER SER A . n 
A 1 100 ASN 100 563 563 ASN ASN A . n 
A 1 101 THR 101 564 564 THR THR A . n 
A 1 102 SER 102 565 565 SER SER A . n 
A 1 103 ALA 103 566 566 ALA ALA A . n 
A 1 104 LYS 104 567 567 LYS LYS A . n 
A 1 105 PHE 105 568 568 PHE PHE A . n 
A 1 106 TYR 106 569 569 TYR TYR A . n 
A 1 107 LEU 107 570 570 LEU LEU A . n 
A 1 108 GLN 108 571 571 GLN GLN A . n 
A 1 109 PRO 109 572 572 PRO PRO A . n 
A 1 110 GLY 110 573 573 GLY GLY A . n 
A 1 111 ALA 111 574 574 ALA ALA A . n 
A 1 112 ALA 112 575 575 ALA ALA A . n 
A 1 113 LEU 113 576 576 LEU LEU A . n 
A 1 114 ASP 114 577 577 ASP ASP A . n 
A 1 115 PRO 115 578 578 PRO PRO A . n 
A 1 116 MET 116 579 579 MET MET A . n 
A 1 117 PRO 117 580 580 PRO PRO A . n 
A 1 118 VAL 118 581 581 VAL VAL A . n 
A 1 119 PRO 119 582 582 PRO PRO A . n 
A 1 120 GLU 120 583 583 GLU GLU A . n 
A 1 121 LEU 121 584 584 LEU LEU A . n 
A 1 122 LEU 122 585 585 LEU LEU A . n 
A 1 123 GLU 123 586 586 GLU GLU A . n 
A 1 124 ILE 124 587 587 ILE ILE A . n 
A 1 125 GLU 125 588 588 GLU GLU A . n 
A 1 126 GLU 126 589 589 GLU GLU A . n 
A 1 127 TYR 127 590 590 TYR TYR A . n 
A 1 128 SER 128 591 591 SER SER A . n 
A 1 129 GLU 129 592 592 GLU GLU A . n 
A 1 130 THR 130 593 593 THR THR A . n 
A 1 131 ALA 131 594 594 ALA ALA A . n 
A 1 132 VAL 132 595 595 VAL VAL A . n 
A 1 133 VAL 133 596 596 VAL VAL A . n 
A 1 134 LEU 134 597 597 LEU LEU A . n 
A 1 135 HIS 135 598 598 HIS HIS A . n 
A 1 136 TRP 136 599 599 TRP TRP A . n 
A 1 137 SER 137 600 600 SER SER A . n 
A 1 138 LEU 138 601 601 LEU LEU A . n 
A 1 139 ALA 139 602 602 ALA ALA A . n 
A 1 140 SER 140 603 ?   ?   ?   A . n 
A 1 141 ASP 141 604 ?   ?   ?   A . n 
A 1 142 ALA 142 605 ?   ?   ?   A . n 
A 1 143 ASP 143 606 ?   ?   ?   A . n 
A 1 144 GLU 144 607 ?   ?   ?   A . n 
A 1 145 HIS 145 608 608 HIS HIS A . n 
A 1 146 LEU 146 609 609 LEU LEU A . n 
A 1 147 ILE 147 610 610 ILE ILE A . n 
A 1 148 THR 148 611 611 THR THR A . n 
A 1 149 GLY 149 612 612 GLY GLY A . n 
A 1 150 TYR 150 613 613 TYR TYR A . n 
A 1 151 TYR 151 614 614 TYR TYR A . n 
A 1 152 ALA 152 615 615 ALA ALA A . n 
A 1 153 TYR 153 616 616 TYR TYR A . n 
A 1 154 TYR 154 617 617 TYR TYR A . n 
A 1 155 ARG 155 618 618 ARG ARG A . n 
A 1 156 PRO 156 619 619 PRO PRO A . n 
A 1 157 SER 157 620 620 SER SER A . n 
A 1 158 SER 158 621 621 SER SER A . n 
A 1 159 SER 159 622 622 SER SER A . n 
A 1 160 ALA 160 623 623 ALA ALA A . n 
A 1 161 GLY 161 624 624 GLY GLY A . n 
A 1 162 GLU 162 625 625 GLU GLU A . n 
A 1 163 TYR 163 626 626 TYR TYR A . n 
A 1 164 PHE 164 627 627 PHE PHE A . n 
A 1 165 LYS 165 628 628 LYS LYS A . n 
A 1 166 ALA 166 629 629 ALA ALA A . n 
A 1 167 THR 167 630 630 THR THR A . n 
A 1 168 ILE 168 631 631 ILE ILE A . n 
A 1 169 GLU 169 632 632 GLU GLU A . n 
A 1 170 GLY 170 633 633 GLY GLY A . n 
A 1 171 ALA 171 634 634 ALA ALA A . n 
A 1 172 HIS 172 635 635 HIS HIS A . n 
A 1 173 ALA 173 636 636 ALA ALA A . n 
A 1 174 ARG 174 637 637 ARG ARG A . n 
A 1 175 SER 175 638 638 SER SER A . n 
A 1 176 PHE 176 639 639 PHE PHE A . n 
A 1 177 LYS 177 640 640 LYS LYS A . n 
A 1 178 ILE 178 641 641 ILE ILE A . n 
A 1 179 ALA 179 642 642 ALA ALA A . n 
A 1 180 PRO 180 643 643 PRO PRO A . n 
A 1 181 LEU 181 644 644 LEU LEU A . n 
A 1 182 GLU 182 645 645 GLU GLU A . n 
A 1 183 THR 183 646 646 THR THR A . n 
A 1 184 ALA 184 647 647 ALA ALA A . n 
A 1 185 THR 185 648 648 THR THR A . n 
A 1 186 MET 186 649 649 MET MET A . n 
A 1 187 TYR 187 650 650 TYR TYR A . n 
A 1 188 GLU 188 651 651 GLU GLU A . n 
A 1 189 PHE 189 652 652 PHE PHE A . n 
A 1 190 LYS 190 653 653 LYS LYS A . n 
A 1 191 LEU 191 654 654 LEU LEU A . n 
A 1 192 GLN 192 655 655 GLN GLN A . n 
A 1 193 SER 193 656 656 SER SER A . n 
A 1 194 PHE 194 657 657 PHE PHE A . n 
A 1 195 SER 195 658 658 SER SER A . n 
A 1 196 ALA 196 659 659 ALA ALA A . n 
A 1 197 ALA 197 660 660 ALA ALA A . n 
A 1 198 SER 198 661 661 SER SER A . n 
A 1 199 ALA 199 662 662 ALA ALA A . n 
A 1 200 SER 200 663 663 SER SER A . n 
A 1 201 GLU 201 664 664 GLU GLU A . n 
A 1 202 PHE 202 665 665 PHE PHE A . n 
A 1 203 SER 203 666 666 SER SER A . n 
A 1 204 ALA 204 667 667 ALA ALA A . n 
A 1 205 LEU 205 668 668 LEU LEU A . n 
A 1 206 LYS 206 669 669 LYS LYS A . n 
A 1 207 GLN 207 670 670 GLN GLN A . n 
A 1 208 GLY 208 671 671 GLY GLY A . n 
A 1 209 ARG 209 672 672 ARG ARG A . n 
A 1 210 THR 210 673 673 THR THR A . n 
A 1 211 GLN 211 674 674 GLN GLN A . n 
A 1 212 ARG 212 675 675 ARG ARG A . n 
A 1 213 PRO 213 676 676 PRO PRO A . n 
# 
loop_
_pdbx_nonpoly_scheme.asym_id 
_pdbx_nonpoly_scheme.entity_id 
_pdbx_nonpoly_scheme.mon_id 
_pdbx_nonpoly_scheme.ndb_seq_num 
_pdbx_nonpoly_scheme.pdb_seq_num 
_pdbx_nonpoly_scheme.auth_seq_num 
_pdbx_nonpoly_scheme.pdb_mon_id 
_pdbx_nonpoly_scheme.auth_mon_id 
_pdbx_nonpoly_scheme.pdb_strand_id 
_pdbx_nonpoly_scheme.pdb_ins_code 
B 2 SO4 1  14 14 SO4 SO4 A . 
C 2 SO4 1  15 15 SO4 SO4 A . 
D 2 SO4 1  16 16 SO4 SO4 A . 
E 3 HOH 1  1  1  HOH HOH A . 
E 3 HOH 2  2  2  HOH HOH A . 
E 3 HOH 3  3  3  HOH HOH A . 
E 3 HOH 4  4  4  HOH HOH A . 
E 3 HOH 5  5  5  HOH HOH A . 
E 3 HOH 6  6  6  HOH HOH A . 
E 3 HOH 7  7  7  HOH HOH A . 
E 3 HOH 8  8  8  HOH HOH A . 
E 3 HOH 9  9  9  HOH HOH A . 
E 3 HOH 10 10 10 HOH HOH A . 
E 3 HOH 11 11 11 HOH HOH A . 
E 3 HOH 12 12 12 HOH HOH A . 
E 3 HOH 13 13 13 HOH HOH A . 
# 
_pdbx_struct_assembly.id                   1 
_pdbx_struct_assembly.details              author_defined_assembly 
_pdbx_struct_assembly.method_details       ? 
_pdbx_struct_assembly.oligomeric_details   monomeric 
_pdbx_struct_assembly.oligomeric_count     1 
# 
_pdbx_struct_assembly_gen.assembly_id       1 
_pdbx_struct_assembly_gen.oper_expression   1 
_pdbx_struct_assembly_gen.asym_id_list      A,B,C,D,E 
# 
_pdbx_struct_oper_list.id                   1 
_pdbx_struct_oper_list.type                 'identity operation' 
_pdbx_struct_oper_list.name                 1_555 
_pdbx_struct_oper_list.symmetry_operation   x,y,z 
_pdbx_struct_oper_list.matrix[1][1]         1.0000000000 
_pdbx_struct_oper_list.matrix[1][2]         0.0000000000 
_pdbx_struct_oper_list.matrix[1][3]         0.0000000000 
_pdbx_struct_oper_list.vector[1]            0.0000000000 
_pdbx_struct_oper_list.matrix[2][1]         0.0000000000 
_pdbx_struct_oper_list.matrix[2][2]         1.0000000000 
_pdbx_struct_oper_list.matrix[2][3]         0.0000000000 
_pdbx_struct_oper_list.vector[2]            0.0000000000 
_pdbx_struct_oper_list.matrix[3][1]         0.0000000000 
_pdbx_struct_oper_list.matrix[3][2]         0.0000000000 
_pdbx_struct_oper_list.matrix[3][3]         1.0000000000 
_pdbx_struct_oper_list.vector[3]            0.0000000000 
# 
loop_
_pdbx_audit_revision_history.ordinal 
_pdbx_audit_revision_history.data_content_type 
_pdbx_audit_revision_history.major_revision 
_pdbx_audit_revision_history.minor_revision 
_pdbx_audit_revision_history.revision_date 
1 'Structure model' 1 0 2006-10-24 
2 'Structure model' 1 1 2008-05-01 
3 'Structure model' 1 2 2011-07-13 
4 'Structure model' 1 3 2017-10-18 
5 'Structure model' 1 4 2023-08-30 
# 
_pdbx_audit_revision_details.ordinal             1 
_pdbx_audit_revision_details.revision_ordinal    1 
_pdbx_audit_revision_details.data_content_type   'Structure model' 
_pdbx_audit_revision_details.provider            repository 
_pdbx_audit_revision_details.type                'Initial release' 
_pdbx_audit_revision_details.description         ? 
_pdbx_audit_revision_details.details             ? 
# 
loop_
_pdbx_audit_revision_group.ordinal 
_pdbx_audit_revision_group.revision_ordinal 
_pdbx_audit_revision_group.data_content_type 
_pdbx_audit_revision_group.group 
1 2 'Structure model' 'Version format compliance' 
2 3 'Structure model' 'Version format compliance' 
3 4 'Structure model' 'Refinement description'    
4 5 'Structure model' 'Data collection'           
5 5 'Structure model' 'Database references'       
6 5 'Structure model' 'Derived calculations'      
7 5 'Structure model' 'Refinement description'    
# 
loop_
_pdbx_audit_revision_category.ordinal 
_pdbx_audit_revision_category.revision_ordinal 
_pdbx_audit_revision_category.data_content_type 
_pdbx_audit_revision_category.category 
1 4 'Structure model' software                      
2 5 'Structure model' chem_comp_atom                
3 5 'Structure model' chem_comp_bond                
4 5 'Structure model' database_2                    
5 5 'Structure model' pdbx_initial_refinement_model 
6 5 'Structure model' struct_ref_seq_dif            
7 5 'Structure model' struct_site                   
# 
loop_
_pdbx_audit_revision_item.ordinal 
_pdbx_audit_revision_item.revision_ordinal 
_pdbx_audit_revision_item.data_content_type 
_pdbx_audit_revision_item.item 
1 5 'Structure model' '_database_2.pdbx_DOI'                
2 5 'Structure model' '_database_2.pdbx_database_accession' 
3 5 'Structure model' '_struct_ref_seq_dif.details'         
4 5 'Structure model' '_struct_site.pdbx_auth_asym_id'      
5 5 'Structure model' '_struct_site.pdbx_auth_comp_id'      
6 5 'Structure model' '_struct_site.pdbx_auth_seq_id'       
# 
loop_
_software.name 
_software.version 
_software.date 
_software.type 
_software.contact_author 
_software.contact_author_email 
_software.classification 
_software.location 
_software.language 
_software.citation_id 
_software.pdbx_ordinal 
DENZO       .     ?                package 'Zbyszek Otwinowski' zbyszek@mix.swmed.edu    'data reduction'  
http://www.lnls.br/infra/linhasluz/denzo-hkl.htm ?          ? 1 
SCALEPACK   .     ?                package 'Zbyszek Otwinowski' zbyszek@mix.swmed.edu    'data scaling'    
http://www.lnls.br/infra/linhasluz/denzo-hkl.htm ?          ? 2 
CNS         .     ?                package 'Axel T. Brunger'    axel.brunger@yale.edu    refinement        
http://cns.csb.yale.edu/v1.1/                    Fortran_77 ? 3 
PDB_EXTRACT 2.000 'April. 3, 2006' package PDB                  sw-help@rcsb.rutgers.edu 'data extraction' 
http://pdb.rutgers.edu/software/                 C++        ? 4 
HKL-2000    .     ?                ?       ?                    ?                        'data reduction'  ? ?          ? 5 
HKL-2000    .     ?                ?       ?                    ?                        'data scaling'    ? ?          ? 6 
AMoRE       .     ?                ?       ?                    ?                        phasing           ? ?          ? 7 
# 
_pdbx_validate_rmsd_angle.id                         1 
_pdbx_validate_rmsd_angle.PDB_model_num              1 
_pdbx_validate_rmsd_angle.auth_atom_id_1             N 
_pdbx_validate_rmsd_angle.auth_asym_id_1             A 
_pdbx_validate_rmsd_angle.auth_comp_id_1             LEU 
_pdbx_validate_rmsd_angle.auth_seq_id_1              609 
_pdbx_validate_rmsd_angle.PDB_ins_code_1             ? 
_pdbx_validate_rmsd_angle.label_alt_id_1             ? 
_pdbx_validate_rmsd_angle.auth_atom_id_2             CA 
_pdbx_validate_rmsd_angle.auth_asym_id_2             A 
_pdbx_validate_rmsd_angle.auth_comp_id_2             LEU 
_pdbx_validate_rmsd_angle.auth_seq_id_2              609 
_pdbx_validate_rmsd_angle.PDB_ins_code_2             ? 
_pdbx_validate_rmsd_angle.label_alt_id_2             ? 
_pdbx_validate_rmsd_angle.auth_atom_id_3             C 
_pdbx_validate_rmsd_angle.auth_asym_id_3             A 
_pdbx_validate_rmsd_angle.auth_comp_id_3             LEU 
_pdbx_validate_rmsd_angle.auth_seq_id_3              609 
_pdbx_validate_rmsd_angle.PDB_ins_code_3             ? 
_pdbx_validate_rmsd_angle.label_alt_id_3             ? 
_pdbx_validate_rmsd_angle.angle_value                87.61 
_pdbx_validate_rmsd_angle.angle_target_value         111.00 
_pdbx_validate_rmsd_angle.angle_deviation            -23.39 
_pdbx_validate_rmsd_angle.angle_standard_deviation   2.70 
_pdbx_validate_rmsd_angle.linker_flag                N 
# 
loop_
_pdbx_validate_torsion.id 
_pdbx_validate_torsion.PDB_model_num 
_pdbx_validate_torsion.auth_comp_id 
_pdbx_validate_torsion.auth_asym_id 
_pdbx_validate_torsion.auth_seq_id 
_pdbx_validate_torsion.PDB_ins_code 
_pdbx_validate_torsion.label_alt_id 
_pdbx_validate_torsion.phi 
_pdbx_validate_torsion.psi 
1  1 SER A 477 ? ? -162.65 -168.34 
2  1 ARG A 508 ? ? -34.34  129.86  
3  1 LYS A 509 ? ? -64.00  56.12   
4  1 ASN A 515 ? ? -100.65 62.26   
5  1 ASP A 516 ? ? -154.70 88.79   
6  1 ASN A 557 ? ? 80.56   -1.01   
7  1 ALA A 574 ? ? -36.93  143.08  
8  1 ALA A 575 ? ? 75.67   34.13   
9  1 LEU A 585 ? ? -84.50  -75.61  
10 1 GLU A 589 ? ? -67.23  78.49   
11 1 SER A 622 ? ? 170.12  95.06   
12 1 ALA A 623 ? ? -63.76  -167.20 
# 
loop_
_pdbx_unobs_or_zero_occ_residues.id 
_pdbx_unobs_or_zero_occ_residues.PDB_model_num 
_pdbx_unobs_or_zero_occ_residues.polymer_flag 
_pdbx_unobs_or_zero_occ_residues.occupancy_flag 
_pdbx_unobs_or_zero_occ_residues.auth_asym_id 
_pdbx_unobs_or_zero_occ_residues.auth_comp_id 
_pdbx_unobs_or_zero_occ_residues.auth_seq_id 
_pdbx_unobs_or_zero_occ_residues.PDB_ins_code 
_pdbx_unobs_or_zero_occ_residues.label_asym_id 
_pdbx_unobs_or_zero_occ_residues.label_comp_id 
_pdbx_unobs_or_zero_occ_residues.label_seq_id 
1 1 Y 1 A SER 603 ? A SER 140 
2 1 Y 1 A ASP 604 ? A ASP 141 
3 1 Y 1 A ALA 605 ? A ALA 142 
4 1 Y 1 A ASP 606 ? A ASP 143 
5 1 Y 1 A GLU 607 ? A GLU 144 
# 
loop_
_chem_comp_atom.comp_id 
_chem_comp_atom.atom_id 
_chem_comp_atom.type_symbol 
_chem_comp_atom.pdbx_aromatic_flag 
_chem_comp_atom.pdbx_stereo_config 
_chem_comp_atom.pdbx_ordinal 
ALA N    N N N 1   
ALA CA   C N S 2   
ALA C    C N N 3   
ALA O    O N N 4   
ALA CB   C N N 5   
ALA OXT  O N N 6   
ALA H    H N N 7   
ALA H2   H N N 8   
ALA HA   H N N 9   
ALA HB1  H N N 10  
ALA HB2  H N N 11  
ALA HB3  H N N 12  
ALA HXT  H N N 13  
ARG N    N N N 14  
ARG CA   C N S 15  
ARG C    C N N 16  
ARG O    O N N 17  
ARG CB   C N N 18  
ARG CG   C N N 19  
ARG CD   C N N 20  
ARG NE   N N N 21  
ARG CZ   C N N 22  
ARG NH1  N N N 23  
ARG NH2  N N N 24  
ARG OXT  O N N 25  
ARG H    H N N 26  
ARG H2   H N N 27  
ARG HA   H N N 28  
ARG HB2  H N N 29  
ARG HB3  H N N 30  
ARG HG2  H N N 31  
ARG HG3  H N N 32  
ARG HD2  H N N 33  
ARG HD3  H N N 34  
ARG HE   H N N 35  
ARG HH11 H N N 36  
ARG HH12 H N N 37  
ARG HH21 H N N 38  
ARG HH22 H N N 39  
ARG HXT  H N N 40  
ASN N    N N N 41  
ASN CA   C N S 42  
ASN C    C N N 43  
ASN O    O N N 44  
ASN CB   C N N 45  
ASN CG   C N N 46  
ASN OD1  O N N 47  
ASN ND2  N N N 48  
ASN OXT  O N N 49  
ASN H    H N N 50  
ASN H2   H N N 51  
ASN HA   H N N 52  
ASN HB2  H N N 53  
ASN HB3  H N N 54  
ASN HD21 H N N 55  
ASN HD22 H N N 56  
ASN HXT  H N N 57  
ASP N    N N N 58  
ASP CA   C N S 59  
ASP C    C N N 60  
ASP O    O N N 61  
ASP CB   C N N 62  
ASP CG   C N N 63  
ASP OD1  O N N 64  
ASP OD2  O N N 65  
ASP OXT  O N N 66  
ASP H    H N N 67  
ASP H2   H N N 68  
ASP HA   H N N 69  
ASP HB2  H N N 70  
ASP HB3  H N N 71  
ASP HD2  H N N 72  
ASP HXT  H N N 73  
GLN N    N N N 74  
GLN CA   C N S 75  
GLN C    C N N 76  
GLN O    O N N 77  
GLN CB   C N N 78  
GLN CG   C N N 79  
GLN CD   C N N 80  
GLN OE1  O N N 81  
GLN NE2  N N N 82  
GLN OXT  O N N 83  
GLN H    H N N 84  
GLN H2   H N N 85  
GLN HA   H N N 86  
GLN HB2  H N N 87  
GLN HB3  H N N 88  
GLN HG2  H N N 89  
GLN HG3  H N N 90  
GLN HE21 H N N 91  
GLN HE22 H N N 92  
GLN HXT  H N N 93  
GLU N    N N N 94  
GLU CA   C N S 95  
GLU C    C N N 96  
GLU O    O N N 97  
GLU CB   C N N 98  
GLU CG   C N N 99  
GLU CD   C N N 100 
GLU OE1  O N N 101 
GLU OE2  O N N 102 
GLU OXT  O N N 103 
GLU H    H N N 104 
GLU H2   H N N 105 
GLU HA   H N N 106 
GLU HB2  H N N 107 
GLU HB3  H N N 108 
GLU HG2  H N N 109 
GLU HG3  H N N 110 
GLU HE2  H N N 111 
GLU HXT  H N N 112 
GLY N    N N N 113 
GLY CA   C N N 114 
GLY C    C N N 115 
GLY O    O N N 116 
GLY OXT  O N N 117 
GLY H    H N N 118 
GLY H2   H N N 119 
GLY HA2  H N N 120 
GLY HA3  H N N 121 
GLY HXT  H N N 122 
HIS N    N N N 123 
HIS CA   C N S 124 
HIS C    C N N 125 
HIS O    O N N 126 
HIS CB   C N N 127 
HIS CG   C Y N 128 
HIS ND1  N Y N 129 
HIS CD2  C Y N 130 
HIS CE1  C Y N 131 
HIS NE2  N Y N 132 
HIS OXT  O N N 133 
HIS H    H N N 134 
HIS H2   H N N 135 
HIS HA   H N N 136 
HIS HB2  H N N 137 
HIS HB3  H N N 138 
HIS HD1  H N N 139 
HIS HD2  H N N 140 
HIS HE1  H N N 141 
HIS HE2  H N N 142 
HIS HXT  H N N 143 
HOH O    O N N 144 
HOH H1   H N N 145 
HOH H2   H N N 146 
ILE N    N N N 147 
ILE CA   C N S 148 
ILE C    C N N 149 
ILE O    O N N 150 
ILE CB   C N S 151 
ILE CG1  C N N 152 
ILE CG2  C N N 153 
ILE CD1  C N N 154 
ILE OXT  O N N 155 
ILE H    H N N 156 
ILE H2   H N N 157 
ILE HA   H N N 158 
ILE HB   H N N 159 
ILE HG12 H N N 160 
ILE HG13 H N N 161 
ILE HG21 H N N 162 
ILE HG22 H N N 163 
ILE HG23 H N N 164 
ILE HD11 H N N 165 
ILE HD12 H N N 166 
ILE HD13 H N N 167 
ILE HXT  H N N 168 
LEU N    N N N 169 
LEU CA   C N S 170 
LEU C    C N N 171 
LEU O    O N N 172 
LEU CB   C N N 173 
LEU CG   C N N 174 
LEU CD1  C N N 175 
LEU CD2  C N N 176 
LEU OXT  O N N 177 
LEU H    H N N 178 
LEU H2   H N N 179 
LEU HA   H N N 180 
LEU HB2  H N N 181 
LEU HB3  H N N 182 
LEU HG   H N N 183 
LEU HD11 H N N 184 
LEU HD12 H N N 185 
LEU HD13 H N N 186 
LEU HD21 H N N 187 
LEU HD22 H N N 188 
LEU HD23 H N N 189 
LEU HXT  H N N 190 
LYS N    N N N 191 
LYS CA   C N S 192 
LYS C    C N N 193 
LYS O    O N N 194 
LYS CB   C N N 195 
LYS CG   C N N 196 
LYS CD   C N N 197 
LYS CE   C N N 198 
LYS NZ   N N N 199 
LYS OXT  O N N 200 
LYS H    H N N 201 
LYS H2   H N N 202 
LYS HA   H N N 203 
LYS HB2  H N N 204 
LYS HB3  H N N 205 
LYS HG2  H N N 206 
LYS HG3  H N N 207 
LYS HD2  H N N 208 
LYS HD3  H N N 209 
LYS HE2  H N N 210 
LYS HE3  H N N 211 
LYS HZ1  H N N 212 
LYS HZ2  H N N 213 
LYS HZ3  H N N 214 
LYS HXT  H N N 215 
MET N    N N N 216 
MET CA   C N S 217 
MET C    C N N 218 
MET O    O N N 219 
MET CB   C N N 220 
MET CG   C N N 221 
MET SD   S N N 222 
MET CE   C N N 223 
MET OXT  O N N 224 
MET H    H N N 225 
MET H2   H N N 226 
MET HA   H N N 227 
MET HB2  H N N 228 
MET HB3  H N N 229 
MET HG2  H N N 230 
MET HG3  H N N 231 
MET HE1  H N N 232 
MET HE2  H N N 233 
MET HE3  H N N 234 
MET HXT  H N N 235 
PHE N    N N N 236 
PHE CA   C N S 237 
PHE C    C N N 238 
PHE O    O N N 239 
PHE CB   C N N 240 
PHE CG   C Y N 241 
PHE CD1  C Y N 242 
PHE CD2  C Y N 243 
PHE CE1  C Y N 244 
PHE CE2  C Y N 245 
PHE CZ   C Y N 246 
PHE OXT  O N N 247 
PHE H    H N N 248 
PHE H2   H N N 249 
PHE HA   H N N 250 
PHE HB2  H N N 251 
PHE HB3  H N N 252 
PHE HD1  H N N 253 
PHE HD2  H N N 254 
PHE HE1  H N N 255 
PHE HE2  H N N 256 
PHE HZ   H N N 257 
PHE HXT  H N N 258 
PRO N    N N N 259 
PRO CA   C N S 260 
PRO C    C N N 261 
PRO O    O N N 262 
PRO CB   C N N 263 
PRO CG   C N N 264 
PRO CD   C N N 265 
PRO OXT  O N N 266 
PRO H    H N N 267 
PRO HA   H N N 268 
PRO HB2  H N N 269 
PRO HB3  H N N 270 
PRO HG2  H N N 271 
PRO HG3  H N N 272 
PRO HD2  H N N 273 
PRO HD3  H N N 274 
PRO HXT  H N N 275 
SER N    N N N 276 
SER CA   C N S 277 
SER C    C N N 278 
SER O    O N N 279 
SER CB   C N N 280 
SER OG   O N N 281 
SER OXT  O N N 282 
SER H    H N N 283 
SER H2   H N N 284 
SER HA   H N N 285 
SER HB2  H N N 286 
SER HB3  H N N 287 
SER HG   H N N 288 
SER HXT  H N N 289 
SO4 S    S N N 290 
SO4 O1   O N N 291 
SO4 O2   O N N 292 
SO4 O3   O N N 293 
SO4 O4   O N N 294 
THR N    N N N 295 
THR CA   C N S 296 
THR C    C N N 297 
THR O    O N N 298 
THR CB   C N R 299 
THR OG1  O N N 300 
THR CG2  C N N 301 
THR OXT  O N N 302 
THR H    H N N 303 
THR H2   H N N 304 
THR HA   H N N 305 
THR HB   H N N 306 
THR HG1  H N N 307 
THR HG21 H N N 308 
THR HG22 H N N 309 
THR HG23 H N N 310 
THR HXT  H N N 311 
TRP N    N N N 312 
TRP CA   C N S 313 
TRP C    C N N 314 
TRP O    O N N 315 
TRP CB   C N N 316 
TRP CG   C Y N 317 
TRP CD1  C Y N 318 
TRP CD2  C Y N 319 
TRP NE1  N Y N 320 
TRP CE2  C Y N 321 
TRP CE3  C Y N 322 
TRP CZ2  C Y N 323 
TRP CZ3  C Y N 324 
TRP CH2  C Y N 325 
TRP OXT  O N N 326 
TRP H    H N N 327 
TRP H2   H N N 328 
TRP HA   H N N 329 
TRP HB2  H N N 330 
TRP HB3  H N N 331 
TRP HD1  H N N 332 
TRP HE1  H N N 333 
TRP HE3  H N N 334 
TRP HZ2  H N N 335 
TRP HZ3  H N N 336 
TRP HH2  H N N 337 
TRP HXT  H N N 338 
TYR N    N N N 339 
TYR CA   C N S 340 
TYR C    C N N 341 
TYR O    O N N 342 
TYR CB   C N N 343 
TYR CG   C Y N 344 
TYR CD1  C Y N 345 
TYR CD2  C Y N 346 
TYR CE1  C Y N 347 
TYR CE2  C Y N 348 
TYR CZ   C Y N 349 
TYR OH   O N N 350 
TYR OXT  O N N 351 
TYR H    H N N 352 
TYR H2   H N N 353 
TYR HA   H N N 354 
TYR HB2  H N N 355 
TYR HB3  H N N 356 
TYR HD1  H N N 357 
TYR HD2  H N N 358 
TYR HE1  H N N 359 
TYR HE2  H N N 360 
TYR HH   H N N 361 
TYR HXT  H N N 362 
VAL N    N N N 363 
VAL CA   C N S 364 
VAL C    C N N 365 
VAL O    O N N 366 
VAL CB   C N N 367 
VAL CG1  C N N 368 
VAL CG2  C N N 369 
VAL OXT  O N N 370 
VAL H    H N N 371 
VAL H2   H N N 372 
VAL HA   H N N 373 
VAL HB   H N N 374 
VAL HG11 H N N 375 
VAL HG12 H N N 376 
VAL HG13 H N N 377 
VAL HG21 H N N 378 
VAL HG22 H N N 379 
VAL HG23 H N N 380 
VAL HXT  H N N 381 
# 
loop_
_chem_comp_bond.comp_id 
_chem_comp_bond.atom_id_1 
_chem_comp_bond.atom_id_2 
_chem_comp_bond.value_order 
_chem_comp_bond.pdbx_aromatic_flag 
_chem_comp_bond.pdbx_stereo_config 
_chem_comp_bond.pdbx_ordinal 
ALA N   CA   sing N N 1   
ALA N   H    sing N N 2   
ALA N   H2   sing N N 3   
ALA CA  C    sing N N 4   
ALA CA  CB   sing N N 5   
ALA CA  HA   sing N N 6   
ALA C   O    doub N N 7   
ALA C   OXT  sing N N 8   
ALA CB  HB1  sing N N 9   
ALA CB  HB2  sing N N 10  
ALA CB  HB3  sing N N 11  
ALA OXT HXT  sing N N 12  
ARG N   CA   sing N N 13  
ARG N   H    sing N N 14  
ARG N   H2   sing N N 15  
ARG CA  C    sing N N 16  
ARG CA  CB   sing N N 17  
ARG CA  HA   sing N N 18  
ARG C   O    doub N N 19  
ARG C   OXT  sing N N 20  
ARG CB  CG   sing N N 21  
ARG CB  HB2  sing N N 22  
ARG CB  HB3  sing N N 23  
ARG CG  CD   sing N N 24  
ARG CG  HG2  sing N N 25  
ARG CG  HG3  sing N N 26  
ARG CD  NE   sing N N 27  
ARG CD  HD2  sing N N 28  
ARG CD  HD3  sing N N 29  
ARG NE  CZ   sing N N 30  
ARG NE  HE   sing N N 31  
ARG CZ  NH1  sing N N 32  
ARG CZ  NH2  doub N N 33  
ARG NH1 HH11 sing N N 34  
ARG NH1 HH12 sing N N 35  
ARG NH2 HH21 sing N N 36  
ARG NH2 HH22 sing N N 37  
ARG OXT HXT  sing N N 38  
ASN N   CA   sing N N 39  
ASN N   H    sing N N 40  
ASN N   H2   sing N N 41  
ASN CA  C    sing N N 42  
ASN CA  CB   sing N N 43  
ASN CA  HA   sing N N 44  
ASN C   O    doub N N 45  
ASN C   OXT  sing N N 46  
ASN CB  CG   sing N N 47  
ASN CB  HB2  sing N N 48  
ASN CB  HB3  sing N N 49  
ASN CG  OD1  doub N N 50  
ASN CG  ND2  sing N N 51  
ASN ND2 HD21 sing N N 52  
ASN ND2 HD22 sing N N 53  
ASN OXT HXT  sing N N 54  
ASP N   CA   sing N N 55  
ASP N   H    sing N N 56  
ASP N   H2   sing N N 57  
ASP CA  C    sing N N 58  
ASP CA  CB   sing N N 59  
ASP CA  HA   sing N N 60  
ASP C   O    doub N N 61  
ASP C   OXT  sing N N 62  
ASP CB  CG   sing N N 63  
ASP CB  HB2  sing N N 64  
ASP CB  HB3  sing N N 65  
ASP CG  OD1  doub N N 66  
ASP CG  OD2  sing N N 67  
ASP OD2 HD2  sing N N 68  
ASP OXT HXT  sing N N 69  
GLN N   CA   sing N N 70  
GLN N   H    sing N N 71  
GLN N   H2   sing N N 72  
GLN CA  C    sing N N 73  
GLN CA  CB   sing N N 74  
GLN CA  HA   sing N N 75  
GLN C   O    doub N N 76  
GLN C   OXT  sing N N 77  
GLN CB  CG   sing N N 78  
GLN CB  HB2  sing N N 79  
GLN CB  HB3  sing N N 80  
GLN CG  CD   sing N N 81  
GLN CG  HG2  sing N N 82  
GLN CG  HG3  sing N N 83  
GLN CD  OE1  doub N N 84  
GLN CD  NE2  sing N N 85  
GLN NE2 HE21 sing N N 86  
GLN NE2 HE22 sing N N 87  
GLN OXT HXT  sing N N 88  
GLU N   CA   sing N N 89  
GLU N   H    sing N N 90  
GLU N   H2   sing N N 91  
GLU CA  C    sing N N 92  
GLU CA  CB   sing N N 93  
GLU CA  HA   sing N N 94  
GLU C   O    doub N N 95  
GLU C   OXT  sing N N 96  
GLU CB  CG   sing N N 97  
GLU CB  HB2  sing N N 98  
GLU CB  HB3  sing N N 99  
GLU CG  CD   sing N N 100 
GLU CG  HG2  sing N N 101 
GLU CG  HG3  sing N N 102 
GLU CD  OE1  doub N N 103 
GLU CD  OE2  sing N N 104 
GLU OE2 HE2  sing N N 105 
GLU OXT HXT  sing N N 106 
GLY N   CA   sing N N 107 
GLY N   H    sing N N 108 
GLY N   H2   sing N N 109 
GLY CA  C    sing N N 110 
GLY CA  HA2  sing N N 111 
GLY CA  HA3  sing N N 112 
GLY C   O    doub N N 113 
GLY C   OXT  sing N N 114 
GLY OXT HXT  sing N N 115 
HIS N   CA   sing N N 116 
HIS N   H    sing N N 117 
HIS N   H2   sing N N 118 
HIS CA  C    sing N N 119 
HIS CA  CB   sing N N 120 
HIS CA  HA   sing N N 121 
HIS C   O    doub N N 122 
HIS C   OXT  sing N N 123 
HIS CB  CG   sing N N 124 
HIS CB  HB2  sing N N 125 
HIS CB  HB3  sing N N 126 
HIS CG  ND1  sing Y N 127 
HIS CG  CD2  doub Y N 128 
HIS ND1 CE1  doub Y N 129 
HIS ND1 HD1  sing N N 130 
HIS CD2 NE2  sing Y N 131 
HIS CD2 HD2  sing N N 132 
HIS CE1 NE2  sing Y N 133 
HIS CE1 HE1  sing N N 134 
HIS NE2 HE2  sing N N 135 
HIS OXT HXT  sing N N 136 
HOH O   H1   sing N N 137 
HOH O   H2   sing N N 138 
ILE N   CA   sing N N 139 
ILE N   H    sing N N 140 
ILE N   H2   sing N N 141 
ILE CA  C    sing N N 142 
ILE CA  CB   sing N N 143 
ILE CA  HA   sing N N 144 
ILE C   O    doub N N 145 
ILE C   OXT  sing N N 146 
ILE CB  CG1  sing N N 147 
ILE CB  CG2  sing N N 148 
ILE CB  HB   sing N N 149 
ILE CG1 CD1  sing N N 150 
ILE CG1 HG12 sing N N 151 
ILE CG1 HG13 sing N N 152 
ILE CG2 HG21 sing N N 153 
ILE CG2 HG22 sing N N 154 
ILE CG2 HG23 sing N N 155 
ILE CD1 HD11 sing N N 156 
ILE CD1 HD12 sing N N 157 
ILE CD1 HD13 sing N N 158 
ILE OXT HXT  sing N N 159 
LEU N   CA   sing N N 160 
LEU N   H    sing N N 161 
LEU N   H2   sing N N 162 
LEU CA  C    sing N N 163 
LEU CA  CB   sing N N 164 
LEU CA  HA   sing N N 165 
LEU C   O    doub N N 166 
LEU C   OXT  sing N N 167 
LEU CB  CG   sing N N 168 
LEU CB  HB2  sing N N 169 
LEU CB  HB3  sing N N 170 
LEU CG  CD1  sing N N 171 
LEU CG  CD2  sing N N 172 
LEU CG  HG   sing N N 173 
LEU CD1 HD11 sing N N 174 
LEU CD1 HD12 sing N N 175 
LEU CD1 HD13 sing N N 176 
LEU CD2 HD21 sing N N 177 
LEU CD2 HD22 sing N N 178 
LEU CD2 HD23 sing N N 179 
LEU OXT HXT  sing N N 180 
LYS N   CA   sing N N 181 
LYS N   H    sing N N 182 
LYS N   H2   sing N N 183 
LYS CA  C    sing N N 184 
LYS CA  CB   sing N N 185 
LYS CA  HA   sing N N 186 
LYS C   O    doub N N 187 
LYS C   OXT  sing N N 188 
LYS CB  CG   sing N N 189 
LYS CB  HB2  sing N N 190 
LYS CB  HB3  sing N N 191 
LYS CG  CD   sing N N 192 
LYS CG  HG2  sing N N 193 
LYS CG  HG3  sing N N 194 
LYS CD  CE   sing N N 195 
LYS CD  HD2  sing N N 196 
LYS CD  HD3  sing N N 197 
LYS CE  NZ   sing N N 198 
LYS CE  HE2  sing N N 199 
LYS CE  HE3  sing N N 200 
LYS NZ  HZ1  sing N N 201 
LYS NZ  HZ2  sing N N 202 
LYS NZ  HZ3  sing N N 203 
LYS OXT HXT  sing N N 204 
MET N   CA   sing N N 205 
MET N   H    sing N N 206 
MET N   H2   sing N N 207 
MET CA  C    sing N N 208 
MET CA  CB   sing N N 209 
MET CA  HA   sing N N 210 
MET C   O    doub N N 211 
MET C   OXT  sing N N 212 
MET CB  CG   sing N N 213 
MET CB  HB2  sing N N 214 
MET CB  HB3  sing N N 215 
MET CG  SD   sing N N 216 
MET CG  HG2  sing N N 217 
MET CG  HG3  sing N N 218 
MET SD  CE   sing N N 219 
MET CE  HE1  sing N N 220 
MET CE  HE2  sing N N 221 
MET CE  HE3  sing N N 222 
MET OXT HXT  sing N N 223 
PHE N   CA   sing N N 224 
PHE N   H    sing N N 225 
PHE N   H2   sing N N 226 
PHE CA  C    sing N N 227 
PHE CA  CB   sing N N 228 
PHE CA  HA   sing N N 229 
PHE C   O    doub N N 230 
PHE C   OXT  sing N N 231 
PHE CB  CG   sing N N 232 
PHE CB  HB2  sing N N 233 
PHE CB  HB3  sing N N 234 
PHE CG  CD1  doub Y N 235 
PHE CG  CD2  sing Y N 236 
PHE CD1 CE1  sing Y N 237 
PHE CD1 HD1  sing N N 238 
PHE CD2 CE2  doub Y N 239 
PHE CD2 HD2  sing N N 240 
PHE CE1 CZ   doub Y N 241 
PHE CE1 HE1  sing N N 242 
PHE CE2 CZ   sing Y N 243 
PHE CE2 HE2  sing N N 244 
PHE CZ  HZ   sing N N 245 
PHE OXT HXT  sing N N 246 
PRO N   CA   sing N N 247 
PRO N   CD   sing N N 248 
PRO N   H    sing N N 249 
PRO CA  C    sing N N 250 
PRO CA  CB   sing N N 251 
PRO CA  HA   sing N N 252 
PRO C   O    doub N N 253 
PRO C   OXT  sing N N 254 
PRO CB  CG   sing N N 255 
PRO CB  HB2  sing N N 256 
PRO CB  HB3  sing N N 257 
PRO CG  CD   sing N N 258 
PRO CG  HG2  sing N N 259 
PRO CG  HG3  sing N N 260 
PRO CD  HD2  sing N N 261 
PRO CD  HD3  sing N N 262 
PRO OXT HXT  sing N N 263 
SER N   CA   sing N N 264 
SER N   H    sing N N 265 
SER N   H2   sing N N 266 
SER CA  C    sing N N 267 
SER CA  CB   sing N N 268 
SER CA  HA   sing N N 269 
SER C   O    doub N N 270 
SER C   OXT  sing N N 271 
SER CB  OG   sing N N 272 
SER CB  HB2  sing N N 273 
SER CB  HB3  sing N N 274 
SER OG  HG   sing N N 275 
SER OXT HXT  sing N N 276 
SO4 S   O1   doub N N 277 
SO4 S   O2   doub N N 278 
SO4 S   O3   sing N N 279 
SO4 S   O4   sing N N 280 
THR N   CA   sing N N 281 
THR N   H    sing N N 282 
THR N   H2   sing N N 283 
THR CA  C    sing N N 284 
THR CA  CB   sing N N 285 
THR CA  HA   sing N N 286 
THR C   O    doub N N 287 
THR C   OXT  sing N N 288 
THR CB  OG1  sing N N 289 
THR CB  CG2  sing N N 290 
THR CB  HB   sing N N 291 
THR OG1 HG1  sing N N 292 
THR CG2 HG21 sing N N 293 
THR CG2 HG22 sing N N 294 
THR CG2 HG23 sing N N 295 
THR OXT HXT  sing N N 296 
TRP N   CA   sing N N 297 
TRP N   H    sing N N 298 
TRP N   H2   sing N N 299 
TRP CA  C    sing N N 300 
TRP CA  CB   sing N N 301 
TRP CA  HA   sing N N 302 
TRP C   O    doub N N 303 
TRP C   OXT  sing N N 304 
TRP CB  CG   sing N N 305 
TRP CB  HB2  sing N N 306 
TRP CB  HB3  sing N N 307 
TRP CG  CD1  doub Y N 308 
TRP CG  CD2  sing Y N 309 
TRP CD1 NE1  sing Y N 310 
TRP CD1 HD1  sing N N 311 
TRP CD2 CE2  doub Y N 312 
TRP CD2 CE3  sing Y N 313 
TRP NE1 CE2  sing Y N 314 
TRP NE1 HE1  sing N N 315 
TRP CE2 CZ2  sing Y N 316 
TRP CE3 CZ3  doub Y N 317 
TRP CE3 HE3  sing N N 318 
TRP CZ2 CH2  doub Y N 319 
TRP CZ2 HZ2  sing N N 320 
TRP CZ3 CH2  sing Y N 321 
TRP CZ3 HZ3  sing N N 322 
TRP CH2 HH2  sing N N 323 
TRP OXT HXT  sing N N 324 
TYR N   CA   sing N N 325 
TYR N   H    sing N N 326 
TYR N   H2   sing N N 327 
TYR CA  C    sing N N 328 
TYR CA  CB   sing N N 329 
TYR CA  HA   sing N N 330 
TYR C   O    doub N N 331 
TYR C   OXT  sing N N 332 
TYR CB  CG   sing N N 333 
TYR CB  HB2  sing N N 334 
TYR CB  HB3  sing N N 335 
TYR CG  CD1  doub Y N 336 
TYR CG  CD2  sing Y N 337 
TYR CD1 CE1  sing Y N 338 
TYR CD1 HD1  sing N N 339 
TYR CD2 CE2  doub Y N 340 
TYR CD2 HD2  sing N N 341 
TYR CE1 CZ   doub Y N 342 
TYR CE1 HE1  sing N N 343 
TYR CE2 CZ   sing Y N 344 
TYR CE2 HE2  sing N N 345 
TYR CZ  OH   sing N N 346 
TYR OH  HH   sing N N 347 
TYR OXT HXT  sing N N 348 
VAL N   CA   sing N N 349 
VAL N   H    sing N N 350 
VAL N   H2   sing N N 351 
VAL CA  C    sing N N 352 
VAL CA  CB   sing N N 353 
VAL CA  HA   sing N N 354 
VAL C   O    doub N N 355 
VAL C   OXT  sing N N 356 
VAL CB  CG1  sing N N 357 
VAL CB  CG2  sing N N 358 
VAL CB  HB   sing N N 359 
VAL CG1 HG11 sing N N 360 
VAL CG1 HG12 sing N N 361 
VAL CG1 HG13 sing N N 362 
VAL CG2 HG21 sing N N 363 
VAL CG2 HG22 sing N N 364 
VAL CG2 HG23 sing N N 365 
VAL OXT HXT  sing N N 366 
# 
loop_
_pdbx_entity_nonpoly.entity_id 
_pdbx_entity_nonpoly.name 
_pdbx_entity_nonpoly.comp_id 
2 'SULFATE ION' SO4 
3 water         HOH 
# 
_pdbx_initial_refinement_model.id               1 
_pdbx_initial_refinement_model.entity_id_list   ? 
_pdbx_initial_refinement_model.type             'experimental model' 
_pdbx_initial_refinement_model.source_name      PDB 
_pdbx_initial_refinement_model.accession_code   1FNF 
_pdbx_initial_refinement_model.details          'First FNIII domain Ihog    and    PDB Entry: 1FNF domain 7' 
# 
